data_6E1P
#
_entry.id   6E1P
#
_cell.length_a   1
_cell.length_b   1
_cell.length_c   1
_cell.angle_alpha   90.00
_cell.angle_beta   90.00
_cell.angle_gamma   90.00
#
_symmetry.space_group_name_H-M   'P 1'
#
loop_
_entity.id
_entity.type
_entity.pdbx_description
1 polymer 'Two pore calcium channel protein 1'
2 non-polymer 'CALCIUM ION'
3 non-polymer 'PALMITIC ACID'
4 water water
#
_entity_poly.entity_id   1
_entity_poly.type   'polypeptide(L)'
_entity_poly.pdbx_seq_one_letter_code
;MGGGGTDRVRR(SEP)EAI(TPO)HG(TPO)PFQKAAALVDLAEDGIGLPVEILDQSSFGESARYYFIFTRLDLIWSLNY
FALLFLNFFEQPLWCEKNPKPSCKDRDYYYLGELPYLTNAESIIYEVITLAILLVHTFFPISYEGSRIFWTSRLNLVKVA
CVVILFVDVLVDFLYLSPLAFDFLPFRIAPYVRVIIFILSIRELRDTLVLLSGMLGTYLNILALWMLFLLFASWIAFVMF
ENTQQGLTVFTSYGATLYQMFILFTTSNNPDVWIPAYKSSRWSSVFFVLYVLIGVYFVTNLILAVVYDSFKEQLAKQVSG
MDQMKRRMLEKAFGLIDSDKNGEIDKNQCIKLFEQLTNYRTLPKISKEEFGLIFDELDDTRDFKINKDEFADLCQAIALR
FQKEEVPSLFEHFPQIYHSALSQQLRAFVRSPNFGYAISFILIINFIAVVVETTLNIEESSAQKPWQVAEFVFGWIYVLE
MALKIYTYGFENYWREGANRFDFLVTWVIVIGETATFITPDENTFFSNGQWIRYLLLARMLRLIRLLMNVQRYRAFIATF
ITLIPSLMPYLGTIFCVLCIYCSIGVQVFGGLVNAGNKKLFETELAEDDYLLFNFNDYPNGMVTLFNLLVMGNWQVWMES
YKDLTGTWWSITYFVSFYVITILLLLNLVVAFVLEAFFTELDLEEEEKCQGQDSQEKRNRRRSAGSKSRSQRVDTLLHHM
LGDELSKPECSTSDTLVPR
;
_entity_poly.pdbx_strand_id   A,B
#
loop_
_chem_comp.id
_chem_comp.type
_chem_comp.name
_chem_comp.formula
CA non-polymer 'CALCIUM ION' 'Ca 2'
PLM non-polymer 'PALMITIC ACID' 'C16 H32 O2'
#
# COMPACT_ATOMS: atom_id res chain seq x y z
N SEP A 12 -28.22 -34.19 12.11
CA SEP A 12 -28.26 -33.39 13.33
CB SEP A 12 -29.57 -32.60 13.41
OG SEP A 12 -29.75 -32.03 14.68
C SEP A 12 -28.11 -34.27 14.56
O SEP A 12 -28.98 -34.30 15.43
P SEP A 12 -31.05 -31.07 14.70
O1P SEP A 12 -30.60 -29.57 15.10
O2P SEP A 12 -32.11 -31.62 15.77
O3P SEP A 12 -31.71 -31.04 13.24
N GLU A 13 -26.98 -34.97 14.65
CA GLU A 13 -26.69 -35.84 15.78
C GLU A 13 -26.24 -35.05 17.00
N ALA A 14 -25.86 -35.75 18.06
CA ALA A 14 -25.48 -35.10 19.30
C ALA A 14 -24.05 -34.55 19.22
N ILE A 15 -23.68 -33.79 20.23
CA ILE A 15 -22.32 -33.27 20.34
C ILE A 15 -21.67 -33.96 21.54
N TPO A 16 -22.50 -34.26 22.54
CA TPO A 16 -22.13 -35.16 23.64
CB TPO A 16 -23.14 -35.04 24.81
CG2 TPO A 16 -24.53 -34.66 24.29
OG1 TPO A 16 -23.19 -36.24 25.61
P TPO A 16 -23.44 -35.78 27.14
O1P TPO A 16 -22.77 -34.34 27.38
O2P TPO A 16 -22.77 -36.86 28.12
O3P TPO A 16 -24.89 -35.69 27.42
C TPO A 16 -22.07 -36.57 23.06
O TPO A 16 -23.06 -37.30 23.01
N HIS A 17 -20.89 -36.92 22.57
CA HIS A 17 -20.79 -37.93 21.55
C HIS A 17 -19.50 -38.72 21.65
N GLY A 18 -18.50 -38.11 22.27
CA GLY A 18 -17.26 -38.80 22.56
C GLY A 18 -17.29 -39.36 23.96
N TPO A 19 -18.50 -39.39 24.53
CA TPO A 19 -18.74 -39.98 25.85
CB TPO A 19 -19.40 -38.93 26.81
CG2 TPO A 19 -19.60 -37.59 26.10
OG1 TPO A 19 -20.71 -39.39 27.13
P TPO A 19 -20.98 -39.29 28.71
O1P TPO A 19 -21.21 -37.87 29.07
O2P TPO A 19 -22.29 -40.15 29.07
O3P TPO A 19 -19.71 -39.86 29.52
C TPO A 19 -19.57 -41.27 25.78
O TPO A 19 -19.45 -42.11 26.66
N PRO A 20 -20.44 -41.41 24.76
CA PRO A 20 -20.68 -42.83 24.42
C PRO A 20 -19.42 -43.47 23.84
N PHE A 21 -18.75 -42.76 22.92
CA PHE A 21 -17.36 -43.00 22.56
C PHE A 21 -17.15 -44.35 21.86
N GLN A 22 -18.06 -44.69 20.95
CA GLN A 22 -17.84 -45.89 20.16
C GLN A 22 -16.80 -45.61 19.09
N LYS A 23 -16.20 -46.68 18.57
CA LYS A 23 -15.41 -46.56 17.35
C LYS A 23 -16.29 -46.14 16.18
N ALA A 24 -17.54 -46.61 16.17
CA ALA A 24 -18.50 -46.14 15.20
C ALA A 24 -18.94 -44.71 15.51
N ALA A 25 -19.31 -44.45 16.76
CA ALA A 25 -19.96 -43.18 17.07
C ALA A 25 -18.97 -42.03 17.15
N ALA A 26 -17.89 -42.17 17.94
CA ALA A 26 -17.09 -41.00 18.29
C ALA A 26 -16.20 -40.54 17.15
N LEU A 27 -16.24 -41.23 16.01
CA LEU A 27 -15.55 -40.76 14.82
C LEU A 27 -16.08 -39.42 14.35
N VAL A 28 -17.39 -39.29 14.19
CA VAL A 28 -17.94 -38.17 13.44
C VAL A 28 -17.88 -36.89 14.26
N ASP A 29 -17.71 -37.03 15.57
CA ASP A 29 -17.40 -35.87 16.40
C ASP A 29 -16.00 -35.37 16.09
N LEU A 30 -15.07 -36.29 15.85
CA LEU A 30 -13.74 -35.89 15.41
C LEU A 30 -13.79 -35.37 13.98
N ALA A 31 -14.66 -35.97 13.17
CA ALA A 31 -14.84 -35.47 11.81
C ALA A 31 -15.54 -34.12 11.83
N GLU A 32 -16.33 -33.85 12.86
CA GLU A 32 -16.86 -32.51 13.07
C GLU A 32 -15.73 -31.55 13.40
N ASP A 33 -14.69 -32.04 14.08
CA ASP A 33 -13.63 -31.16 14.55
C ASP A 33 -12.68 -30.78 13.42
N GLY A 34 -12.80 -31.42 12.27
CA GLY A 34 -12.02 -30.99 11.12
C GLY A 34 -12.73 -29.93 10.31
N ILE A 35 -14.06 -29.95 10.34
CA ILE A 35 -14.84 -29.14 9.39
C ILE A 35 -14.92 -27.70 9.86
N GLY A 36 -15.45 -27.46 11.06
CA GLY A 36 -15.41 -26.12 11.62
C GLY A 36 -14.03 -25.77 12.14
N LEU A 37 -13.17 -26.78 12.28
CA LEU A 37 -11.82 -26.75 12.84
C LEU A 37 -11.71 -26.05 14.19
N PRO A 38 -12.25 -26.60 15.29
CA PRO A 38 -11.77 -26.17 16.61
C PRO A 38 -10.66 -27.08 17.12
N VAL A 39 -9.73 -26.50 17.86
CA VAL A 39 -8.69 -27.32 18.47
C VAL A 39 -9.25 -28.02 19.69
N GLU A 40 -8.65 -29.13 20.05
CA GLU A 40 -8.70 -29.60 21.42
C GLU A 40 -7.29 -29.76 21.94
N ILE A 41 -7.18 -29.76 23.27
CA ILE A 41 -5.87 -29.74 23.92
C ILE A 41 -5.14 -31.04 23.67
N LEU A 42 -3.81 -30.96 23.66
CA LEU A 42 -3.01 -32.14 23.39
C LEU A 42 -3.10 -33.15 24.51
N ASP A 43 -3.40 -32.68 25.72
CA ASP A 43 -3.77 -33.59 26.80
C ASP A 43 -5.05 -34.35 26.46
N GLN A 44 -6.04 -33.64 25.91
CA GLN A 44 -7.26 -34.32 25.48
C GLN A 44 -7.05 -35.05 24.16
N SER A 45 -6.04 -34.63 23.39
CA SER A 45 -5.79 -35.28 22.11
C SER A 45 -5.08 -36.61 22.32
N SER A 46 -4.26 -36.71 23.36
CA SER A 46 -3.50 -37.95 23.59
C SER A 46 -4.41 -39.06 24.08
N PHE A 47 -5.07 -38.86 25.22
CA PHE A 47 -5.98 -39.86 25.75
C PHE A 47 -7.07 -39.13 26.54
N GLY A 48 -7.82 -39.90 27.30
CA GLY A 48 -8.88 -39.35 28.11
C GLY A 48 -10.14 -39.12 27.31
N GLU A 49 -11.25 -39.59 27.85
CA GLU A 49 -12.52 -39.55 27.14
C GLU A 49 -13.61 -39.04 28.06
N SER A 50 -14.83 -39.01 27.53
CA SER A 50 -16.02 -38.65 28.31
C SER A 50 -16.43 -39.76 29.25
N ALA A 51 -15.93 -40.97 29.04
CA ALA A 51 -15.96 -41.97 30.09
C ALA A 51 -14.99 -41.60 31.22
N ARG A 52 -13.87 -40.95 30.87
CA ARG A 52 -12.88 -40.56 31.87
C ARG A 52 -13.20 -39.18 32.44
N TYR A 53 -14.30 -38.57 31.98
CA TYR A 53 -14.93 -37.31 32.41
C TYR A 53 -14.15 -36.07 32.01
N TYR A 54 -12.92 -36.20 31.51
CA TYR A 54 -12.15 -35.00 31.18
C TYR A 54 -12.64 -34.37 29.89
N PHE A 55 -13.10 -35.19 28.95
CA PHE A 55 -13.66 -34.70 27.71
C PHE A 55 -15.00 -34.03 27.93
N ILE A 56 -15.69 -34.38 29.02
CA ILE A 56 -16.92 -33.68 29.39
C ILE A 56 -16.61 -32.25 29.79
N PHE A 57 -15.51 -32.04 30.51
CA PHE A 57 -15.16 -30.69 30.92
C PHE A 57 -14.63 -29.87 29.75
N THR A 58 -14.15 -30.54 28.70
CA THR A 58 -13.77 -29.83 27.49
C THR A 58 -14.97 -29.16 26.84
N ARG A 59 -16.05 -29.92 26.63
CA ARG A 59 -17.25 -29.34 26.07
C ARG A 59 -18.00 -28.51 27.10
N LEU A 60 -17.71 -28.71 28.38
CA LEU A 60 -18.27 -27.83 29.40
C LEU A 60 -17.63 -26.46 29.33
N ASP A 61 -16.36 -26.40 28.92
CA ASP A 61 -15.67 -25.12 28.76
C ASP A 61 -16.33 -24.30 27.65
N LEU A 62 -16.69 -24.95 26.56
CA LEU A 62 -17.22 -24.22 25.41
C LEU A 62 -18.69 -23.84 25.61
N ILE A 63 -19.32 -24.34 26.66
CA ILE A 63 -20.64 -23.83 27.04
C ILE A 63 -20.50 -22.42 27.58
N TRP A 64 -19.55 -22.20 28.48
CA TRP A 64 -19.36 -20.91 29.13
C TRP A 64 -18.46 -19.97 28.32
N SER A 65 -18.35 -20.19 27.01
CA SER A 65 -17.52 -19.33 26.17
C SER A 65 -18.08 -17.91 26.11
N LEU A 66 -19.38 -17.80 25.88
CA LEU A 66 -20.01 -16.48 25.83
C LEU A 66 -20.05 -15.85 27.21
N ASN A 67 -20.00 -16.67 28.27
CA ASN A 67 -19.81 -16.12 29.60
C ASN A 67 -18.43 -15.49 29.73
N TYR A 68 -17.43 -16.09 29.08
CA TYR A 68 -16.07 -15.62 29.23
C TYR A 68 -15.83 -14.35 28.42
N PHE A 69 -16.32 -14.31 27.19
CA PHE A 69 -16.11 -13.12 26.37
C PHE A 69 -16.98 -11.97 26.86
N ALA A 70 -18.07 -12.29 27.57
CA ALA A 70 -18.79 -11.24 28.27
C ALA A 70 -17.95 -10.70 29.42
N LEU A 71 -17.07 -11.53 29.99
CA LEU A 71 -16.21 -11.04 31.05
C LEU A 71 -15.03 -10.28 30.48
N LEU A 72 -14.50 -10.72 29.34
CA LEU A 72 -13.24 -10.16 28.87
C LEU A 72 -13.42 -8.72 28.43
N PHE A 73 -14.57 -8.38 27.89
CA PHE A 73 -14.85 -6.98 27.62
C PHE A 73 -15.33 -6.26 28.87
N LEU A 74 -15.86 -7.00 29.85
CA LEU A 74 -16.25 -6.38 31.11
C LEU A 74 -15.03 -5.94 31.88
N ASN A 75 -13.98 -6.76 31.85
CA ASN A 75 -12.73 -6.39 32.48
C ASN A 75 -12.05 -5.27 31.71
N PHE A 76 -12.22 -5.28 30.39
CA PHE A 76 -11.45 -4.39 29.55
C PHE A 76 -12.01 -2.98 29.62
N PHE A 77 -13.32 -2.85 29.82
CA PHE A 77 -13.95 -1.54 29.73
C PHE A 77 -13.92 -0.84 31.07
N GLU A 78 -13.27 -1.44 32.06
CA GLU A 78 -13.12 -0.76 33.33
C GLU A 78 -12.13 0.40 33.22
N GLN A 79 -11.19 0.26 32.31
CA GLN A 79 -10.14 1.23 32.10
C GLN A 79 -10.64 2.61 31.66
N PRO A 80 -11.72 2.74 30.87
CA PRO A 80 -12.32 4.07 30.79
C PRO A 80 -13.01 4.47 32.08
N LEU A 81 -13.63 3.51 32.76
CA LEU A 81 -14.50 3.85 33.87
C LEU A 81 -13.73 4.08 35.16
N TRP A 82 -12.53 3.50 35.27
CA TRP A 82 -11.66 3.84 36.37
C TRP A 82 -11.16 5.27 36.20
N CYS A 83 -10.75 5.89 37.32
CA CYS A 83 -10.54 7.32 37.32
C CYS A 83 -9.18 7.68 36.74
N GLU A 84 -8.80 8.94 36.92
CA GLU A 84 -7.49 9.43 36.53
C GLU A 84 -6.43 8.84 37.46
N LYS A 85 -5.15 8.96 37.05
CA LYS A 85 -4.06 8.59 37.94
C LYS A 85 -4.00 9.49 39.15
N ASN A 86 -4.27 10.78 38.98
CA ASN A 86 -4.23 11.74 40.08
C ASN A 86 -5.53 12.52 40.22
N PRO A 87 -6.60 11.91 40.74
CA PRO A 87 -7.75 12.71 41.15
C PRO A 87 -7.46 13.50 42.43
N LYS A 88 -7.00 12.81 43.46
CA LYS A 88 -6.84 13.36 44.79
C LYS A 88 -5.61 14.27 44.99
N PRO A 89 -4.44 14.03 44.37
CA PRO A 89 -3.42 15.08 44.41
C PRO A 89 -3.80 16.34 43.67
N SER A 90 -4.74 16.26 42.73
CA SER A 90 -5.09 17.40 41.89
C SER A 90 -6.04 18.35 42.59
N CYS A 91 -5.78 19.65 42.45
CA CYS A 91 -6.69 20.66 42.94
C CYS A 91 -7.74 20.98 41.89
N LYS A 92 -8.90 21.46 42.37
CA LYS A 92 -10.13 21.61 41.60
C LYS A 92 -10.50 20.30 40.92
N ASP A 93 -10.76 19.27 41.73
CA ASP A 93 -10.85 17.92 41.22
C ASP A 93 -12.19 17.66 40.52
N ARG A 94 -13.29 18.13 41.11
CA ARG A 94 -14.61 17.77 40.59
C ARG A 94 -14.99 18.60 39.38
N ASP A 95 -14.27 19.70 39.13
CA ASP A 95 -14.52 20.51 37.95
C ASP A 95 -14.00 19.79 36.71
N TYR A 96 -14.49 20.22 35.55
CA TYR A 96 -14.01 19.71 34.28
C TYR A 96 -13.29 20.81 33.54
N TYR A 97 -11.97 20.71 33.50
CA TYR A 97 -11.12 21.54 32.67
C TYR A 97 -10.62 20.66 31.52
N TYR A 98 -11.46 20.56 30.49
CA TYR A 98 -11.24 19.78 29.26
C TYR A 98 -11.08 18.30 29.56
N LEU A 99 -11.85 17.82 30.52
CA LEU A 99 -11.88 16.41 30.87
C LEU A 99 -13.03 15.75 30.14
N GLY A 100 -13.27 14.49 30.49
CA GLY A 100 -14.10 13.64 29.66
C GLY A 100 -15.58 13.80 29.96
N GLU A 101 -16.33 12.73 29.66
CA GLU A 101 -17.78 12.74 29.89
C GLU A 101 -18.17 11.73 30.96
N LEU A 102 -17.43 10.63 31.06
CA LEU A 102 -17.86 9.47 31.81
C LEU A 102 -17.90 9.74 33.31
N PRO A 103 -18.76 9.05 34.04
CA PRO A 103 -18.64 9.06 35.50
C PRO A 103 -17.54 8.13 35.93
N TYR A 104 -16.63 8.64 36.76
CA TYR A 104 -15.57 7.80 37.27
C TYR A 104 -16.06 7.05 38.49
N LEU A 105 -15.77 5.76 38.53
CA LEU A 105 -16.39 4.91 39.53
C LEU A 105 -15.80 5.17 40.92
N THR A 106 -16.70 5.26 41.91
CA THR A 106 -16.26 5.43 43.28
C THR A 106 -15.61 4.15 43.80
N ASN A 107 -14.74 4.33 44.80
CA ASN A 107 -13.84 3.26 45.21
C ASN A 107 -14.59 2.11 45.86
N ALA A 108 -15.71 2.41 46.51
CA ALA A 108 -16.56 1.34 47.02
C ALA A 108 -17.25 0.61 45.87
N GLU A 109 -17.73 1.34 44.87
CA GLU A 109 -18.41 0.71 43.75
C GLU A 109 -17.41 0.09 42.78
N SER A 110 -16.14 0.48 42.88
CA SER A 110 -15.12 -0.03 41.97
C SER A 110 -14.88 -1.51 42.20
N ILE A 111 -14.80 -1.91 43.46
CA ILE A 111 -14.31 -3.23 43.81
C ILE A 111 -15.37 -4.28 43.55
N ILE A 112 -16.64 -3.87 43.59
CA ILE A 112 -17.74 -4.75 43.20
C ILE A 112 -17.58 -5.17 41.75
N TYR A 113 -17.14 -4.23 40.91
CA TYR A 113 -16.97 -4.52 39.50
C TYR A 113 -15.70 -5.34 39.26
N GLU A 114 -14.83 -5.44 40.26
CA GLU A 114 -13.56 -6.13 40.07
C GLU A 114 -13.59 -7.53 40.68
N VAL A 115 -14.21 -7.68 41.85
CA VAL A 115 -14.24 -8.98 42.51
C VAL A 115 -15.11 -9.94 41.73
N ILE A 116 -16.22 -9.43 41.20
CA ILE A 116 -17.05 -10.21 40.28
C ILE A 116 -16.27 -10.54 39.02
N THR A 117 -15.43 -9.60 38.56
CA THR A 117 -14.60 -9.82 37.39
C THR A 117 -13.56 -10.90 37.65
N LEU A 118 -12.87 -10.81 38.78
CA LEU A 118 -11.77 -11.74 39.05
C LEU A 118 -12.27 -13.15 39.32
N ALA A 119 -13.44 -13.28 39.94
CA ALA A 119 -13.94 -14.60 40.31
C ALA A 119 -14.23 -15.44 39.08
N ILE A 120 -14.62 -14.79 37.99
CA ILE A 120 -14.81 -15.49 36.73
C ILE A 120 -13.46 -15.88 36.13
N LEU A 121 -12.46 -15.02 36.30
CA LEU A 121 -11.12 -15.35 35.84
C LEU A 121 -10.55 -16.54 36.61
N LEU A 122 -10.78 -16.56 37.91
CA LEU A 122 -10.34 -17.67 38.75
C LEU A 122 -11.06 -18.96 38.35
N VAL A 123 -12.29 -18.84 37.86
CA VAL A 123 -12.87 -19.97 37.16
C VAL A 123 -12.16 -20.20 35.84
N HIS A 124 -12.02 -19.14 35.04
CA HIS A 124 -11.56 -19.29 33.66
C HIS A 124 -10.11 -19.73 33.58
N THR A 125 -9.28 -19.28 34.51
CA THR A 125 -7.88 -19.67 34.45
C THR A 125 -7.70 -21.07 34.99
N PHE A 126 -8.45 -21.43 36.03
CA PHE A 126 -8.29 -22.73 36.65
C PHE A 126 -9.32 -23.74 36.19
N PHE A 127 -10.12 -23.42 35.19
CA PHE A 127 -10.94 -24.45 34.56
C PHE A 127 -10.14 -25.53 33.83
N PRO A 128 -8.98 -25.27 33.19
CA PRO A 128 -8.20 -26.41 32.67
C PRO A 128 -7.52 -27.28 33.73
N ILE A 129 -7.74 -27.04 35.02
CA ILE A 129 -7.45 -28.09 35.99
C ILE A 129 -8.34 -29.30 35.73
N SER A 130 -9.58 -29.06 35.30
CA SER A 130 -10.57 -30.14 35.20
C SER A 130 -10.26 -31.11 34.07
N TYR A 131 -9.42 -30.72 33.11
CA TYR A 131 -9.08 -31.62 32.02
C TYR A 131 -7.61 -31.53 31.63
N GLU A 132 -6.77 -30.94 32.47
CA GLU A 132 -5.32 -31.14 32.41
C GLU A 132 -4.78 -31.41 33.81
N GLY A 133 -3.77 -32.27 33.86
CA GLY A 133 -3.15 -32.57 35.14
C GLY A 133 -2.40 -31.37 35.67
N SER A 134 -2.35 -31.28 37.01
CA SER A 134 -1.75 -30.12 37.66
C SER A 134 -0.25 -30.03 37.39
N ARG A 135 0.41 -31.17 37.26
CA ARG A 135 1.82 -31.15 36.89
C ARG A 135 1.99 -30.91 35.40
N ILE A 136 0.90 -30.91 34.64
CA ILE A 136 0.94 -30.56 33.23
C ILE A 136 0.47 -29.13 33.03
N PHE A 137 -0.58 -28.74 33.77
CA PHE A 137 -1.17 -27.40 33.68
C PHE A 137 -0.16 -26.32 34.04
N TRP A 138 0.71 -26.59 34.99
CA TRP A 138 1.72 -25.62 35.38
C TRP A 138 2.99 -25.76 34.55
N THR A 139 2.90 -26.40 33.39
CA THR A 139 4.11 -26.69 32.63
C THR A 139 4.06 -26.05 31.24
N SER A 140 2.86 -25.74 30.75
CA SER A 140 2.68 -25.43 29.33
C SER A 140 3.10 -24.00 28.98
N ARG A 141 3.49 -23.21 29.98
CA ARG A 141 4.11 -21.88 29.97
C ARG A 141 3.29 -20.80 29.27
N LEU A 142 2.14 -21.12 28.67
CA LEU A 142 1.15 -20.10 28.39
C LEU A 142 0.41 -19.74 29.67
N ASN A 143 0.05 -20.76 30.45
CA ASN A 143 -0.68 -20.56 31.68
C ASN A 143 0.18 -19.84 32.69
N LEU A 144 1.48 -20.12 32.69
CA LEU A 144 2.40 -19.57 33.69
C LEU A 144 2.53 -18.07 33.53
N VAL A 145 2.35 -17.56 32.32
CA VAL A 145 2.15 -16.14 32.15
C VAL A 145 0.80 -15.75 32.73
N LYS A 146 -0.24 -16.46 32.32
CA LYS A 146 -1.61 -16.00 32.54
C LYS A 146 -2.02 -16.12 34.00
N VAL A 147 -1.54 -17.17 34.68
CA VAL A 147 -1.82 -17.33 36.11
C VAL A 147 -1.19 -16.20 36.90
N ALA A 148 0.02 -15.80 36.52
CA ALA A 148 0.72 -14.74 37.25
C ALA A 148 0.03 -13.40 37.06
N CYS A 149 -0.61 -13.21 35.90
CA CYS A 149 -1.33 -11.97 35.66
C CYS A 149 -2.55 -11.84 36.57
N VAL A 150 -3.14 -12.98 36.93
CA VAL A 150 -4.27 -12.98 37.85
C VAL A 150 -3.83 -12.55 39.23
N VAL A 151 -2.64 -12.98 39.64
CA VAL A 151 -2.08 -12.66 40.95
C VAL A 151 -1.87 -11.16 41.08
N ILE A 152 -1.53 -10.50 39.99
CA ILE A 152 -1.22 -9.06 40.03
C ILE A 152 -2.50 -8.27 40.29
N LEU A 153 -3.61 -8.69 39.68
CA LEU A 153 -4.89 -8.07 40.01
C LEU A 153 -5.32 -8.43 41.42
N PHE A 154 -4.99 -9.65 41.85
CA PHE A 154 -5.33 -10.09 43.19
C PHE A 154 -4.57 -9.28 44.24
N VAL A 155 -3.42 -8.74 43.86
CA VAL A 155 -2.75 -7.76 44.70
C VAL A 155 -3.58 -6.49 44.82
N ASP A 156 -4.09 -5.99 43.70
CA ASP A 156 -4.69 -4.65 43.69
C ASP A 156 -6.03 -4.63 44.40
N VAL A 157 -6.64 -5.79 44.61
CA VAL A 157 -7.83 -5.85 45.43
C VAL A 157 -7.46 -5.72 46.90
N LEU A 158 -6.28 -6.21 47.28
CA LEU A 158 -5.80 -6.01 48.64
C LEU A 158 -5.42 -4.56 48.89
N VAL A 159 -5.08 -3.83 47.84
CA VAL A 159 -4.68 -2.42 47.92
C VAL A 159 -5.91 -1.57 48.25
N ASP A 160 -7.11 -2.10 47.96
CA ASP A 160 -8.33 -1.46 48.40
C ASP A 160 -8.42 -1.37 49.93
N PHE A 161 -8.04 -2.45 50.62
CA PHE A 161 -8.13 -2.41 52.09
C PHE A 161 -7.06 -1.49 52.66
N LEU A 162 -5.97 -1.28 51.92
CA LEU A 162 -5.01 -0.25 52.31
C LEU A 162 -5.48 1.13 51.89
N TYR A 163 -6.43 1.19 50.95
CA TYR A 163 -7.02 2.43 50.39
C TYR A 163 -5.98 3.40 49.81
N PRO A 173 3.19 1.37 43.29
CA PRO A 173 3.81 2.70 43.23
C PRO A 173 3.01 3.68 42.37
N PHE A 174 2.68 3.28 41.14
CA PHE A 174 1.81 4.04 40.27
C PHE A 174 0.59 3.24 39.81
N ARG A 175 0.20 2.22 40.58
CA ARG A 175 -1.00 1.40 40.37
C ARG A 175 -1.01 0.73 38.99
N ILE A 176 -0.07 -0.19 38.79
CA ILE A 176 0.00 -0.85 37.50
C ILE A 176 -0.95 -2.05 37.53
N ALA A 177 -2.24 -1.75 37.50
CA ALA A 177 -3.33 -2.64 37.14
C ALA A 177 -3.68 -2.66 35.65
N PRO A 178 -3.87 -1.53 34.95
CA PRO A 178 -4.59 -1.64 33.67
C PRO A 178 -3.74 -2.13 32.52
N TYR A 179 -2.42 -2.17 32.67
CA TYR A 179 -1.61 -2.75 31.60
C TYR A 179 -1.84 -4.24 31.56
N VAL A 180 -2.00 -4.85 32.72
CA VAL A 180 -2.16 -6.29 32.83
C VAL A 180 -3.48 -6.72 32.24
N ARG A 181 -4.51 -5.91 32.46
CA ARG A 181 -5.87 -6.24 31.99
C ARG A 181 -5.91 -6.38 30.48
N VAL A 182 -5.12 -5.58 29.79
CA VAL A 182 -4.99 -5.73 28.34
C VAL A 182 -4.32 -7.04 28.01
N ILE A 183 -3.23 -7.35 28.72
CA ILE A 183 -2.45 -8.55 28.45
C ILE A 183 -3.27 -9.79 28.77
N ILE A 184 -4.11 -9.71 29.80
CA ILE A 184 -5.09 -10.76 30.04
C ILE A 184 -6.06 -10.85 28.88
N PHE A 185 -6.48 -9.71 28.37
CA PHE A 185 -7.46 -9.69 27.29
C PHE A 185 -6.85 -10.14 25.98
N ILE A 186 -5.54 -9.92 25.80
CA ILE A 186 -4.91 -10.34 24.56
C ILE A 186 -4.76 -11.85 24.53
N LEU A 187 -4.26 -12.42 25.62
CA LEU A 187 -3.86 -13.83 25.60
C LEU A 187 -5.07 -14.75 25.64
N SER A 188 -6.12 -14.33 26.36
CA SER A 188 -7.28 -15.19 26.58
C SER A 188 -7.98 -15.48 25.27
N ILE A 189 -8.06 -14.49 24.39
CA ILE A 189 -8.72 -14.69 23.12
C ILE A 189 -7.81 -15.48 22.19
N ARG A 190 -8.39 -16.48 21.55
CA ARG A 190 -7.61 -17.33 20.66
C ARG A 190 -7.17 -16.59 19.41
N GLU A 191 -8.00 -15.63 18.94
CA GLU A 191 -7.65 -14.92 17.72
C GLU A 191 -6.49 -13.97 17.93
N LEU A 192 -6.50 -13.21 19.04
CA LEU A 192 -5.49 -12.19 19.25
C LEU A 192 -4.14 -12.80 19.56
N ARG A 193 -4.14 -13.97 20.20
CA ARG A 193 -2.89 -14.70 20.38
C ARG A 193 -2.37 -15.20 19.05
N ASP A 194 -3.27 -15.64 18.18
CA ASP A 194 -2.86 -16.07 16.85
C ASP A 194 -2.35 -14.91 16.02
N THR A 195 -2.88 -13.71 16.27
CA THR A 195 -2.26 -12.52 15.70
C THR A 195 -0.89 -12.29 16.29
N LEU A 196 -0.75 -12.54 17.59
CA LEU A 196 0.43 -12.08 18.30
C LEU A 196 1.63 -12.98 18.01
N VAL A 197 1.38 -14.18 17.51
CA VAL A 197 2.45 -15.01 16.99
C VAL A 197 3.05 -14.37 15.75
N LEU A 198 2.19 -13.77 14.92
CA LEU A 198 2.65 -13.19 13.67
C LEU A 198 3.45 -11.92 13.91
N LEU A 199 3.34 -11.34 15.11
CA LEU A 199 4.24 -10.25 15.43
C LEU A 199 5.62 -10.76 15.77
N SER A 200 5.73 -11.59 16.80
CA SER A 200 7.03 -12.00 17.32
C SER A 200 7.76 -12.90 16.32
N GLY A 201 7.01 -13.60 15.48
CA GLY A 201 7.63 -14.37 14.41
C GLY A 201 8.16 -13.49 13.30
N MET A 202 7.76 -12.22 13.28
CA MET A 202 8.12 -11.35 12.18
C MET A 202 8.89 -10.13 12.67
N LEU A 203 8.89 -9.91 13.98
CA LEU A 203 9.43 -8.67 14.53
C LEU A 203 10.95 -8.59 14.37
N GLY A 204 11.59 -9.74 14.16
CA GLY A 204 12.99 -9.72 13.80
C GLY A 204 13.24 -9.14 12.42
N THR A 205 12.22 -9.17 11.57
CA THR A 205 12.38 -8.62 10.23
C THR A 205 12.06 -7.13 10.22
N TYR A 206 11.12 -6.72 11.07
CA TYR A 206 10.72 -5.33 11.05
C TYR A 206 11.78 -4.44 11.68
N LEU A 207 12.29 -4.82 12.85
CA LEU A 207 13.34 -4.02 13.47
C LEU A 207 14.62 -4.09 12.66
N ASN A 208 14.79 -5.16 11.89
CA ASN A 208 15.87 -5.21 10.92
C ASN A 208 15.76 -4.06 9.93
N ILE A 209 14.56 -3.84 9.40
CA ILE A 209 14.42 -2.84 8.36
C ILE A 209 14.23 -1.47 8.97
N LEU A 210 13.99 -1.44 10.28
CA LEU A 210 13.85 -0.15 10.95
C LEU A 210 15.19 0.56 11.04
N ALA A 211 16.28 -0.20 11.11
CA ALA A 211 17.60 0.40 11.15
C ALA A 211 17.93 1.06 9.83
N LEU A 212 17.73 0.34 8.73
CA LEU A 212 18.00 0.87 7.41
C LEU A 212 17.03 1.99 7.06
N TRP A 213 15.86 1.96 7.67
CA TRP A 213 15.01 3.14 7.67
C TRP A 213 15.65 4.29 8.42
N MET A 214 16.17 4.01 9.61
CA MET A 214 16.66 5.07 10.48
C MET A 214 17.91 5.70 9.90
N LEU A 215 18.65 4.92 9.11
CA LEU A 215 19.80 5.43 8.40
C LEU A 215 19.40 6.50 7.40
N PHE A 216 18.37 6.24 6.61
CA PHE A 216 18.00 7.22 5.60
C PHE A 216 17.09 8.29 6.16
N LEU A 217 16.83 8.28 7.46
CA LEU A 217 16.51 9.54 8.11
C LEU A 217 17.76 10.32 8.44
N LEU A 218 18.69 9.68 9.14
CA LEU A 218 19.82 10.38 9.76
C LEU A 218 20.69 11.03 8.73
N PHE A 219 21.02 10.29 7.67
CA PHE A 219 21.78 10.85 6.58
C PHE A 219 21.02 11.97 5.87
N ALA A 220 19.72 11.80 5.69
CA ALA A 220 18.94 12.87 5.06
C ALA A 220 18.63 13.97 6.06
N SER A 221 18.65 13.67 7.35
CA SER A 221 18.57 14.73 8.33
C SER A 221 19.85 15.53 8.34
N TRP A 222 20.95 14.85 8.05
CA TRP A 222 22.26 15.45 8.21
C TRP A 222 22.53 16.48 7.14
N ILE A 223 22.17 16.17 5.91
CA ILE A 223 22.49 17.05 4.79
C ILE A 223 21.69 18.33 4.88
N ALA A 224 20.46 18.24 5.36
CA ALA A 224 19.65 19.44 5.56
C ALA A 224 20.23 20.31 6.66
N PHE A 225 20.94 19.71 7.60
CA PHE A 225 21.67 20.50 8.57
C PHE A 225 22.97 21.02 7.97
N VAL A 226 23.56 20.25 7.07
CA VAL A 226 24.76 20.68 6.38
C VAL A 226 24.44 21.84 5.44
N MET A 227 23.43 21.64 4.59
CA MET A 227 23.04 22.61 3.56
C MET A 227 22.68 23.95 4.16
N PHE A 228 21.89 23.94 5.21
CA PHE A 228 21.16 25.13 5.59
C PHE A 228 21.66 25.75 6.87
N GLU A 229 22.95 25.62 7.16
CA GLU A 229 23.44 26.17 8.41
C GLU A 229 23.55 27.68 8.35
N ASN A 230 24.21 28.20 7.32
CA ASN A 230 24.49 29.62 7.32
C ASN A 230 23.30 30.46 6.87
N THR A 231 22.30 29.85 6.23
CA THR A 231 21.18 30.62 5.70
C THR A 231 20.16 30.97 6.78
N GLN A 232 19.00 31.46 6.33
CA GLN A 232 17.92 31.81 7.25
C GLN A 232 17.30 30.57 7.88
N GLN A 233 17.44 29.42 7.23
CA GLN A 233 16.79 28.19 7.69
C GLN A 233 17.35 27.73 9.02
N GLY A 234 18.67 27.60 9.11
CA GLY A 234 19.27 27.19 10.38
C GLY A 234 19.13 28.24 11.45
N LEU A 235 19.00 29.50 11.04
CA LEU A 235 18.64 30.55 11.98
C LEU A 235 17.24 30.34 12.53
N THR A 236 16.32 29.87 11.69
CA THR A 236 14.93 29.87 12.09
C THR A 236 14.51 28.53 12.68
N VAL A 237 14.63 27.45 11.91
CA VAL A 237 14.12 26.16 12.36
C VAL A 237 15.27 25.22 12.69
N PHE A 238 16.19 25.02 11.76
CA PHE A 238 17.21 23.99 11.89
C PHE A 238 18.38 24.46 12.75
N THR A 239 18.07 24.81 13.99
CA THR A 239 19.09 25.35 14.88
C THR A 239 20.09 24.28 15.26
N SER A 240 19.66 23.30 16.02
CA SER A 240 20.50 22.17 16.34
C SER A 240 20.55 21.25 15.14
N TYR A 241 21.47 20.30 15.17
CA TYR A 241 21.31 19.12 14.35
C TYR A 241 20.11 18.31 14.82
N GLY A 242 19.92 18.25 16.13
CA GLY A 242 18.78 17.51 16.66
C GLY A 242 17.46 18.18 16.35
N ALA A 243 17.50 19.46 16.01
CA ALA A 243 16.31 20.12 15.48
C ALA A 243 15.94 19.56 14.12
N THR A 244 16.93 19.11 13.35
CA THR A 244 16.59 18.62 12.02
C THR A 244 16.03 17.21 12.06
N LEU A 245 16.68 16.30 12.81
CA LEU A 245 16.18 14.94 12.93
C LEU A 245 14.79 14.92 13.53
N TYR A 246 14.50 15.89 14.39
CA TYR A 246 13.14 16.12 14.82
C TYR A 246 12.25 16.52 13.65
N GLN A 247 12.63 17.57 12.91
CA GLN A 247 11.77 18.08 11.85
C GLN A 247 11.68 17.12 10.68
N MET A 248 12.81 16.62 10.19
CA MET A 248 12.80 15.81 8.98
C MET A 248 12.16 14.45 9.23
N PHE A 249 12.01 14.06 10.48
CA PHE A 249 11.19 12.90 10.78
C PHE A 249 9.73 13.18 10.53
N ILE A 250 9.27 14.37 10.88
CA ILE A 250 7.88 14.72 10.64
C ILE A 250 7.62 14.79 9.16
N LEU A 251 8.60 15.24 8.38
CA LEU A 251 8.42 15.28 6.94
C LEU A 251 8.55 13.90 6.33
N PHE A 252 9.07 12.94 7.06
CA PHE A 252 8.94 11.57 6.58
C PHE A 252 7.50 11.13 6.65
N THR A 253 6.75 11.70 7.58
CA THR A 253 5.33 11.39 7.66
C THR A 253 4.53 12.31 6.75
N THR A 254 5.14 13.43 6.33
CA THR A 254 4.56 14.52 5.55
C THR A 254 3.31 15.11 6.15
N SER A 255 3.19 15.14 7.46
CA SER A 255 2.03 15.77 8.03
C SER A 255 2.35 17.20 8.41
N ASN A 256 3.48 17.71 7.97
CA ASN A 256 3.81 19.11 8.17
C ASN A 256 4.54 19.69 6.98
N ASN A 257 4.02 19.46 5.77
CA ASN A 257 4.89 19.50 4.60
C ASN A 257 5.38 20.89 4.22
N PRO A 258 4.57 21.91 3.91
CA PRO A 258 5.23 23.15 3.47
C PRO A 258 5.75 24.00 4.62
N ASP A 259 5.17 23.88 5.82
CA ASP A 259 5.52 24.74 6.96
C ASP A 259 6.98 24.59 7.36
N VAL A 260 7.57 23.44 7.09
CA VAL A 260 8.98 23.28 7.39
C VAL A 260 9.81 24.14 6.47
N TRP A 261 9.68 23.94 5.17
CA TRP A 261 10.66 24.48 4.27
C TRP A 261 10.22 25.75 3.56
N ILE A 262 9.27 26.49 4.13
CA ILE A 262 9.02 27.85 3.66
C ILE A 262 10.24 28.75 3.76
N PRO A 263 10.91 28.95 4.92
CA PRO A 263 11.99 29.94 4.92
C PRO A 263 13.24 29.43 4.24
N ALA A 264 13.31 28.14 3.93
CA ALA A 264 14.29 27.68 2.96
C ALA A 264 13.84 28.04 1.55
N TYR A 265 12.54 28.02 1.30
CA TYR A 265 12.06 28.31 -0.05
C TYR A 265 11.95 29.81 -0.27
N LYS A 266 11.52 30.54 0.77
CA LYS A 266 11.35 31.98 0.69
C LYS A 266 12.66 32.70 0.43
N SER A 267 13.77 32.12 0.91
CA SER A 267 15.06 32.71 0.63
C SER A 267 15.54 32.35 -0.76
N SER A 268 15.75 31.07 -1.03
CA SER A 268 16.17 30.63 -2.36
C SER A 268 15.13 29.68 -2.90
N ARG A 269 14.72 29.91 -4.14
CA ARG A 269 13.69 29.08 -4.74
C ARG A 269 14.24 27.71 -5.09
N TRP A 270 15.54 27.63 -5.38
CA TRP A 270 16.16 26.35 -5.71
C TRP A 270 16.22 25.37 -4.56
N SER A 271 15.90 25.78 -3.33
CA SER A 271 15.98 24.86 -2.22
C SER A 271 14.85 23.85 -2.24
N SER A 272 13.84 24.09 -3.07
CA SER A 272 12.73 23.15 -3.20
C SER A 272 13.19 21.85 -3.82
N VAL A 273 14.24 21.88 -4.64
CA VAL A 273 14.68 20.70 -5.36
C VAL A 273 15.27 19.68 -4.40
N PHE A 274 15.74 20.14 -3.25
CA PHE A 274 16.02 19.23 -2.16
C PHE A 274 14.76 18.54 -1.68
N PHE A 275 13.81 19.33 -1.18
CA PHE A 275 12.71 18.78 -0.40
C PHE A 275 11.78 17.93 -1.24
N VAL A 276 11.58 18.30 -2.50
CA VAL A 276 10.74 17.49 -3.34
C VAL A 276 11.46 16.22 -3.76
N LEU A 277 12.79 16.21 -3.63
CA LEU A 277 13.51 14.98 -3.86
C LEU A 277 13.48 14.11 -2.61
N TYR A 278 13.42 14.74 -1.44
CA TYR A 278 13.48 13.98 -0.20
C TYR A 278 12.20 13.21 0.04
N VAL A 279 11.05 13.82 -0.24
CA VAL A 279 9.77 13.19 0.10
C VAL A 279 9.47 12.05 -0.86
N LEU A 280 9.85 12.22 -2.14
CA LEU A 280 9.82 11.13 -3.11
C LEU A 280 10.56 9.90 -2.62
N ILE A 281 11.80 10.09 -2.18
CA ILE A 281 12.51 9.00 -1.55
C ILE A 281 11.83 8.61 -0.26
N GLY A 282 11.38 9.61 0.50
CA GLY A 282 10.76 9.40 1.79
C GLY A 282 9.48 8.62 1.72
N VAL A 283 8.45 9.20 1.12
CA VAL A 283 7.18 8.50 1.06
C VAL A 283 7.19 7.46 -0.03
N TYR A 284 7.39 7.89 -1.27
CA TYR A 284 7.07 7.06 -2.40
C TYR A 284 8.05 5.92 -2.60
N PHE A 285 9.28 6.04 -2.09
CA PHE A 285 10.22 4.95 -2.29
C PHE A 285 10.43 4.15 -1.02
N VAL A 286 10.61 4.80 0.11
CA VAL A 286 10.93 4.04 1.32
C VAL A 286 9.67 3.44 1.92
N THR A 287 8.61 4.24 2.06
CA THR A 287 7.48 3.81 2.87
C THR A 287 6.72 2.67 2.20
N ASN A 288 6.72 2.67 0.88
CA ASN A 288 6.27 1.49 0.16
C ASN A 288 7.23 0.33 0.38
N LEU A 289 8.52 0.60 0.37
CA LEU A 289 9.47 -0.49 0.55
C LEU A 289 9.47 -1.00 1.99
N ILE A 290 9.07 -0.17 2.94
CA ILE A 290 8.78 -0.71 4.25
C ILE A 290 7.56 -1.60 4.17
N LEU A 291 6.55 -1.18 3.41
CA LEU A 291 5.36 -1.98 3.25
C LEU A 291 5.63 -3.21 2.40
N ALA A 292 6.58 -3.12 1.48
CA ALA A 292 6.95 -4.28 0.68
C ALA A 292 7.58 -5.37 1.52
N VAL A 293 8.37 -4.99 2.52
CA VAL A 293 8.98 -5.98 3.39
C VAL A 293 7.94 -6.62 4.28
N VAL A 294 7.14 -5.78 4.94
CA VAL A 294 6.24 -6.24 5.98
C VAL A 294 5.12 -7.09 5.39
N TYR A 295 4.67 -6.74 4.19
CA TYR A 295 3.72 -7.59 3.49
C TYR A 295 4.36 -8.87 3.00
N ASP A 296 5.65 -8.82 2.67
CA ASP A 296 6.32 -10.05 2.25
C ASP A 296 6.66 -10.92 3.45
N SER A 297 7.02 -10.29 4.55
CA SER A 297 7.31 -11.04 5.76
C SER A 297 6.03 -11.55 6.40
N PHE A 298 4.92 -10.93 6.04
CA PHE A 298 3.62 -11.43 6.45
C PHE A 298 3.32 -12.79 5.85
N LYS A 299 3.67 -12.96 4.57
CA LYS A 299 3.33 -14.18 3.85
C LYS A 299 3.98 -15.41 4.46
N GLU A 300 5.24 -15.27 4.89
CA GLU A 300 5.92 -16.40 5.51
C GLU A 300 5.33 -16.71 6.86
N GLN A 301 5.00 -15.68 7.64
CA GLN A 301 4.42 -15.94 8.95
C GLN A 301 3.00 -16.45 8.83
N LEU A 302 2.28 -16.00 7.81
CA LEU A 302 0.92 -16.52 7.62
C LEU A 302 0.96 -17.96 7.17
N ALA A 303 1.98 -18.32 6.38
CA ALA A 303 2.15 -19.71 5.98
C ALA A 303 2.47 -20.59 7.17
N LYS A 304 3.22 -20.05 8.15
CA LYS A 304 3.53 -20.82 9.34
C LYS A 304 2.30 -21.04 10.20
N GLN A 305 1.39 -20.06 10.22
CA GLN A 305 0.17 -20.26 10.99
C GLN A 305 -0.76 -21.22 10.28
N VAL A 306 -0.80 -21.17 8.94
CA VAL A 306 -1.65 -22.08 8.20
C VAL A 306 -1.12 -23.50 8.30
N SER A 307 0.18 -23.69 8.13
CA SER A 307 0.76 -25.02 8.30
C SER A 307 0.72 -25.45 9.75
N GLY A 308 0.79 -24.50 10.68
CA GLY A 308 0.56 -24.83 12.07
C GLY A 308 -0.89 -25.19 12.34
N MET A 309 -1.78 -24.67 11.50
CA MET A 309 -3.18 -25.06 11.61
C MET A 309 -3.41 -26.42 11.00
N ASP A 310 -2.69 -26.75 9.93
CA ASP A 310 -2.98 -27.97 9.20
C ASP A 310 -2.33 -29.18 9.86
N GLN A 311 -1.23 -28.96 10.58
CA GLN A 311 -0.68 -30.03 11.41
C GLN A 311 -1.64 -30.38 12.53
N MET A 312 -2.45 -29.42 12.98
CA MET A 312 -3.49 -29.75 13.94
C MET A 312 -4.53 -30.64 13.29
N LYS A 313 -4.78 -30.43 12.00
CA LYS A 313 -5.81 -31.21 11.31
C LYS A 313 -5.40 -32.66 11.16
N ARG A 314 -4.21 -32.91 10.64
CA ARG A 314 -3.77 -34.29 10.41
C ARG A 314 -3.53 -35.01 11.74
N ARG A 315 -3.05 -34.29 12.75
CA ARG A 315 -2.85 -34.92 14.05
C ARG A 315 -4.19 -35.22 14.72
N MET A 316 -5.23 -34.47 14.38
CA MET A 316 -6.56 -34.86 14.83
C MET A 316 -7.14 -35.94 13.95
N LEU A 317 -6.71 -36.01 12.69
CA LEU A 317 -7.18 -37.12 11.86
C LEU A 317 -6.45 -38.41 12.20
N GLU A 318 -5.26 -38.30 12.77
CA GLU A 318 -4.53 -39.49 13.20
C GLU A 318 -5.25 -40.17 14.35
N LYS A 319 -5.86 -39.38 15.23
CA LYS A 319 -6.71 -39.95 16.27
C LYS A 319 -7.97 -40.54 15.63
N ALA A 320 -8.42 -39.96 14.53
CA ALA A 320 -9.60 -40.49 13.86
C ALA A 320 -9.28 -41.76 13.08
N PHE A 321 -8.10 -41.80 12.44
CA PHE A 321 -7.71 -43.00 11.71
C PHE A 321 -7.38 -44.14 12.67
N GLY A 322 -6.89 -43.79 13.87
CA GLY A 322 -6.62 -44.81 14.86
C GLY A 322 -7.87 -45.30 15.57
N LEU A 323 -8.93 -44.49 15.54
CA LEU A 323 -10.18 -44.90 16.18
C LEU A 323 -10.85 -46.00 15.38
N ILE A 324 -10.59 -46.07 14.08
CA ILE A 324 -11.24 -47.07 13.26
C ILE A 324 -10.35 -48.29 13.06
N ASP A 325 -9.07 -48.06 12.76
CA ASP A 325 -8.15 -49.14 12.41
C ASP A 325 -7.75 -49.87 13.69
N SER A 326 -8.69 -50.66 14.20
CA SER A 326 -8.46 -51.37 15.45
C SER A 326 -7.59 -52.60 15.23
N ASP A 327 -7.50 -53.07 13.99
CA ASP A 327 -6.57 -54.13 13.66
C ASP A 327 -5.13 -53.61 13.60
N LYS A 328 -4.96 -52.29 13.60
CA LYS A 328 -3.68 -51.59 13.75
C LYS A 328 -2.73 -51.86 12.59
N ASN A 329 -3.28 -52.29 11.45
CA ASN A 329 -2.48 -52.58 10.29
C ASN A 329 -2.31 -51.39 9.35
N GLY A 330 -3.08 -50.34 9.55
CA GLY A 330 -3.02 -49.18 8.68
C GLY A 330 -3.91 -49.25 7.46
N GLU A 331 -4.69 -50.31 7.30
CA GLU A 331 -5.59 -50.42 6.18
C GLU A 331 -6.99 -50.77 6.69
N ILE A 332 -7.98 -50.06 6.19
CA ILE A 332 -9.36 -50.16 6.68
C ILE A 332 -10.24 -50.57 5.50
N ASP A 333 -11.13 -51.53 5.73
CA ASP A 333 -12.11 -51.89 4.71
C ASP A 333 -13.08 -50.73 4.49
N LYS A 334 -13.57 -50.61 3.25
CA LYS A 334 -14.36 -49.45 2.88
C LYS A 334 -15.73 -49.48 3.54
N ASN A 335 -16.31 -50.67 3.67
CA ASN A 335 -17.62 -50.81 4.30
C ASN A 335 -17.58 -50.42 5.78
N GLN A 336 -16.40 -50.51 6.38
CA GLN A 336 -16.21 -49.97 7.72
C GLN A 336 -16.26 -48.45 7.70
N CYS A 337 -15.86 -47.83 6.59
CA CYS A 337 -15.87 -46.37 6.54
C CYS A 337 -17.08 -45.83 5.78
N ILE A 338 -17.69 -46.66 4.92
CA ILE A 338 -18.96 -46.30 4.32
C ILE A 338 -20.04 -46.14 5.38
N LYS A 339 -20.08 -47.08 6.33
CA LYS A 339 -21.22 -47.22 7.22
C LYS A 339 -21.35 -46.04 8.18
N LEU A 340 -20.25 -45.31 8.39
CA LEU A 340 -20.27 -44.26 9.39
C LEU A 340 -20.77 -42.95 8.81
N PHE A 341 -21.00 -42.93 7.49
CA PHE A 341 -21.40 -41.70 6.83
C PHE A 341 -22.86 -41.39 7.10
N GLU A 342 -23.66 -42.42 7.36
CA GLU A 342 -25.02 -42.19 7.82
C GLU A 342 -25.04 -41.73 9.27
N GLN A 343 -24.12 -42.27 10.08
CA GLN A 343 -23.92 -41.73 11.42
C GLN A 343 -23.32 -40.34 11.35
N LEU A 344 -22.59 -40.05 10.28
CA LEU A 344 -22.12 -38.69 10.04
C LEU A 344 -23.28 -37.75 9.72
N THR A 345 -24.42 -38.31 9.26
CA THR A 345 -25.61 -37.59 8.82
C THR A 345 -25.26 -36.59 7.73
N ASN A 346 -24.43 -37.04 6.78
CA ASN A 346 -23.94 -36.14 5.73
C ASN A 346 -24.88 -36.10 4.54
N TYR A 347 -25.15 -37.25 3.93
CA TYR A 347 -25.80 -37.31 2.63
C TYR A 347 -26.75 -38.49 2.60
N ARG A 348 -27.73 -38.44 1.69
CA ARG A 348 -28.78 -39.46 1.67
C ARG A 348 -28.35 -40.72 0.92
N THR A 349 -28.13 -40.63 -0.40
CA THR A 349 -27.80 -41.79 -1.21
C THR A 349 -26.29 -41.97 -1.18
N LEU A 350 -25.82 -42.72 -0.20
CA LEU A 350 -24.40 -42.94 0.10
C LEU A 350 -23.62 -43.91 -0.82
N PRO A 351 -24.09 -45.14 -1.13
CA PRO A 351 -23.13 -46.10 -1.75
C PRO A 351 -22.81 -45.82 -3.21
N LYS A 352 -23.56 -44.94 -3.88
CA LYS A 352 -23.33 -44.65 -5.28
C LYS A 352 -22.24 -43.60 -5.51
N ILE A 353 -21.99 -42.74 -4.52
CA ILE A 353 -21.03 -41.66 -4.73
C ILE A 353 -19.70 -42.00 -4.06
N SER A 354 -19.69 -42.95 -3.12
CA SER A 354 -18.46 -43.34 -2.44
C SER A 354 -17.48 -44.01 -3.41
N LYS A 355 -17.98 -44.59 -4.50
CA LYS A 355 -17.10 -45.02 -5.58
C LYS A 355 -16.69 -43.85 -6.45
N GLU A 356 -17.58 -42.85 -6.59
CA GLU A 356 -17.22 -41.63 -7.33
C GLU A 356 -16.23 -40.79 -6.53
N GLU A 357 -16.27 -40.89 -5.19
CA GLU A 357 -15.34 -40.12 -4.37
C GLU A 357 -13.91 -40.63 -4.49
N PHE A 358 -13.75 -41.87 -4.95
CA PHE A 358 -12.43 -42.31 -5.43
C PHE A 358 -11.95 -41.44 -6.58
N GLY A 359 -12.86 -41.08 -7.49
CA GLY A 359 -12.43 -40.43 -8.71
C GLY A 359 -12.39 -38.92 -8.59
N LEU A 360 -13.19 -38.35 -7.69
CA LEU A 360 -13.32 -36.90 -7.63
C LEU A 360 -12.12 -36.25 -6.97
N ILE A 361 -11.66 -36.80 -5.84
CA ILE A 361 -10.68 -36.08 -5.01
C ILE A 361 -9.27 -36.21 -5.60
N PHE A 362 -8.75 -37.42 -5.66
CA PHE A 362 -7.43 -37.67 -6.23
C PHE A 362 -7.42 -39.01 -6.95
N ASP A 363 -6.22 -39.49 -7.20
CA ASP A 363 -6.06 -40.75 -7.91
C ASP A 363 -6.23 -41.92 -6.97
N GLU A 364 -6.72 -43.03 -7.52
CA GLU A 364 -7.02 -44.22 -6.74
C GLU A 364 -5.78 -45.08 -6.62
N LEU A 365 -5.62 -45.75 -5.47
CA LEU A 365 -4.52 -46.68 -5.33
C LEU A 365 -4.78 -47.95 -6.13
N ASP A 366 -6.01 -48.49 -6.05
CA ASP A 366 -6.53 -49.66 -6.75
C ASP A 366 -5.68 -50.92 -6.66
N ASP A 367 -4.86 -51.09 -5.62
CA ASP A 367 -4.29 -52.41 -5.34
C ASP A 367 -5.40 -53.37 -4.93
N THR A 368 -6.27 -52.92 -4.03
CA THR A 368 -7.61 -53.47 -3.89
C THR A 368 -8.56 -52.32 -4.21
N ARG A 369 -9.72 -52.63 -4.76
CA ARG A 369 -10.62 -51.58 -5.23
C ARG A 369 -11.23 -50.80 -4.05
N ASP A 370 -11.47 -51.49 -2.93
CA ASP A 370 -12.09 -50.89 -1.76
C ASP A 370 -11.42 -51.27 -0.44
N PHE A 371 -10.65 -52.36 -0.41
CA PHE A 371 -10.29 -52.97 0.86
C PHE A 371 -9.18 -52.21 1.58
N LYS A 372 -8.31 -51.54 0.82
CA LYS A 372 -7.13 -50.94 1.41
C LYS A 372 -7.27 -49.42 1.48
N ILE A 373 -7.34 -48.89 2.70
CA ILE A 373 -7.41 -47.46 2.94
C ILE A 373 -6.22 -47.05 3.78
N ASN A 374 -5.35 -46.22 3.22
CA ASN A 374 -4.09 -45.87 3.86
C ASN A 374 -4.32 -44.70 4.80
N LYS A 375 -3.29 -44.38 5.58
CA LYS A 375 -3.35 -43.35 6.60
C LYS A 375 -3.57 -41.97 5.99
N ASP A 376 -2.80 -41.65 4.93
CA ASP A 376 -2.92 -40.33 4.33
C ASP A 376 -4.13 -40.26 3.40
N GLU A 377 -4.63 -41.43 2.96
CA GLU A 377 -5.75 -41.45 2.04
C GLU A 377 -7.04 -41.00 2.72
N PHE A 378 -7.29 -41.49 3.94
CA PHE A 378 -8.47 -41.05 4.67
C PHE A 378 -8.34 -39.60 5.10
N ALA A 379 -7.10 -39.14 5.32
CA ALA A 379 -6.87 -37.72 5.60
C ALA A 379 -7.25 -36.85 4.42
N ASP A 380 -7.17 -37.40 3.21
CA ASP A 380 -7.65 -36.68 2.04
C ASP A 380 -9.17 -36.76 1.93
N LEU A 381 -9.76 -37.79 2.53
CA LEU A 381 -11.20 -38.01 2.38
C LEU A 381 -12.01 -36.98 3.13
N CYS A 382 -11.89 -36.93 4.45
CA CYS A 382 -12.74 -36.09 5.28
C CYS A 382 -12.45 -34.61 5.06
N GLN A 383 -11.26 -34.31 4.55
CA GLN A 383 -10.89 -32.93 4.27
C GLN A 383 -11.69 -32.37 3.09
N ALA A 384 -11.98 -33.21 2.09
CA ALA A 384 -12.54 -32.70 0.85
C ALA A 384 -14.06 -32.66 0.87
N ILE A 385 -14.68 -33.41 1.78
CA ILE A 385 -16.13 -33.64 1.70
C ILE A 385 -16.91 -32.39 2.06
N ALA A 386 -16.47 -31.67 3.10
CA ALA A 386 -17.23 -30.55 3.62
C ALA A 386 -17.20 -29.36 2.67
N LEU A 387 -16.24 -29.34 1.75
CA LEU A 387 -16.20 -28.31 0.72
C LEU A 387 -17.40 -28.41 -0.21
N ARG A 388 -17.59 -29.60 -0.79
CA ARG A 388 -18.60 -29.75 -1.83
C ARG A 388 -20.01 -29.78 -1.23
N PHE A 389 -20.19 -30.45 -0.09
CA PHE A 389 -21.54 -30.65 0.40
C PHE A 389 -22.05 -29.43 1.17
N GLN A 390 -21.43 -29.14 2.31
CA GLN A 390 -22.05 -28.34 3.38
C GLN A 390 -23.48 -28.83 3.63
N LYS A 391 -23.58 -30.06 4.11
CA LYS A 391 -24.88 -30.71 4.30
C LYS A 391 -24.99 -31.28 5.72
N GLU A 392 -24.28 -30.70 6.69
CA GLU A 392 -24.36 -31.20 8.06
C GLU A 392 -25.44 -30.46 8.85
N GLU A 393 -25.42 -29.13 8.79
CA GLU A 393 -26.61 -28.28 9.00
C GLU A 393 -27.11 -28.35 10.44
N VAL A 394 -26.17 -28.31 11.39
CA VAL A 394 -26.48 -28.65 12.78
C VAL A 394 -27.19 -27.50 13.47
N PRO A 395 -28.40 -27.70 13.99
CA PRO A 395 -29.13 -26.60 14.65
C PRO A 395 -28.90 -26.56 16.14
N SER A 396 -29.43 -25.53 16.79
CA SER A 396 -29.49 -25.49 18.24
C SER A 396 -30.57 -26.44 18.73
N LEU A 397 -30.21 -27.34 19.64
CA LEU A 397 -31.11 -28.41 20.05
C LEU A 397 -32.19 -27.88 20.99
N PHE A 398 -33.44 -28.15 20.64
CA PHE A 398 -34.59 -27.61 21.33
C PHE A 398 -35.20 -28.62 22.28
N GLU A 399 -35.97 -28.11 23.24
CA GLU A 399 -36.91 -28.96 23.95
C GLU A 399 -38.18 -29.12 23.11
N HIS A 400 -38.58 -30.38 22.89
CA HIS A 400 -39.72 -30.64 22.03
C HIS A 400 -41.03 -30.50 22.80
N PHE A 401 -40.96 -30.32 24.12
CA PHE A 401 -42.14 -30.20 24.98
C PHE A 401 -42.97 -28.95 24.64
N PRO A 402 -42.38 -27.77 24.33
CA PRO A 402 -43.23 -26.74 23.70
C PRO A 402 -43.51 -27.01 22.24
N GLN A 403 -42.49 -27.47 21.48
CA GLN A 403 -42.52 -27.65 20.02
C GLN A 403 -42.95 -26.37 19.32
N ILE A 404 -42.10 -25.33 19.41
CA ILE A 404 -42.45 -24.01 18.88
C ILE A 404 -42.12 -23.92 17.41
N TYR A 405 -41.45 -24.94 16.86
CA TYR A 405 -41.12 -24.94 15.44
C TYR A 405 -42.37 -25.17 14.60
N HIS A 406 -42.69 -24.18 13.77
CA HIS A 406 -43.90 -24.21 12.96
C HIS A 406 -43.59 -24.90 11.65
N SER A 407 -44.30 -25.99 11.39
CA SER A 407 -44.10 -26.78 10.18
C SER A 407 -45.20 -26.49 9.16
N PRO A 420 -34.01 -14.77 -9.97
CA PRO A 420 -34.40 -14.17 -8.70
C PRO A 420 -35.65 -13.32 -8.82
N ASN A 421 -36.80 -13.96 -9.10
CA ASN A 421 -38.07 -13.25 -9.16
C ASN A 421 -38.42 -12.64 -7.82
N PHE A 422 -38.27 -13.42 -6.75
CA PHE A 422 -38.37 -12.86 -5.42
C PHE A 422 -37.16 -12.00 -5.10
N GLY A 423 -36.01 -12.30 -5.72
CA GLY A 423 -34.82 -11.50 -5.50
C GLY A 423 -34.91 -10.14 -6.16
N TYR A 424 -35.48 -10.08 -7.37
CA TYR A 424 -35.78 -8.79 -7.97
C TYR A 424 -36.96 -8.13 -7.27
N ALA A 425 -37.81 -8.91 -6.60
CA ALA A 425 -38.90 -8.32 -5.83
C ALA A 425 -38.36 -7.61 -4.59
N ILE A 426 -37.45 -8.25 -3.87
CA ILE A 426 -36.88 -7.62 -2.69
C ILE A 426 -35.76 -6.66 -3.07
N SER A 427 -35.37 -6.67 -4.35
CA SER A 427 -34.58 -5.57 -4.89
C SER A 427 -35.39 -4.28 -4.87
N PHE A 428 -36.68 -4.39 -5.15
CA PHE A 428 -37.54 -3.20 -5.25
C PHE A 428 -37.97 -2.69 -3.89
N ILE A 429 -37.98 -3.56 -2.87
CA ILE A 429 -38.61 -3.26 -1.59
C ILE A 429 -37.84 -2.18 -0.83
N LEU A 430 -36.52 -2.29 -0.80
CA LEU A 430 -35.71 -1.32 -0.07
C LEU A 430 -35.66 0.02 -0.80
N ILE A 431 -35.82 0.00 -2.14
CA ILE A 431 -35.70 1.23 -2.93
C ILE A 431 -36.78 2.22 -2.55
N ILE A 432 -38.04 1.76 -2.55
CA ILE A 432 -39.14 2.61 -2.14
C ILE A 432 -39.10 2.88 -0.65
N ASN A 433 -38.44 2.02 0.11
CA ASN A 433 -38.19 2.31 1.51
C ASN A 433 -37.05 3.30 1.67
N PHE A 434 -36.08 3.28 0.75
CA PHE A 434 -34.97 4.22 0.83
C PHE A 434 -35.41 5.62 0.45
N ILE A 435 -36.22 5.74 -0.60
CA ILE A 435 -36.63 7.08 -1.05
C ILE A 435 -37.66 7.66 -0.09
N ALA A 436 -38.31 6.79 0.70
CA ALA A 436 -39.20 7.27 1.75
C ALA A 436 -38.42 8.04 2.81
N VAL A 437 -37.15 7.67 3.01
CA VAL A 437 -36.32 8.38 3.97
C VAL A 437 -35.92 9.74 3.43
N VAL A 438 -35.52 9.81 2.16
CA VAL A 438 -35.06 11.08 1.61
C VAL A 438 -36.23 12.02 1.38
N VAL A 439 -37.44 11.47 1.21
CA VAL A 439 -38.63 12.30 1.22
C VAL A 439 -38.87 12.83 2.63
N GLU A 440 -38.69 11.99 3.63
CA GLU A 440 -38.87 12.39 5.03
C GLU A 440 -37.86 13.46 5.42
N THR A 441 -36.65 13.43 4.85
CA THR A 441 -35.66 14.44 5.20
C THR A 441 -35.82 15.70 4.36
N THR A 442 -36.37 15.57 3.15
CA THR A 442 -36.68 16.79 2.41
C THR A 442 -38.02 17.37 2.88
N LEU A 443 -38.74 16.62 3.71
CA LEU A 443 -39.77 17.24 4.55
C LEU A 443 -39.13 18.00 5.69
N ASN A 444 -37.96 17.57 6.15
CA ASN A 444 -37.37 18.16 7.34
C ASN A 444 -36.61 19.44 7.01
N ILE A 445 -36.19 19.60 5.75
CA ILE A 445 -35.70 20.91 5.32
C ILE A 445 -36.89 21.85 5.14
N GLU A 446 -38.09 21.28 4.91
CA GLU A 446 -39.31 22.08 4.97
C GLU A 446 -39.78 22.21 6.42
N GLU A 447 -39.35 21.28 7.28
CA GLU A 447 -39.69 21.22 8.71
C GLU A 447 -41.20 21.15 8.93
N SER A 448 -41.80 20.01 8.56
CA SER A 448 -43.21 19.79 8.81
C SER A 448 -43.49 19.60 10.29
N SER A 449 -44.32 20.48 10.84
CA SER A 449 -44.83 20.27 12.19
C SER A 449 -46.05 19.36 12.18
N ALA A 450 -46.64 19.17 11.01
CA ALA A 450 -47.77 18.26 10.83
C ALA A 450 -47.26 16.97 10.21
N GLN A 451 -46.78 16.07 11.05
CA GLN A 451 -46.32 14.76 10.59
C GLN A 451 -47.41 13.72 10.66
N LYS A 452 -48.64 14.12 10.99
CA LYS A 452 -49.77 13.20 11.13
C LYS A 452 -50.10 12.38 9.87
N PRO A 453 -50.16 12.95 8.66
CA PRO A 453 -50.27 12.04 7.50
C PRO A 453 -48.96 11.35 7.18
N TRP A 454 -47.85 11.93 7.60
CA TRP A 454 -46.55 11.34 7.30
C TRP A 454 -46.18 10.28 8.33
N GLN A 455 -46.82 10.30 9.51
CA GLN A 455 -46.56 9.25 10.48
C GLN A 455 -47.38 8.01 10.16
N VAL A 456 -48.34 8.13 9.24
CA VAL A 456 -48.98 6.96 8.66
C VAL A 456 -47.95 6.14 7.90
N ALA A 457 -47.04 6.81 7.20
CA ALA A 457 -46.03 6.11 6.41
C ALA A 457 -44.85 5.67 7.28
N GLU A 458 -44.72 6.23 8.48
CA GLU A 458 -43.58 5.90 9.34
C GLU A 458 -43.65 4.48 9.85
N PHE A 459 -44.72 4.15 10.59
CA PHE A 459 -44.75 2.92 11.39
C PHE A 459 -44.99 1.70 10.51
N VAL A 460 -45.48 1.91 9.30
CA VAL A 460 -45.90 0.79 8.46
C VAL A 460 -44.70 0.09 7.85
N PHE A 461 -43.61 0.82 7.63
CA PHE A 461 -42.50 0.28 6.84
C PHE A 461 -41.65 -0.69 7.66
N GLY A 462 -41.59 -0.49 8.97
CA GLY A 462 -40.89 -1.44 9.81
C GLY A 462 -41.62 -2.76 9.95
N TRP A 463 -42.94 -2.71 9.81
CA TRP A 463 -43.75 -3.92 9.90
C TRP A 463 -43.57 -4.79 8.66
N ILE A 464 -43.09 -4.20 7.57
CA ILE A 464 -42.98 -4.92 6.30
C ILE A 464 -41.82 -5.90 6.33
N TYR A 465 -40.69 -5.48 6.91
CA TYR A 465 -39.40 -6.07 6.56
C TYR A 465 -39.22 -7.46 7.17
N VAL A 466 -40.03 -7.81 8.16
CA VAL A 466 -39.90 -9.09 8.85
C VAL A 466 -40.52 -10.21 8.01
N LEU A 467 -41.19 -9.85 6.92
CA LEU A 467 -41.86 -10.81 6.05
C LEU A 467 -40.97 -11.35 4.94
N GLU A 468 -39.88 -10.66 4.60
CA GLU A 468 -39.06 -11.10 3.48
C GLU A 468 -38.06 -12.17 3.92
N MET A 469 -37.78 -12.23 5.21
CA MET A 469 -37.00 -13.33 5.75
C MET A 469 -37.85 -14.55 6.05
N ALA A 470 -39.17 -14.46 5.86
CA ALA A 470 -40.07 -15.47 6.37
C ALA A 470 -40.11 -16.70 5.47
N LEU A 471 -39.84 -16.52 4.18
CA LEU A 471 -39.93 -17.66 3.26
C LEU A 471 -38.75 -18.60 3.45
N LYS A 472 -37.66 -18.09 4.04
CA LYS A 472 -36.44 -18.87 4.21
C LYS A 472 -36.65 -20.05 5.14
N ILE A 473 -37.48 -19.88 6.17
CA ILE A 473 -37.79 -20.99 7.06
C ILE A 473 -38.92 -21.82 6.46
N TYR A 474 -39.62 -21.26 5.48
CA TYR A 474 -40.60 -22.03 4.72
C TYR A 474 -39.95 -22.78 3.56
N THR A 475 -39.01 -22.14 2.86
CA THR A 475 -38.33 -22.78 1.75
C THR A 475 -37.20 -23.69 2.22
N TYR A 476 -36.24 -23.18 2.99
CA TYR A 476 -35.05 -24.01 3.21
C TYR A 476 -34.82 -24.47 4.64
N GLY A 477 -34.67 -23.55 5.59
CA GLY A 477 -34.22 -23.91 6.93
C GLY A 477 -34.49 -22.82 7.95
N PHE A 478 -34.51 -23.23 9.22
CA PHE A 478 -34.89 -22.30 10.28
C PHE A 478 -33.70 -21.46 10.74
N GLU A 479 -32.68 -22.11 11.27
CA GLU A 479 -31.59 -21.41 11.98
C GLU A 479 -30.51 -20.98 10.98
N ASN A 480 -30.88 -20.02 10.14
CA ASN A 480 -29.93 -19.35 9.25
C ASN A 480 -29.64 -17.93 9.71
N TYR A 481 -29.91 -17.64 10.98
CA TYR A 481 -29.47 -16.38 11.58
C TYR A 481 -27.95 -16.32 11.65
N TRP A 482 -27.31 -17.47 11.84
CA TRP A 482 -25.87 -17.58 11.94
C TRP A 482 -25.23 -18.00 10.63
N ARG A 483 -26.04 -18.19 9.58
CA ARG A 483 -25.55 -18.74 8.32
C ARG A 483 -25.28 -17.66 7.30
N GLU A 484 -26.27 -16.85 6.94
CA GLU A 484 -26.04 -15.77 6.00
C GLU A 484 -25.27 -14.64 6.67
N GLY A 485 -24.25 -14.14 5.96
CA GLY A 485 -23.41 -13.08 6.52
C GLY A 485 -24.16 -11.79 6.75
N ALA A 486 -25.23 -11.56 5.99
CA ALA A 486 -26.17 -10.50 6.28
C ALA A 486 -26.87 -10.70 7.61
N ASN A 487 -27.39 -11.90 7.87
CA ASN A 487 -27.98 -12.22 9.17
C ASN A 487 -26.95 -12.25 10.29
N ARG A 488 -25.66 -12.33 9.96
CA ARG A 488 -24.64 -12.15 10.97
C ARG A 488 -24.54 -10.70 11.43
N PHE A 489 -24.86 -9.75 10.55
CA PHE A 489 -24.57 -8.35 10.81
C PHE A 489 -25.84 -7.51 10.94
N ASP A 490 -26.97 -8.01 10.43
CA ASP A 490 -28.18 -7.18 10.39
C ASP A 490 -29.15 -7.56 11.50
N PHE A 491 -28.90 -8.67 12.20
CA PHE A 491 -29.93 -9.34 12.99
C PHE A 491 -30.36 -8.50 14.18
N LEU A 492 -29.45 -7.72 14.75
CA LEU A 492 -29.86 -6.74 15.76
C LEU A 492 -30.69 -5.66 15.11
N VAL A 493 -30.26 -5.19 13.94
CA VAL A 493 -30.84 -4.00 13.34
C VAL A 493 -32.13 -4.38 12.61
N THR A 494 -32.25 -5.64 12.20
CA THR A 494 -33.47 -6.12 11.58
C THR A 494 -34.64 -6.08 12.56
N TRP A 495 -34.41 -6.52 13.79
CA TRP A 495 -35.46 -6.63 14.79
C TRP A 495 -35.62 -5.38 15.63
N VAL A 496 -34.68 -4.43 15.58
CA VAL A 496 -34.74 -3.25 16.44
C VAL A 496 -35.77 -2.24 15.97
N ILE A 497 -36.39 -2.46 14.81
CA ILE A 497 -37.16 -1.42 14.15
C ILE A 497 -38.51 -1.22 14.84
N VAL A 498 -39.35 -2.26 14.85
CA VAL A 498 -40.70 -2.12 15.37
C VAL A 498 -40.73 -1.97 16.88
N ILE A 499 -39.66 -2.36 17.58
CA ILE A 499 -39.59 -2.09 19.01
C ILE A 499 -39.17 -0.64 19.25
N GLY A 500 -38.48 -0.01 18.28
CA GLY A 500 -38.26 1.42 18.37
C GLY A 500 -39.49 2.20 18.00
N GLU A 501 -40.37 1.62 17.17
CA GLU A 501 -41.62 2.26 16.82
C GLU A 501 -42.69 2.06 17.90
N THR A 502 -42.48 1.11 18.81
CA THR A 502 -43.50 0.73 19.79
C THR A 502 -43.64 1.80 20.87
N ALA A 503 -42.53 2.26 21.42
CA ALA A 503 -42.53 3.27 22.47
C ALA A 503 -42.54 4.69 21.93
N THR A 504 -43.03 4.87 20.70
CA THR A 504 -43.09 6.21 20.13
C THR A 504 -44.27 7.00 20.70
N PHE A 505 -45.47 6.43 20.64
CA PHE A 505 -46.67 7.12 21.08
C PHE A 505 -47.22 6.58 22.38
N ILE A 506 -46.63 5.53 22.93
CA ILE A 506 -47.07 4.97 24.20
C ILE A 506 -46.19 5.46 25.34
N THR A 507 -45.03 6.03 25.04
CA THR A 507 -44.27 6.79 26.04
C THR A 507 -45.06 8.03 26.43
N PRO A 508 -45.74 8.76 25.50
CA PRO A 508 -46.74 9.67 26.09
C PRO A 508 -47.96 8.93 26.65
N PHE A 514 -38.01 11.55 23.54
CA PHE A 514 -38.13 12.48 22.42
C PHE A 514 -36.82 12.60 21.65
N SER A 515 -35.72 12.81 22.37
CA SER A 515 -34.42 12.88 21.73
C SER A 515 -33.99 11.51 21.21
N ASN A 516 -34.44 10.45 21.87
CA ASN A 516 -34.03 9.11 21.47
C ASN A 516 -34.77 8.65 20.22
N GLY A 517 -36.04 9.00 20.08
CA GLY A 517 -36.81 8.59 18.91
C GLY A 517 -36.39 9.32 17.65
N GLN A 518 -35.76 10.49 17.82
CA GLN A 518 -35.12 11.15 16.70
C GLN A 518 -34.01 10.30 16.11
N TRP A 519 -33.17 9.70 16.97
CA TRP A 519 -32.06 8.89 16.49
C TRP A 519 -32.55 7.60 15.85
N ILE A 520 -33.72 7.12 16.28
CA ILE A 520 -34.31 5.93 15.66
C ILE A 520 -34.80 6.26 14.26
N ARG A 521 -35.37 7.46 14.08
CA ARG A 521 -35.67 7.98 12.76
C ARG A 521 -34.42 8.09 11.90
N TYR A 522 -33.30 8.40 12.54
CA TYR A 522 -32.04 8.50 11.81
C TYR A 522 -31.50 7.10 11.53
N LEU A 523 -31.92 6.13 12.34
CA LEU A 523 -31.34 4.78 12.28
C LEU A 523 -31.92 3.98 11.12
N LEU A 524 -32.88 4.55 10.39
CA LEU A 524 -33.65 3.76 9.44
C LEU A 524 -32.91 3.54 8.13
N LEU A 525 -31.65 3.11 8.18
CA LEU A 525 -30.76 3.22 7.04
C LEU A 525 -29.91 1.99 6.76
N ALA A 526 -30.02 0.94 7.56
CA ALA A 526 -29.30 -0.30 7.26
C ALA A 526 -29.96 -1.10 6.15
N ARG A 527 -31.12 -0.62 5.68
CA ARG A 527 -31.80 -1.15 4.51
C ARG A 527 -30.92 -1.06 3.28
N MET A 528 -30.30 0.10 3.08
CA MET A 528 -29.35 0.22 1.98
C MET A 528 -28.07 -0.55 2.29
N LEU A 529 -27.78 -0.76 3.57
CA LEU A 529 -26.67 -1.65 3.91
C LEU A 529 -27.02 -3.09 3.58
N ARG A 530 -28.30 -3.44 3.63
CA ARG A 530 -28.70 -4.74 3.11
C ARG A 530 -28.70 -4.72 1.58
N LEU A 531 -28.95 -3.55 0.99
CA LEU A 531 -28.79 -3.41 -0.46
C LEU A 531 -27.34 -3.60 -0.89
N ILE A 532 -26.39 -3.27 0.00
CA ILE A 532 -24.96 -3.40 -0.31
C ILE A 532 -24.62 -4.85 -0.65
N ARG A 533 -25.12 -5.81 0.13
CA ARG A 533 -24.81 -7.21 -0.17
C ARG A 533 -25.54 -7.66 -1.43
N LEU A 534 -26.82 -7.31 -1.57
CA LEU A 534 -27.62 -7.88 -2.64
C LEU A 534 -27.26 -7.30 -4.00
N LEU A 535 -26.72 -6.07 -4.01
CA LEU A 535 -26.45 -5.44 -5.29
C LEU A 535 -25.19 -6.03 -5.93
N MET A 536 -24.31 -6.63 -5.13
CA MET A 536 -23.04 -7.04 -5.70
C MET A 536 -23.08 -8.46 -6.24
N ASN A 537 -24.26 -8.91 -6.65
CA ASN A 537 -24.40 -9.96 -7.64
C ASN A 537 -24.06 -9.43 -9.02
N VAL A 538 -24.01 -8.09 -9.15
CA VAL A 538 -23.42 -7.44 -10.31
C VAL A 538 -21.99 -7.90 -10.49
N GLN A 539 -21.69 -8.43 -11.68
CA GLN A 539 -20.37 -8.99 -11.93
C GLN A 539 -19.32 -7.88 -12.07
N ARG A 540 -19.78 -6.66 -12.37
CA ARG A 540 -18.87 -5.53 -12.47
C ARG A 540 -18.27 -5.16 -11.12
N TYR A 541 -19.04 -5.36 -10.04
CA TYR A 541 -18.59 -5.06 -8.69
C TYR A 541 -18.37 -6.31 -7.87
N ARG A 542 -18.32 -7.47 -8.51
CA ARG A 542 -18.49 -8.75 -7.81
C ARG A 542 -17.36 -9.07 -6.84
N ALA A 543 -16.12 -8.89 -7.28
CA ALA A 543 -14.99 -9.28 -6.45
C ALA A 543 -14.80 -8.29 -5.31
N PHE A 544 -15.26 -7.06 -5.49
CA PHE A 544 -14.81 -5.97 -4.62
C PHE A 544 -15.47 -6.05 -3.25
N ILE A 545 -16.76 -6.33 -3.20
CA ILE A 545 -17.46 -6.29 -1.93
C ILE A 545 -17.57 -7.69 -1.33
N ALA A 546 -17.38 -8.71 -2.17
CA ALA A 546 -17.09 -10.05 -1.65
C ALA A 546 -15.81 -10.06 -0.81
N THR A 547 -14.87 -9.18 -1.14
CA THR A 547 -13.80 -8.88 -0.20
C THR A 547 -14.33 -8.17 1.02
N PHE A 548 -15.14 -7.14 0.82
CA PHE A 548 -15.54 -6.26 1.92
C PHE A 548 -16.47 -6.97 2.88
N ILE A 549 -17.20 -7.97 2.38
CA ILE A 549 -17.92 -8.88 3.27
C ILE A 549 -16.95 -9.65 4.13
N THR A 550 -15.91 -10.22 3.50
CA THR A 550 -14.95 -11.03 4.24
C THR A 550 -14.05 -10.14 5.09
N LEU A 551 -14.00 -8.86 4.76
CA LEU A 551 -13.02 -7.97 5.37
C LEU A 551 -13.37 -7.65 6.81
N ILE A 552 -14.66 -7.67 7.15
CA ILE A 552 -15.05 -7.40 8.53
C ILE A 552 -14.70 -8.54 9.49
N PRO A 553 -14.99 -9.82 9.20
CA PRO A 553 -14.55 -10.84 10.16
C PRO A 553 -13.07 -11.14 10.10
N SER A 554 -12.44 -11.04 8.93
CA SER A 554 -11.03 -11.36 8.84
C SER A 554 -10.19 -10.34 9.60
N LEU A 555 -10.49 -9.06 9.43
CA LEU A 555 -9.73 -8.07 10.15
C LEU A 555 -10.34 -7.69 11.47
N MET A 556 -11.10 -8.56 12.10
CA MET A 556 -11.50 -8.27 13.47
C MET A 556 -10.40 -8.55 14.50
N PRO A 557 -9.61 -9.65 14.46
CA PRO A 557 -8.47 -9.70 15.38
C PRO A 557 -7.38 -8.69 15.04
N TYR A 558 -7.10 -8.49 13.77
CA TYR A 558 -5.92 -7.72 13.38
C TYR A 558 -6.16 -6.24 13.60
N LEU A 559 -7.42 -5.82 13.64
CA LEU A 559 -7.74 -4.50 14.18
C LEU A 559 -7.98 -4.57 15.67
N GLY A 560 -8.34 -5.75 16.17
CA GLY A 560 -8.56 -5.89 17.59
C GLY A 560 -7.28 -5.73 18.38
N THR A 561 -6.17 -6.22 17.83
CA THR A 561 -4.88 -6.09 18.50
C THR A 561 -4.44 -4.64 18.56
N ILE A 562 -4.71 -3.89 17.50
CA ILE A 562 -4.33 -2.49 17.47
C ILE A 562 -5.18 -1.69 18.45
N PHE A 563 -6.42 -2.11 18.65
CA PHE A 563 -7.23 -1.52 19.70
C PHE A 563 -6.66 -1.84 21.07
N CYS A 564 -6.00 -3.00 21.22
CA CYS A 564 -5.32 -3.29 22.47
C CYS A 564 -4.04 -2.49 22.62
N VAL A 565 -3.35 -2.25 21.50
CA VAL A 565 -2.13 -1.44 21.49
C VAL A 565 -2.43 -0.02 21.96
N LEU A 566 -3.60 0.51 21.58
CA LEU A 566 -3.97 1.84 22.06
C LEU A 566 -4.26 1.82 23.54
N CYS A 567 -4.78 0.71 24.04
CA CYS A 567 -5.07 0.62 25.45
C CYS A 567 -3.80 0.50 26.27
N ILE A 568 -2.71 0.11 25.62
CA ILE A 568 -1.41 0.23 26.27
C ILE A 568 -0.96 1.66 26.28
N TYR A 569 -0.96 2.30 25.10
CA TYR A 569 -0.38 3.64 24.99
C TYR A 569 -1.21 4.67 25.71
N CYS A 570 -2.52 4.45 25.83
CA CYS A 570 -3.32 5.37 26.61
C CYS A 570 -2.95 5.29 28.06
N SER A 571 -2.90 4.07 28.60
CA SER A 571 -2.66 3.88 30.03
C SER A 571 -1.23 4.27 30.41
N ILE A 572 -0.32 4.30 29.44
CA ILE A 572 0.93 4.99 29.69
C ILE A 572 0.68 6.49 29.79
N GLY A 573 0.03 7.06 28.77
CA GLY A 573 -0.04 8.49 28.65
C GLY A 573 -0.93 9.14 29.69
N VAL A 574 -1.94 8.41 30.16
CA VAL A 574 -2.73 8.90 31.29
C VAL A 574 -1.86 9.04 32.52
N GLN A 575 -0.95 8.09 32.73
CA GLN A 575 -0.10 8.15 33.90
C GLN A 575 1.04 9.13 33.72
N VAL A 576 1.49 9.31 32.48
CA VAL A 576 2.56 10.27 32.23
C VAL A 576 2.00 11.70 32.22
N PHE A 577 0.88 11.90 31.54
CA PHE A 577 0.39 13.24 31.21
C PHE A 577 -0.93 13.55 31.89
N GLY A 578 -1.07 13.24 33.18
CA GLY A 578 -2.39 13.17 33.78
C GLY A 578 -3.08 14.52 33.95
N GLY A 579 -2.56 15.36 34.84
CA GLY A 579 -3.19 16.64 35.07
C GLY A 579 -2.41 17.74 34.40
N LEU A 580 -1.93 17.48 33.18
CA LEU A 580 -0.97 18.39 32.57
C LEU A 580 -1.66 19.56 31.89
N VAL A 581 -2.58 19.29 30.98
CA VAL A 581 -3.30 20.37 30.33
C VAL A 581 -4.34 20.84 31.32
N ASN A 582 -3.99 21.84 32.12
CA ASN A 582 -4.86 22.30 33.17
C ASN A 582 -5.89 23.26 32.65
N ALA A 583 -6.57 23.93 33.58
CA ALA A 583 -7.40 25.05 33.21
C ALA A 583 -6.54 26.25 32.81
N GLY A 584 -5.68 26.70 33.71
CA GLY A 584 -4.95 27.94 33.47
C GLY A 584 -3.48 27.75 33.27
N ASN A 585 -3.08 26.71 32.53
CA ASN A 585 -1.66 26.51 32.25
C ASN A 585 -1.17 27.55 31.26
N LYS A 586 -0.09 28.24 31.64
CA LYS A 586 0.37 29.34 30.81
C LYS A 586 1.21 28.87 29.64
N LYS A 587 1.86 27.72 29.78
CA LYS A 587 2.60 27.16 28.66
C LYS A 587 1.65 26.62 27.60
N LEU A 588 0.40 26.37 27.99
CA LEU A 588 -0.60 25.81 27.09
C LEU A 588 -1.00 26.78 25.99
N PHE A 589 -1.31 28.02 26.37
CA PHE A 589 -1.94 28.94 25.43
C PHE A 589 -0.96 29.43 24.38
N GLU A 590 0.33 29.27 24.62
CA GLU A 590 1.31 29.61 23.59
C GLU A 590 1.32 28.55 22.49
N THR A 591 0.94 27.32 22.81
CA THR A 591 1.21 26.20 21.92
C THR A 591 0.09 25.97 20.93
N GLU A 592 0.21 24.87 20.19
CA GLU A 592 -0.63 24.66 19.02
C GLU A 592 -2.00 24.10 19.37
N LEU A 593 -2.11 23.40 20.51
CA LEU A 593 -3.40 22.90 20.93
C LEU A 593 -4.36 24.04 21.24
N ALA A 594 -3.82 25.18 21.66
CA ALA A 594 -4.68 26.33 21.85
C ALA A 594 -4.88 27.12 20.57
N GLU A 595 -3.91 27.09 19.66
CA GLU A 595 -4.04 27.78 18.37
C GLU A 595 -5.16 27.18 17.54
N ASP A 596 -5.05 25.89 17.23
CA ASP A 596 -6.08 25.20 16.47
C ASP A 596 -7.22 24.72 17.34
N ASP A 597 -7.21 25.05 18.63
CA ASP A 597 -8.27 24.78 19.60
C ASP A 597 -8.53 23.27 19.71
N TYR A 598 -7.46 22.49 19.72
CA TYR A 598 -7.61 21.11 20.11
C TYR A 598 -7.41 20.99 21.61
N LEU A 599 -8.29 21.56 22.41
CA LEU A 599 -8.02 21.57 23.84
C LEU A 599 -8.72 20.39 24.47
N LEU A 600 -9.59 19.77 23.70
CA LEU A 600 -9.88 18.36 23.84
C LEU A 600 -8.74 17.57 23.22
N PHE A 601 -8.94 16.26 23.06
CA PHE A 601 -7.91 15.33 22.58
C PHE A 601 -6.68 15.43 23.49
N ASN A 602 -6.86 15.04 24.74
CA ASN A 602 -6.30 15.82 25.82
C ASN A 602 -5.33 15.05 26.71
N PHE A 603 -5.50 13.73 26.80
CA PHE A 603 -4.81 12.84 27.76
C PHE A 603 -5.13 13.13 29.22
N ASN A 604 -6.12 13.96 29.51
CA ASN A 604 -6.31 14.23 30.93
C ASN A 604 -7.21 13.22 31.62
N ASP A 605 -7.64 12.16 30.93
CA ASP A 605 -8.02 10.90 31.55
C ASP A 605 -7.95 9.81 30.50
N TYR A 606 -8.59 8.68 30.78
CA TYR A 606 -8.52 7.58 29.83
C TYR A 606 -9.28 7.82 28.52
N PRO A 607 -10.58 8.12 28.48
CA PRO A 607 -11.24 8.13 27.15
C PRO A 607 -10.92 9.35 26.33
N ASN A 608 -10.39 10.42 26.95
CA ASN A 608 -9.76 11.46 26.15
C ASN A 608 -8.53 10.94 25.45
N GLY A 609 -7.83 9.98 26.05
CA GLY A 609 -6.65 9.45 25.42
C GLY A 609 -6.96 8.61 24.21
N MET A 610 -8.01 7.79 24.30
CA MET A 610 -8.32 6.85 23.24
C MET A 610 -8.78 7.55 21.98
N VAL A 611 -9.45 8.68 22.12
CA VAL A 611 -9.71 9.52 20.96
C VAL A 611 -8.40 10.09 20.45
N THR A 612 -7.49 10.45 21.37
CA THR A 612 -6.33 11.22 20.96
C THR A 612 -5.32 10.33 20.28
N LEU A 613 -5.21 9.09 20.73
CA LEU A 613 -4.32 8.16 20.05
C LEU A 613 -4.89 7.75 18.71
N PHE A 614 -6.19 7.90 18.55
CA PHE A 614 -6.77 7.60 17.26
C PHE A 614 -6.34 8.62 16.22
N ASN A 615 -6.25 9.89 16.60
CA ASN A 615 -5.78 10.88 15.64
C ASN A 615 -4.33 10.66 15.30
N LEU A 616 -3.56 10.18 16.28
CA LEU A 616 -2.17 9.84 16.02
C LEU A 616 -2.08 8.57 15.20
N LEU A 617 -3.13 7.75 15.22
CA LEU A 617 -3.19 6.59 14.36
C LEU A 617 -3.48 6.98 12.92
N VAL A 618 -4.40 7.91 12.72
CA VAL A 618 -4.86 8.25 11.38
C VAL A 618 -3.81 9.07 10.64
N MET A 619 -2.96 9.76 11.41
CA MET A 619 -1.97 10.77 11.01
C MET A 619 -2.63 12.04 10.52
N GLY A 620 -3.75 12.41 11.10
CA GLY A 620 -4.28 13.72 10.82
C GLY A 620 -3.71 14.72 11.80
N ASN A 621 -2.72 15.51 11.34
CA ASN A 621 -2.08 16.57 12.11
C ASN A 621 -1.47 16.07 13.41
N TRP A 622 -0.78 14.94 13.34
CA TRP A 622 -0.29 14.30 14.56
C TRP A 622 0.88 15.05 15.17
N GLN A 623 1.44 16.02 14.46
CA GLN A 623 2.60 16.71 14.99
C GLN A 623 2.19 17.82 15.94
N VAL A 624 0.90 18.05 16.12
CA VAL A 624 0.45 19.07 17.05
C VAL A 624 0.75 18.62 18.46
N TRP A 625 0.40 17.38 18.77
CA TRP A 625 0.58 16.86 20.12
C TRP A 625 2.05 16.69 20.46
N MET A 626 2.85 16.20 19.50
CA MET A 626 4.29 16.13 19.67
C MET A 626 4.88 17.52 19.90
N GLU A 627 4.35 18.53 19.23
CA GLU A 627 4.82 19.89 19.47
C GLU A 627 4.28 20.41 20.79
N SER A 628 3.13 19.90 21.24
CA SER A 628 2.53 20.44 22.44
C SER A 628 3.12 19.81 23.69
N TYR A 629 3.18 18.48 23.73
CA TYR A 629 3.67 17.84 24.94
C TYR A 629 5.18 17.91 25.07
N LYS A 630 5.88 18.37 24.04
CA LYS A 630 7.27 18.74 24.24
C LYS A 630 7.34 20.03 25.04
N ASP A 631 6.29 20.82 25.01
CA ASP A 631 6.30 22.06 25.79
C ASP A 631 5.61 21.88 27.12
N LEU A 632 4.54 21.09 27.19
CA LEU A 632 3.80 21.01 28.43
C LEU A 632 4.47 20.08 29.43
N THR A 633 5.37 19.23 28.96
CA THR A 633 6.30 18.60 29.87
C THR A 633 7.59 19.37 29.97
N GLY A 634 7.86 20.27 29.03
CA GLY A 634 9.10 21.01 29.02
C GLY A 634 10.33 20.19 28.72
N THR A 635 10.16 18.99 28.19
CA THR A 635 11.30 18.11 28.01
C THR A 635 11.26 17.48 26.63
N TRP A 636 12.39 16.91 26.23
CA TRP A 636 12.45 16.26 24.94
C TRP A 636 12.24 14.77 25.05
N TRP A 637 11.97 14.27 26.24
CA TRP A 637 11.69 12.84 26.36
C TRP A 637 10.22 12.55 26.16
N SER A 638 9.42 13.58 25.94
CA SER A 638 8.04 13.39 25.50
C SER A 638 7.96 12.93 24.05
N ILE A 639 8.99 13.22 23.25
CA ILE A 639 9.00 12.87 21.84
C ILE A 639 9.10 11.36 21.69
N THR A 640 9.59 10.68 22.71
CA THR A 640 9.68 9.22 22.73
C THR A 640 8.33 8.57 22.57
N TYR A 641 7.31 9.16 23.18
CA TYR A 641 6.01 8.51 23.26
C TYR A 641 5.32 8.47 21.91
N PHE A 642 5.55 9.49 21.09
CA PHE A 642 4.84 9.58 19.81
C PHE A 642 5.60 8.87 18.70
N VAL A 643 6.92 8.83 18.77
CA VAL A 643 7.69 8.07 17.81
C VAL A 643 7.52 6.58 18.05
N SER A 644 7.54 6.18 19.31
CA SER A 644 7.34 4.76 19.62
C SER A 644 5.94 4.33 19.30
N PHE A 645 4.99 5.27 19.30
CA PHE A 645 3.69 4.98 18.72
C PHE A 645 3.84 4.70 17.25
N TYR A 646 4.52 5.60 16.55
CA TYR A 646 4.55 5.61 15.08
C TYR A 646 5.19 4.37 14.52
N VAL A 647 6.32 3.96 15.08
CA VAL A 647 7.05 2.81 14.60
C VAL A 647 6.25 1.54 14.80
N ILE A 648 5.60 1.42 15.94
CA ILE A 648 4.76 0.25 16.17
C ILE A 648 3.45 0.38 15.38
N THR A 649 2.96 1.60 15.19
CA THR A 649 1.75 1.78 14.40
C THR A 649 1.98 1.55 12.92
N ILE A 650 3.06 2.10 12.36
CA ILE A 650 3.30 1.95 10.94
C ILE A 650 4.19 0.72 10.70
N LEU A 651 4.35 -0.09 11.73
CA LEU A 651 4.29 -1.53 11.51
C LEU A 651 2.86 -1.96 11.31
N LEU A 652 2.02 -1.80 12.35
CA LEU A 652 0.76 -2.51 12.45
C LEU A 652 -0.26 -2.04 11.43
N LEU A 653 -0.19 -0.80 10.99
CA LEU A 653 -1.05 -0.39 9.90
C LEU A 653 -0.58 -0.98 8.58
N LEU A 654 0.70 -0.92 8.30
CA LEU A 654 1.23 -1.61 7.15
C LEU A 654 1.21 -3.12 7.35
N ASN A 655 1.22 -3.59 8.60
CA ASN A 655 1.25 -5.03 8.83
C ASN A 655 -0.10 -5.66 8.59
N LEU A 656 -1.10 -5.22 9.30
CA LEU A 656 -2.30 -6.03 9.41
C LEU A 656 -3.49 -5.38 8.76
N VAL A 657 -3.46 -4.08 8.54
CA VAL A 657 -4.45 -3.51 7.67
C VAL A 657 -4.07 -3.75 6.22
N VAL A 658 -2.95 -3.18 5.79
CA VAL A 658 -2.75 -2.98 4.35
C VAL A 658 -2.24 -4.27 3.72
N ALA A 659 -1.61 -5.12 4.50
CA ALA A 659 -1.13 -6.37 3.91
C ALA A 659 -2.25 -7.38 3.78
N PHE A 660 -3.25 -7.31 4.65
CA PHE A 660 -4.38 -8.23 4.51
C PHE A 660 -5.23 -7.96 3.31
N VAL A 661 -5.60 -6.70 3.09
CA VAL A 661 -6.49 -6.32 1.99
C VAL A 661 -5.89 -6.74 0.65
N LEU A 662 -4.57 -6.66 0.54
CA LEU A 662 -3.94 -7.15 -0.68
C LEU A 662 -3.95 -8.67 -0.71
N GLU A 663 -3.83 -9.31 0.44
CA GLU A 663 -4.00 -10.76 0.46
C GLU A 663 -5.45 -11.15 0.32
N ALA A 664 -6.36 -10.38 0.92
CA ALA A 664 -7.76 -10.79 0.93
C ALA A 664 -8.39 -10.59 -0.43
N PHE A 665 -7.96 -9.57 -1.16
CA PHE A 665 -8.54 -9.35 -2.48
C PHE A 665 -8.13 -10.45 -3.42
N PHE A 666 -6.88 -10.91 -3.33
CA PHE A 666 -6.40 -11.91 -4.27
C PHE A 666 -6.97 -13.27 -3.93
N THR A 667 -7.46 -13.42 -2.71
CA THR A 667 -8.29 -14.57 -2.38
C THR A 667 -9.65 -14.45 -3.07
N GLU A 668 -10.23 -13.25 -3.05
CA GLU A 668 -11.57 -13.10 -3.60
C GLU A 668 -11.53 -12.98 -5.11
N LEU A 669 -10.44 -12.46 -5.65
CA LEU A 669 -10.39 -12.20 -7.09
C LEU A 669 -10.24 -13.48 -7.87
N ASP A 670 -9.33 -14.36 -7.47
CA ASP A 670 -9.03 -15.51 -8.30
C ASP A 670 -10.13 -16.55 -8.24
N LEU A 671 -10.86 -16.60 -7.11
CA LEU A 671 -12.01 -17.50 -7.01
C LEU A 671 -13.08 -17.12 -8.02
N GLU A 672 -13.26 -15.82 -8.28
CA GLU A 672 -14.14 -15.41 -9.37
C GLU A 672 -13.52 -15.72 -10.72
N GLU A 673 -12.19 -15.65 -10.80
CA GLU A 673 -11.52 -15.92 -12.07
C GLU A 673 -11.49 -17.42 -12.35
N GLU A 674 -11.49 -18.24 -11.30
CA GLU A 674 -11.37 -19.68 -11.51
C GLU A 674 -12.74 -20.35 -11.67
N GLU A 675 -13.73 -19.95 -10.87
CA GLU A 675 -14.98 -20.70 -10.77
C GLU A 675 -15.78 -20.66 -12.06
N LYS A 676 -15.60 -19.59 -12.85
CA LYS A 676 -16.22 -19.57 -14.19
C LYS A 676 -15.56 -20.58 -15.10
N CYS A 677 -14.24 -20.77 -14.98
CA CYS A 677 -13.56 -21.78 -15.77
C CYS A 677 -13.61 -23.15 -15.10
N GLN A 678 -13.46 -23.18 -13.77
CA GLN A 678 -13.44 -24.46 -13.07
C GLN A 678 -14.83 -25.06 -12.91
N GLY A 679 -15.88 -24.25 -13.03
CA GLY A 679 -17.24 -24.78 -12.94
C GLY A 679 -17.61 -25.63 -14.14
N GLN A 680 -16.86 -25.47 -15.24
CA GLN A 680 -16.99 -26.39 -16.36
C GLN A 680 -16.34 -27.74 -16.03
N ASP A 681 -15.44 -27.76 -15.06
CA ASP A 681 -14.85 -29.02 -14.61
C ASP A 681 -15.48 -29.48 -13.30
N SER A 682 -15.81 -28.54 -12.41
CA SER A 682 -16.43 -28.91 -11.13
C SER A 682 -17.85 -29.41 -11.33
N GLN A 683 -18.51 -28.94 -12.39
CA GLN A 683 -19.84 -29.35 -12.90
C GLN A 683 -20.94 -29.56 -11.85
N SEP B 12 33.55 -7.81 -30.54
CA SEP B 12 33.23 -6.46 -30.95
CB SEP B 12 34.32 -5.48 -30.51
OG SEP B 12 33.94 -4.15 -30.77
C SEP B 12 33.03 -6.38 -32.46
O SEP B 12 33.80 -5.73 -33.16
P SEP B 12 35.24 -3.25 -31.09
O1P SEP B 12 34.84 -1.69 -31.01
O2P SEP B 12 35.77 -3.59 -32.57
O3P SEP B 12 36.40 -3.56 -30.01
N GLU B 13 31.99 -7.04 -32.97
CA GLU B 13 31.71 -7.04 -34.39
C GLU B 13 31.06 -5.73 -34.83
N ALA B 14 30.69 -5.65 -36.11
CA ALA B 14 30.13 -4.42 -36.65
C ALA B 14 28.66 -4.26 -36.26
N ILE B 15 28.14 -3.06 -36.46
CA ILE B 15 26.72 -2.79 -36.22
C ILE B 15 26.10 -2.45 -37.57
N TPO B 16 26.88 -1.81 -38.43
CA TPO B 16 26.56 -1.62 -39.84
CB TPO B 16 27.45 -0.53 -40.46
CG2 TPO B 16 28.84 -0.53 -39.81
OG1 TPO B 16 27.55 -0.61 -41.90
P TPO B 16 27.52 0.89 -42.46
O1P TPO B 16 26.49 1.76 -41.58
O2P TPO B 16 27.03 0.87 -44.00
O3P TPO B 16 28.86 1.51 -42.40
C TPO B 16 26.72 -2.98 -40.53
O TPO B 16 27.75 -3.31 -41.11
N HIS B 17 25.68 -3.78 -40.42
CA HIS B 17 25.84 -5.21 -40.48
C HIS B 17 24.67 -5.90 -41.17
N GLY B 18 23.55 -5.19 -41.24
CA GLY B 18 22.41 -5.64 -42.00
C GLY B 18 22.45 -5.01 -43.38
N TPO B 19 23.60 -4.44 -43.71
CA TPO B 19 23.83 -3.80 -45.00
CB TPO B 19 24.25 -2.29 -44.81
CG2 TPO B 19 24.33 -1.93 -43.33
OG1 TPO B 19 25.57 -2.14 -45.31
P TPO B 19 25.65 -0.93 -46.36
O1P TPO B 19 25.49 0.35 -45.65
O2P TPO B 19 27.07 -0.97 -47.10
O3P TPO B 19 24.47 -1.10 -47.46
C TPO B 19 24.85 -4.55 -45.86
O TPO B 19 24.75 -4.51 -47.09
N PRO B 20 25.84 -5.23 -45.25
CA PRO B 20 26.36 -6.32 -46.08
C PRO B 20 25.32 -7.44 -46.21
N PHE B 21 24.72 -7.82 -45.08
CA PHE B 21 23.45 -8.55 -45.04
C PHE B 21 23.55 -9.95 -45.62
N GLN B 22 24.59 -10.70 -45.24
CA GLN B 22 24.63 -12.09 -45.63
C GLN B 22 23.66 -12.90 -44.78
N LYS B 23 23.36 -14.11 -45.24
CA LYS B 23 22.67 -15.07 -44.38
C LYS B 23 23.56 -15.43 -43.20
N ALA B 24 24.87 -15.49 -43.44
CA ALA B 24 25.81 -15.66 -42.34
C ALA B 24 25.91 -14.39 -41.51
N ALA B 25 26.04 -13.24 -42.16
CA ALA B 25 26.38 -12.03 -41.43
C ALA B 25 25.18 -11.45 -40.70
N ALA B 26 24.06 -11.22 -41.41
CA ALA B 26 22.99 -10.38 -40.87
C ALA B 26 22.21 -11.06 -39.75
N LEU B 27 22.51 -12.34 -39.47
CA LEU B 27 21.87 -13.03 -38.37
C LEU B 27 22.18 -12.38 -37.03
N VAL B 28 23.46 -12.14 -36.73
CA VAL B 28 23.86 -11.82 -35.37
C VAL B 28 23.47 -10.39 -35.03
N ASP B 29 23.21 -9.57 -36.04
CA ASP B 29 22.60 -8.28 -35.80
C ASP B 29 21.17 -8.45 -35.32
N LEU B 30 20.45 -9.42 -35.90
CA LEU B 30 19.12 -9.73 -35.40
C LEU B 30 19.22 -10.41 -34.04
N ALA B 31 20.25 -11.22 -33.84
CA ALA B 31 20.47 -11.82 -32.53
C ALA B 31 20.89 -10.78 -31.52
N GLU B 32 21.52 -9.70 -31.98
CA GLU B 32 21.74 -8.55 -31.12
C GLU B 32 20.42 -7.90 -30.74
N ASP B 33 19.44 -7.94 -31.65
CA ASP B 33 18.19 -7.24 -31.43
C ASP B 33 17.29 -7.99 -30.48
N GLY B 34 17.62 -9.23 -30.15
CA GLY B 34 16.85 -9.94 -29.15
C GLY B 34 17.37 -9.70 -27.74
N ILE B 35 18.68 -9.46 -27.62
CA ILE B 35 19.33 -9.48 -26.31
C ILE B 35 19.11 -8.16 -25.58
N GLY B 36 19.51 -7.05 -26.20
CA GLY B 36 19.19 -5.75 -25.63
C GLY B 36 17.74 -5.38 -25.86
N LEU B 37 17.07 -6.11 -26.77
CA LEU B 37 15.70 -5.93 -27.24
C LEU B 37 15.34 -4.50 -27.64
N PRO B 38 15.88 -3.95 -28.75
CA PRO B 38 15.21 -2.81 -29.36
C PRO B 38 14.26 -3.24 -30.46
N VAL B 39 13.15 -2.53 -30.60
CA VAL B 39 12.23 -2.81 -31.69
C VAL B 39 12.82 -2.29 -32.99
N GLU B 40 12.40 -2.89 -34.09
CA GLU B 40 12.44 -2.18 -35.35
C GLU B 40 11.05 -2.18 -35.96
N ILE B 41 10.84 -1.23 -36.88
CA ILE B 41 9.51 -1.00 -37.42
C ILE B 41 9.08 -2.17 -38.27
N LEU B 42 7.77 -2.38 -38.33
CA LEU B 42 7.23 -3.51 -39.06
C LEU B 42 7.42 -3.35 -40.55
N ASP B 43 7.54 -2.10 -41.01
CA ASP B 43 7.99 -1.82 -42.37
C ASP B 43 9.40 -2.35 -42.57
N GLN B 44 10.29 -2.09 -41.61
CA GLN B 44 11.64 -2.61 -41.70
C GLN B 44 11.69 -4.09 -41.34
N SER B 45 10.69 -4.57 -40.60
CA SER B 45 10.67 -5.97 -40.23
C SER B 45 10.22 -6.84 -41.39
N SER B 46 9.35 -6.31 -42.25
CA SER B 46 8.83 -7.09 -43.37
C SER B 46 9.89 -7.30 -44.44
N PHE B 47 10.41 -6.21 -45.01
CA PHE B 47 11.46 -6.31 -46.01
C PHE B 47 12.33 -5.08 -45.90
N GLY B 48 13.17 -4.89 -46.92
CA GLY B 48 14.04 -3.74 -46.96
C GLY B 48 15.29 -3.94 -46.12
N GLU B 49 16.43 -3.60 -46.72
CA GLU B 49 17.70 -3.81 -46.05
C GLU B 49 18.55 -2.56 -46.21
N SER B 50 19.76 -2.65 -45.62
CA SER B 50 20.78 -1.62 -45.80
C SER B 50 21.35 -1.65 -47.21
N ALA B 51 21.21 -2.77 -47.91
CA ALA B 51 21.43 -2.74 -49.35
C ALA B 51 20.30 -1.99 -50.05
N ARG B 52 19.10 -1.97 -49.45
CA ARG B 52 17.94 -1.36 -50.10
C ARG B 52 17.78 0.11 -49.70
N TYR B 53 18.76 0.66 -48.97
CA TYR B 53 18.82 2.06 -48.53
C TYR B 53 17.60 2.52 -47.75
N TYR B 54 17.11 1.67 -46.85
CA TYR B 54 16.12 2.07 -45.88
C TYR B 54 16.52 1.74 -44.46
N PHE B 55 17.17 0.59 -44.26
CA PHE B 55 17.66 0.15 -42.97
C PHE B 55 18.90 0.93 -42.53
N ILE B 56 19.59 1.57 -43.48
CA ILE B 56 20.62 2.54 -43.13
C ILE B 56 20.00 3.70 -42.36
N PHE B 57 18.82 4.13 -42.79
CA PHE B 57 18.18 5.25 -42.14
C PHE B 57 17.57 4.85 -40.80
N THR B 58 17.34 3.55 -40.60
CA THR B 58 16.91 3.06 -39.29
C THR B 58 17.99 3.27 -38.26
N ARG B 59 19.21 2.82 -38.55
CA ARG B 59 20.31 3.02 -37.61
C ARG B 59 20.79 4.47 -37.65
N LEU B 60 20.47 5.20 -38.71
CA LEU B 60 20.76 6.63 -38.71
C LEU B 60 19.86 7.38 -37.73
N ASP B 61 18.65 6.87 -37.50
CA ASP B 61 17.75 7.46 -36.52
C ASP B 61 18.32 7.32 -35.12
N LEU B 62 18.91 6.17 -34.81
CA LEU B 62 19.37 5.91 -33.46
C LEU B 62 20.72 6.58 -33.20
N ILE B 63 21.34 7.15 -34.23
CA ILE B 63 22.50 8.02 -34.01
C ILE B 63 22.05 9.31 -33.34
N TRP B 64 21.01 9.94 -33.88
CA TRP B 64 20.52 11.21 -33.39
C TRP B 64 19.53 11.08 -32.25
N SER B 65 19.57 9.97 -31.52
CA SER B 65 18.66 9.77 -30.40
C SER B 65 18.94 10.76 -29.28
N LEU B 66 20.21 10.93 -28.92
CA LEU B 66 20.57 11.87 -27.88
C LEU B 66 20.36 13.30 -28.36
N ASN B 67 20.39 13.52 -29.67
CA ASN B 67 19.99 14.81 -30.20
C ASN B 67 18.50 15.06 -29.95
N TYR B 68 17.71 14.00 -30.05
CA TYR B 68 16.27 14.15 -29.92
C TYR B 68 15.85 14.36 -28.47
N PHE B 69 16.41 13.57 -27.56
CA PHE B 69 16.06 13.73 -26.14
C PHE B 69 16.64 15.02 -25.58
N ALA B 70 17.70 15.53 -26.20
CA ALA B 70 18.14 16.88 -25.85
C ALA B 70 17.11 17.90 -26.30
N LEU B 71 16.39 17.60 -27.38
CA LEU B 71 15.36 18.53 -27.82
C LEU B 71 14.10 18.37 -26.98
N LEU B 72 13.77 17.15 -26.58
CA LEU B 72 12.48 16.92 -25.95
C LEU B 72 12.41 17.58 -24.59
N PHE B 73 13.52 17.61 -23.87
CA PHE B 73 13.54 18.37 -22.63
C PHE B 73 13.76 19.85 -22.90
N LEU B 74 14.32 20.18 -24.07
CA LEU B 74 14.47 21.60 -24.42
C LEU B 74 13.11 22.22 -24.70
N ASN B 75 12.25 21.47 -25.37
CA ASN B 75 10.89 21.93 -25.61
C ASN B 75 10.09 21.95 -24.32
N PHE B 76 10.32 20.96 -23.47
CA PHE B 76 9.47 20.74 -22.32
C PHE B 76 9.77 21.78 -21.24
N PHE B 77 11.01 22.25 -21.17
CA PHE B 77 11.40 23.16 -20.11
C PHE B 77 11.16 24.59 -20.52
N GLU B 78 10.55 24.80 -21.69
CA GLU B 78 10.21 26.16 -22.08
C GLU B 78 9.06 26.69 -21.25
N GLN B 79 8.18 25.80 -20.84
CA GLN B 79 6.98 26.12 -20.09
C GLN B 79 7.23 26.81 -18.75
N PRO B 80 8.32 26.56 -18.01
CA PRO B 80 8.64 27.51 -16.94
C PRO B 80 9.11 28.85 -17.48
N LEU B 81 9.85 28.84 -18.59
CA LEU B 81 10.54 30.04 -19.01
C LEU B 81 9.63 30.99 -19.78
N TRP B 82 8.57 30.45 -20.39
CA TRP B 82 7.54 31.30 -20.97
C TRP B 82 6.78 32.02 -19.87
N CYS B 83 6.18 33.14 -20.21
CA CYS B 83 5.69 34.05 -19.18
C CYS B 83 4.32 33.59 -18.65
N GLU B 84 3.70 34.47 -17.88
CA GLU B 84 2.35 34.26 -17.38
C GLU B 84 1.35 34.33 -18.53
N LYS B 85 0.12 33.87 -18.28
CA LYS B 85 -0.95 34.06 -19.24
C LYS B 85 -1.29 35.52 -19.41
N ASN B 86 -1.27 36.29 -18.33
CA ASN B 86 -1.58 37.72 -18.39
C ASN B 86 -0.47 38.59 -17.81
N PRO B 87 0.63 38.77 -18.52
CA PRO B 87 1.56 39.82 -18.11
C PRO B 87 1.02 41.22 -18.43
N LYS B 88 0.62 41.42 -19.67
CA LYS B 88 0.24 42.72 -20.20
C LYS B 88 -1.14 43.22 -19.77
N PRO B 89 -2.19 42.38 -19.62
CA PRO B 89 -3.41 42.91 -18.98
C PRO B 89 -3.20 43.28 -17.51
N SER B 90 -2.19 42.72 -16.86
CA SER B 90 -2.01 42.93 -15.43
C SER B 90 -1.32 44.25 -15.13
N CYS B 91 -1.82 44.94 -14.11
CA CYS B 91 -1.17 46.14 -13.62
C CYS B 91 -0.11 45.80 -12.59
N LYS B 92 0.87 46.70 -12.46
CA LYS B 92 2.11 46.47 -11.71
C LYS B 92 2.80 45.19 -12.17
N ASP B 93 3.17 45.16 -13.45
CA ASP B 93 3.57 43.91 -14.09
C ASP B 93 4.98 43.50 -13.69
N ARG B 94 5.92 44.45 -13.64
CA ARG B 94 7.32 44.09 -13.45
C ARG B 94 7.65 43.81 -12.00
N ASP B 95 6.77 44.21 -11.09
CA ASP B 95 6.96 43.94 -9.67
C ASP B 95 6.71 42.46 -9.39
N TYR B 96 7.22 41.99 -8.26
CA TYR B 96 6.94 40.63 -7.79
C TYR B 96 6.09 40.69 -6.54
N TYR B 97 4.80 40.53 -6.73
CA TYR B 97 3.85 40.30 -5.65
C TYR B 97 3.65 38.79 -5.54
N TYR B 98 4.64 38.14 -4.90
CA TYR B 98 4.70 36.69 -4.63
C TYR B 98 4.78 35.88 -5.91
N LEU B 99 5.57 36.36 -6.86
CA LEU B 99 5.79 35.65 -8.10
C LEU B 99 7.10 34.90 -8.00
N GLY B 100 7.53 34.35 -9.13
CA GLY B 100 8.57 33.35 -9.11
C GLY B 100 9.97 33.94 -9.09
N GLU B 101 10.91 33.15 -9.61
CA GLU B 101 12.32 33.55 -9.62
C GLU B 101 12.83 33.76 -11.03
N LEU B 102 12.30 32.99 -11.98
CA LEU B 102 12.92 32.85 -13.29
C LEU B 102 12.78 34.12 -14.12
N PRO B 103 13.70 34.36 -15.03
CA PRO B 103 13.48 35.39 -16.03
C PRO B 103 12.50 34.90 -17.08
N TYR B 104 11.48 35.69 -17.36
CA TYR B 104 10.53 35.32 -18.38
C TYR B 104 11.03 35.81 -19.72
N LEU B 105 11.00 34.93 -20.71
CA LEU B 105 11.65 35.23 -21.98
C LEU B 105 10.86 36.26 -22.77
N THR B 106 11.58 37.22 -23.33
CA THR B 106 10.94 38.24 -24.16
C THR B 106 10.51 37.62 -25.48
N ASN B 107 9.61 38.34 -26.17
CA ASN B 107 8.92 37.77 -27.32
C ASN B 107 9.86 37.54 -28.49
N ALA B 108 10.83 38.42 -28.67
CA ALA B 108 11.87 38.18 -29.67
C ALA B 108 12.73 37.00 -29.28
N GLU B 109 13.03 36.88 -27.97
CA GLU B 109 13.76 35.72 -27.49
C GLU B 109 12.87 34.47 -27.51
N SER B 110 11.56 34.68 -27.42
CA SER B 110 10.63 33.55 -27.40
C SER B 110 10.60 32.85 -28.75
N ILE B 111 10.76 33.61 -29.83
CA ILE B 111 10.69 33.05 -31.17
C ILE B 111 11.89 32.15 -31.43
N ILE B 112 13.07 32.58 -30.99
CA ILE B 112 14.32 31.90 -31.33
C ILE B 112 14.36 30.51 -30.73
N TYR B 113 13.89 30.38 -29.49
CA TYR B 113 13.97 29.11 -28.78
C TYR B 113 12.93 28.12 -29.29
N GLU B 114 11.96 28.60 -30.07
CA GLU B 114 10.92 27.73 -30.59
C GLU B 114 11.19 27.31 -32.02
N VAL B 115 11.71 28.22 -32.83
CA VAL B 115 11.99 27.90 -34.24
C VAL B 115 13.10 26.88 -34.34
N ILE B 116 14.12 27.02 -33.47
CA ILE B 116 15.14 25.99 -33.32
C ILE B 116 14.52 24.69 -32.85
N THR B 117 13.54 24.79 -31.94
CA THR B 117 12.90 23.60 -31.39
C THR B 117 12.06 22.89 -32.44
N LEU B 118 11.30 23.64 -33.23
CA LEU B 118 10.40 23.03 -34.20
C LEU B 118 11.15 22.36 -35.33
N ALA B 119 12.27 22.95 -35.76
CA ALA B 119 12.98 22.43 -36.92
C ALA B 119 13.53 21.05 -36.65
N ILE B 120 13.89 20.78 -35.40
CA ILE B 120 14.34 19.45 -35.02
C ILE B 120 13.16 18.48 -34.99
N LEU B 121 11.99 18.98 -34.58
CA LEU B 121 10.79 18.16 -34.63
C LEU B 121 10.41 17.83 -36.06
N LEU B 122 10.53 18.81 -36.95
CA LEU B 122 10.26 18.59 -38.36
C LEU B 122 11.25 17.61 -38.97
N VAL B 123 12.46 17.55 -38.44
CA VAL B 123 13.32 16.41 -38.71
C VAL B 123 12.74 15.17 -38.06
N HIS B 124 12.47 15.24 -36.76
CA HIS B 124 12.16 14.06 -35.97
C HIS B 124 10.84 13.44 -36.36
N THR B 125 9.87 14.26 -36.74
CA THR B 125 8.58 13.70 -37.12
C THR B 125 8.63 13.13 -38.52
N PHE B 126 9.36 13.78 -39.42
CA PHE B 126 9.38 13.35 -40.80
C PHE B 126 10.62 12.53 -41.15
N PHE B 127 11.46 12.21 -40.17
CA PHE B 127 12.50 11.23 -40.43
C PHE B 127 11.99 9.82 -40.76
N PRO B 128 10.86 9.32 -40.23
CA PRO B 128 10.37 8.02 -40.74
C PRO B 128 9.85 8.03 -42.17
N ILE B 129 9.80 9.18 -42.85
CA ILE B 129 9.62 9.14 -44.31
C ILE B 129 10.79 8.42 -44.96
N SER B 130 11.99 8.55 -44.39
CA SER B 130 13.19 7.99 -45.00
C SER B 130 13.21 6.46 -44.92
N TYR B 131 12.38 5.86 -44.08
CA TYR B 131 12.32 4.40 -44.02
C TYR B 131 10.91 3.86 -43.83
N GLU B 132 9.89 4.69 -44.02
CA GLU B 132 8.53 4.22 -44.28
C GLU B 132 7.94 4.96 -45.47
N GLY B 133 7.13 4.24 -46.24
CA GLY B 133 6.47 4.86 -47.37
C GLY B 133 5.43 5.87 -46.92
N SER B 134 5.25 6.90 -47.73
CA SER B 134 4.35 8.01 -47.37
C SER B 134 2.91 7.55 -47.30
N ARG B 135 2.54 6.57 -48.13
CA ARG B 135 1.19 6.02 -48.02
C ARG B 135 1.09 5.04 -46.87
N ILE B 136 2.21 4.70 -46.23
CA ILE B 136 2.20 3.87 -45.04
C ILE B 136 2.37 4.74 -43.79
N PHE B 137 3.27 5.72 -43.87
CA PHE B 137 3.56 6.63 -42.76
C PHE B 137 2.32 7.41 -42.33
N TRP B 138 1.53 7.87 -43.30
CA TRP B 138 0.30 8.58 -42.97
C TRP B 138 -0.83 7.62 -42.63
N THR B 139 -0.56 6.32 -42.65
CA THR B 139 -1.62 5.35 -42.38
C THR B 139 -1.51 4.80 -40.97
N SER B 140 -0.36 5.02 -40.33
CA SER B 140 -0.01 4.24 -39.14
C SER B 140 -0.77 4.69 -37.89
N ARG B 141 -1.53 5.80 -37.98
CA ARG B 141 -2.48 6.38 -37.02
C ARG B 141 -1.90 6.69 -35.64
N LEU B 142 -0.60 6.46 -35.44
CA LEU B 142 0.12 6.96 -34.29
C LEU B 142 0.83 8.25 -34.65
N ASN B 143 1.33 8.30 -35.88
CA ASN B 143 1.98 9.51 -36.36
C ASN B 143 0.96 10.61 -36.58
N LEU B 144 -0.27 10.22 -36.92
CA LEU B 144 -1.30 11.19 -37.30
C LEU B 144 -1.70 12.06 -36.13
N VAL B 145 -1.57 11.54 -34.91
CA VAL B 145 -1.65 12.40 -33.73
C VAL B 145 -0.45 13.33 -33.71
N LYS B 146 0.74 12.76 -33.87
CA LYS B 146 1.97 13.48 -33.60
C LYS B 146 2.26 14.52 -34.67
N VAL B 147 1.90 14.21 -35.92
CA VAL B 147 2.07 15.17 -37.01
C VAL B 147 1.19 16.38 -36.80
N ALA B 148 -0.05 16.16 -36.35
CA ALA B 148 -0.98 17.26 -36.16
C ALA B 148 -0.55 18.15 -35.01
N CYS B 149 0.12 17.58 -34.02
CA CYS B 149 0.59 18.37 -32.88
C CYS B 149 1.69 19.35 -33.31
N VAL B 150 2.46 18.97 -34.33
CA VAL B 150 3.49 19.86 -34.86
C VAL B 150 2.84 21.06 -35.53
N VAL B 151 1.73 20.82 -36.23
CA VAL B 151 1.00 21.87 -36.94
C VAL B 151 0.47 22.91 -35.96
N ILE B 152 0.08 22.46 -34.77
CA ILE B 152 -0.50 23.37 -33.78
C ILE B 152 0.54 24.34 -33.25
N LEU B 153 1.75 23.84 -33.00
CA LEU B 153 2.85 24.74 -32.65
C LEU B 153 3.22 25.64 -33.82
N PHE B 154 3.16 25.08 -35.03
CA PHE B 154 3.46 25.85 -36.22
C PHE B 154 2.47 27.00 -36.41
N VAL B 155 1.25 26.82 -35.92
CA VAL B 155 0.31 27.93 -35.85
C VAL B 155 0.76 28.95 -34.82
N ASP B 156 1.01 28.51 -33.59
CA ASP B 156 1.19 29.46 -32.50
C ASP B 156 2.56 30.12 -32.54
N VAL B 157 3.50 29.51 -33.25
CA VAL B 157 4.73 30.23 -33.58
C VAL B 157 4.43 31.34 -34.57
N LEU B 158 3.57 31.05 -35.54
CA LEU B 158 3.23 32.03 -36.57
C LEU B 158 2.43 33.18 -35.98
N VAL B 159 1.69 32.94 -34.90
CA VAL B 159 0.94 34.01 -34.24
C VAL B 159 1.90 35.00 -33.59
N ASP B 160 2.90 34.49 -32.87
CA ASP B 160 3.92 35.37 -32.31
C ASP B 160 4.85 35.87 -33.40
N PHE B 161 4.94 35.14 -34.51
CA PHE B 161 5.58 35.71 -35.69
C PHE B 161 4.75 36.86 -36.25
N LEU B 162 3.42 36.67 -36.30
CA LEU B 162 2.53 37.77 -36.67
C LEU B 162 2.41 38.77 -35.52
N TYR B 163 2.77 38.34 -34.31
CA TYR B 163 3.16 39.23 -33.21
C TYR B 163 2.04 40.11 -32.67
N PRO B 173 -7.13 31.86 -28.70
CA PRO B 173 -8.01 32.50 -27.73
C PRO B 173 -7.37 32.65 -26.35
N PHE B 174 -6.77 31.57 -25.85
CA PHE B 174 -5.99 31.60 -24.62
C PHE B 174 -4.61 30.97 -24.80
N ARG B 175 -4.10 30.94 -26.03
CA ARG B 175 -2.75 30.50 -26.37
C ARG B 175 -2.49 29.06 -25.92
N ILE B 176 -3.20 28.12 -26.55
CA ILE B 176 -3.03 26.73 -26.15
C ILE B 176 -1.87 26.15 -26.98
N ALA B 177 -0.67 26.58 -26.62
CA ALA B 177 0.61 25.95 -26.92
C ALA B 177 1.07 24.91 -25.91
N PRO B 178 1.10 25.19 -24.58
CA PRO B 178 1.93 24.33 -23.73
C PRO B 178 1.30 23.00 -23.37
N TYR B 179 0.00 22.82 -23.62
CA TYR B 179 -0.59 21.51 -23.39
C TYR B 179 -0.07 20.54 -24.43
N VAL B 180 0.12 21.04 -25.64
CA VAL B 180 0.54 20.20 -26.75
C VAL B 180 1.97 19.73 -26.56
N ARG B 181 2.81 20.63 -26.03
CA ARG B 181 4.23 20.34 -25.83
C ARG B 181 4.43 19.16 -24.91
N VAL B 182 3.56 19.01 -23.92
CA VAL B 182 3.58 17.84 -23.05
C VAL B 182 3.21 16.60 -23.85
N ILE B 183 2.15 16.71 -24.64
CA ILE B 183 1.64 15.57 -25.40
C ILE B 183 2.65 15.14 -26.45
N ILE B 184 3.37 16.10 -27.02
CA ILE B 184 4.51 15.78 -27.87
C ILE B 184 5.58 15.06 -27.06
N PHE B 185 5.81 15.52 -25.85
CA PHE B 185 6.86 14.95 -25.03
C PHE B 185 6.47 13.57 -24.51
N ILE B 186 5.16 13.34 -24.32
CA ILE B 186 4.73 12.03 -23.84
C ILE B 186 4.89 10.99 -24.93
N LEU B 187 4.41 11.31 -26.13
CA LEU B 187 4.31 10.29 -27.18
C LEU B 187 5.65 9.96 -27.78
N SER B 188 6.53 10.96 -27.86
CA SER B 188 7.82 10.79 -28.53
C SER B 188 8.67 9.78 -27.80
N ILE B 189 8.63 9.80 -26.47
CA ILE B 189 9.42 8.88 -25.70
C ILE B 189 8.77 7.51 -25.70
N ARG B 190 9.58 6.49 -25.96
CA ARG B 190 9.07 5.14 -26.04
C ARG B 190 8.61 4.63 -24.68
N GLU B 191 9.27 5.07 -23.61
CA GLU B 191 8.90 4.59 -22.28
C GLU B 191 7.56 5.15 -21.83
N LEU B 192 7.33 6.45 -22.03
CA LEU B 192 6.14 7.08 -21.52
C LEU B 192 4.90 6.64 -22.29
N ARG B 193 5.06 6.34 -23.57
CA ARG B 193 3.97 5.75 -24.32
C ARG B 193 3.66 4.35 -23.82
N ASP B 194 4.71 3.60 -23.49
CA ASP B 194 4.52 2.26 -22.93
C ASP B 194 3.86 2.32 -21.57
N THR B 195 4.12 3.38 -20.82
CA THR B 195 3.34 3.64 -19.62
C THR B 195 1.90 3.96 -19.96
N LEU B 196 1.70 4.71 -21.05
CA LEU B 196 0.40 5.30 -21.30
C LEU B 196 -0.57 4.26 -21.86
N VAL B 197 -0.04 3.16 -22.38
CA VAL B 197 -0.88 2.03 -22.72
C VAL B 197 -1.49 1.43 -21.46
N LEU B 198 -0.70 1.38 -20.38
CA LEU B 198 -1.16 0.77 -19.15
C LEU B 198 -2.21 1.63 -18.46
N LEU B 199 -2.32 2.89 -18.84
CA LEU B 199 -3.44 3.66 -18.33
C LEU B 199 -4.73 3.32 -19.06
N SER B 200 -4.75 3.50 -20.39
CA SER B 200 -5.99 3.34 -21.14
C SER B 200 -6.45 1.89 -21.17
N GLY B 201 -5.50 0.96 -21.05
CA GLY B 201 -5.86 -0.44 -20.93
C GLY B 201 -6.46 -0.78 -19.58
N MET B 202 -6.31 0.12 -18.61
CA MET B 202 -6.74 -0.19 -17.26
C MET B 202 -7.77 0.83 -16.77
N LEU B 203 -7.94 1.93 -17.51
CA LEU B 203 -8.75 3.04 -17.03
C LEU B 203 -10.22 2.67 -16.99
N GLY B 204 -10.61 1.62 -17.71
CA GLY B 204 -11.96 1.11 -17.58
C GLY B 204 -12.19 0.43 -16.24
N THR B 205 -11.12 0.05 -15.56
CA THR B 205 -11.27 -0.58 -14.26
C THR B 205 -11.21 0.46 -13.15
N TYR B 206 -10.47 1.54 -13.38
CA TYR B 206 -10.33 2.54 -12.33
C TYR B 206 -11.58 3.37 -12.21
N LEU B 207 -12.09 3.89 -13.33
CA LEU B 207 -13.32 4.68 -13.27
C LEU B 207 -14.50 3.82 -12.88
N ASN B 208 -14.41 2.52 -13.14
CA ASN B 208 -15.35 1.57 -12.58
C ASN B 208 -15.38 1.66 -11.07
N ILE B 209 -14.22 1.66 -10.43
CA ILE B 209 -14.21 1.60 -8.97
C ILE B 209 -14.35 2.99 -8.40
N LEU B 210 -14.24 4.00 -9.25
CA LEU B 210 -14.44 5.36 -8.80
C LEU B 210 -15.90 5.61 -8.45
N ALA B 211 -16.80 4.86 -9.09
CA ALA B 211 -18.22 4.93 -8.76
C ALA B 211 -18.46 4.44 -7.34
N LEU B 212 -17.99 3.23 -7.04
CA LEU B 212 -18.22 2.65 -5.73
C LEU B 212 -17.39 3.34 -4.66
N TRP B 213 -16.36 4.05 -5.09
CA TRP B 213 -15.76 5.05 -4.23
C TRP B 213 -16.73 6.17 -3.93
N MET B 214 -17.33 6.74 -4.98
CA MET B 214 -18.18 7.91 -4.82
C MET B 214 -19.46 7.55 -4.10
N LEU B 215 -19.87 6.30 -4.23
CA LEU B 215 -21.05 5.81 -3.54
C LEU B 215 -20.85 5.82 -2.03
N PHE B 216 -19.72 5.30 -1.56
CA PHE B 216 -19.48 5.29 -0.12
C PHE B 216 -18.92 6.60 0.38
N LEU B 217 -18.75 7.57 -0.50
CA LEU B 217 -18.75 8.94 0.00
C LEU B 217 -20.16 9.43 0.19
N LEU B 218 -20.97 9.38 -0.87
CA LEU B 218 -22.26 10.06 -0.90
C LEU B 218 -23.20 9.51 0.15
N PHE B 219 -23.19 8.20 0.34
CA PHE B 219 -23.96 7.59 1.41
C PHE B 219 -23.43 8.04 2.76
N ALA B 220 -22.11 8.05 2.94
CA ALA B 220 -21.58 8.41 4.24
C ALA B 220 -21.51 9.92 4.41
N SER B 221 -21.56 10.66 3.30
CA SER B 221 -21.71 12.10 3.43
C SER B 221 -23.11 12.42 3.91
N TRP B 222 -24.05 11.56 3.53
CA TRP B 222 -25.44 11.85 3.76
C TRP B 222 -25.81 11.67 5.22
N ILE B 223 -25.29 10.61 5.84
CA ILE B 223 -25.69 10.28 7.19
C ILE B 223 -25.18 11.31 8.17
N ALA B 224 -24.00 11.86 7.91
CA ALA B 224 -23.50 12.95 8.73
C ALA B 224 -24.34 14.19 8.57
N PHE B 225 -24.93 14.37 7.39
CA PHE B 225 -25.89 15.47 7.22
C PHE B 225 -27.20 15.12 7.87
N VAL B 226 -27.55 13.83 7.87
CA VAL B 226 -28.75 13.38 8.56
C VAL B 226 -28.60 13.54 10.07
N MET B 227 -27.53 12.96 10.63
CA MET B 227 -27.36 12.91 12.08
C MET B 227 -27.19 14.29 12.67
N PHE B 228 -26.44 15.15 12.01
CA PHE B 228 -25.94 16.34 12.68
C PHE B 228 -26.63 17.59 12.22
N GLU B 229 -27.89 17.50 11.83
CA GLU B 229 -28.57 18.69 11.33
C GLU B 229 -28.99 19.61 12.46
N ASN B 230 -29.74 19.10 13.42
CA ASN B 230 -30.31 19.99 14.42
C ASN B 230 -29.30 20.40 15.48
N THR B 231 -28.15 19.75 15.56
CA THR B 231 -27.17 20.08 16.58
C THR B 231 -26.33 21.30 16.18
N GLN B 232 -25.25 21.52 16.93
CA GLN B 232 -24.34 22.62 16.66
C GLN B 232 -23.57 22.39 15.36
N GLN B 233 -23.40 21.14 14.96
CA GLN B 233 -22.57 20.80 13.81
C GLN B 233 -23.15 21.35 12.52
N GLY B 234 -24.42 21.07 12.26
CA GLY B 234 -25.05 21.61 11.06
C GLY B 234 -25.19 23.12 11.10
N LEU B 235 -25.28 23.68 12.31
CA LEU B 235 -25.23 25.12 12.45
C LEU B 235 -23.86 25.66 12.05
N THR B 236 -22.79 24.93 12.36
CA THR B 236 -21.47 25.50 12.23
C THR B 236 -20.84 25.14 10.89
N VAL B 237 -20.67 23.86 10.61
CA VAL B 237 -19.96 23.44 9.40
C VAL B 237 -20.93 22.85 8.38
N PHE B 238 -21.72 21.87 8.80
CA PHE B 238 -22.52 21.08 7.86
C PHE B 238 -23.83 21.79 7.53
N THR B 239 -23.70 23.02 7.01
CA THR B 239 -24.87 23.80 6.67
C THR B 239 -25.67 23.16 5.56
N SER B 240 -25.12 23.13 4.35
CA SER B 240 -25.75 22.45 3.25
C SER B 240 -25.51 20.96 3.40
N TYR B 241 -26.24 20.17 2.62
CA TYR B 241 -25.76 18.84 2.31
C TYR B 241 -24.48 18.89 1.53
N GLY B 242 -24.39 19.83 0.59
CA GLY B 242 -23.19 19.94 -0.22
C GLY B 242 -22.01 20.43 0.59
N ALA B 243 -22.26 21.04 1.74
CA ALA B 243 -21.18 21.31 2.67
C ALA B 243 -20.60 20.03 3.22
N THR B 244 -21.41 18.97 3.35
CA THR B 244 -20.86 17.75 3.93
C THR B 244 -20.05 16.97 2.92
N LEU B 245 -20.57 16.78 1.70
CA LEU B 245 -19.82 16.09 0.66
C LEU B 245 -18.51 16.78 0.37
N TYR B 246 -18.49 18.10 0.50
CA TYR B 246 -17.24 18.82 0.50
C TYR B 246 -16.35 18.41 1.66
N GLN B 247 -16.87 18.49 2.89
CA GLN B 247 -16.04 18.21 4.07
C GLN B 247 -15.66 16.76 4.16
N MET B 248 -16.62 15.85 4.04
CA MET B 248 -16.36 14.44 4.27
C MET B 248 -15.48 13.84 3.18
N PHE B 249 -15.36 14.53 2.05
CA PHE B 249 -14.36 14.14 1.08
C PHE B 249 -12.96 14.43 1.58
N ILE B 250 -12.79 15.56 2.25
CA ILE B 250 -11.48 15.90 2.78
C ILE B 250 -11.10 14.90 3.86
N LEU B 251 -12.09 14.44 4.62
CA LEU B 251 -11.79 13.45 5.65
C LEU B 251 -11.59 12.08 5.05
N PHE B 252 -11.97 11.87 3.79
CA PHE B 252 -11.52 10.65 3.15
C PHE B 252 -10.02 10.70 2.92
N THR B 253 -9.49 11.90 2.74
CA THR B 253 -8.06 12.04 2.59
C THR B 253 -7.39 12.13 3.96
N THR B 254 -8.17 12.44 5.00
CA THR B 254 -7.75 12.71 6.38
C THR B 254 -6.69 13.78 6.50
N SER B 255 -6.69 14.76 5.63
CA SER B 255 -5.74 15.83 5.81
C SER B 255 -6.35 16.98 6.56
N ASN B 256 -7.52 16.77 7.13
CA ASN B 256 -8.14 17.77 7.98
C ASN B 256 -8.86 17.13 9.16
N ASN B 257 -8.21 16.21 9.85
CA ASN B 257 -8.97 15.23 10.61
C ASN B 257 -9.70 15.78 11.84
N PRO B 258 -9.07 16.37 12.87
CA PRO B 258 -9.92 16.73 14.01
C PRO B 258 -10.67 18.04 13.81
N ASP B 259 -10.18 18.95 12.96
CA ASP B 259 -10.79 20.27 12.76
C ASP B 259 -12.22 20.18 12.25
N VAL B 260 -12.55 19.10 11.55
CA VAL B 260 -13.92 18.94 11.09
C VAL B 260 -14.83 18.69 12.27
N TRP B 261 -14.54 17.66 13.05
CA TRP B 261 -15.55 17.16 13.97
C TRP B 261 -15.30 17.56 15.42
N ILE B 262 -14.57 18.65 15.66
CA ILE B 262 -14.56 19.25 16.99
C ILE B 262 -15.95 19.65 17.47
N PRO B 263 -16.74 20.49 16.78
CA PRO B 263 -18.00 20.90 17.40
C PRO B 263 -19.05 19.83 17.39
N ALA B 264 -18.83 18.75 16.63
CA ALA B 264 -19.61 17.55 16.86
C ALA B 264 -19.12 16.83 18.10
N TYR B 265 -17.83 16.93 18.41
CA TYR B 265 -17.32 16.24 19.59
C TYR B 265 -17.48 17.08 20.84
N LYS B 266 -17.28 18.40 20.69
CA LYS B 266 -17.39 19.33 21.81
C LYS B 266 -18.80 19.36 22.39
N SER B 267 -19.80 19.12 21.55
CA SER B 267 -21.17 19.06 22.03
C SER B 267 -21.45 17.72 22.69
N SER B 268 -21.37 16.63 21.92
CA SER B 268 -21.56 15.31 22.49
C SER B 268 -20.30 14.50 22.27
N ARG B 269 -19.82 13.88 23.35
CA ARG B 269 -18.61 13.08 23.23
C ARG B 269 -18.86 11.81 22.46
N TRP B 270 -20.07 11.24 22.57
CA TRP B 270 -20.43 10.02 21.86
C TRP B 270 -20.52 10.18 20.35
N SER B 271 -20.38 11.39 19.81
CA SER B 271 -20.40 11.53 18.36
C SER B 271 -19.08 11.15 17.74
N SER B 272 -18.09 10.83 18.56
CA SER B 272 -16.80 10.38 18.04
C SER B 272 -16.90 9.01 17.42
N VAL B 273 -17.90 8.23 17.82
CA VAL B 273 -18.01 6.84 17.39
C VAL B 273 -18.37 6.77 15.92
N PHE B 274 -19.00 7.82 15.41
CA PHE B 274 -19.20 7.95 13.98
C PHE B 274 -17.87 8.08 13.26
N PHE B 275 -17.12 9.14 13.59
CA PHE B 275 -15.99 9.55 12.77
C PHE B 275 -14.86 8.56 12.81
N VAL B 276 -14.65 7.93 13.97
CA VAL B 276 -13.60 6.94 14.04
C VAL B 276 -14.04 5.65 13.37
N LEU B 277 -15.35 5.51 13.13
CA LEU B 277 -15.79 4.39 12.32
C LEU B 277 -15.69 4.74 10.84
N TYR B 278 -15.85 6.03 10.51
CA TYR B 278 -15.86 6.42 9.11
C TYR B 278 -14.48 6.33 8.50
N VAL B 279 -13.46 6.77 9.23
CA VAL B 279 -12.12 6.86 8.67
C VAL B 279 -11.51 5.47 8.52
N LEU B 280 -11.80 4.57 9.47
CA LEU B 280 -11.47 3.16 9.34
C LEU B 280 -11.99 2.56 8.05
N ILE B 281 -13.28 2.75 7.78
CA ILE B 281 -13.81 2.35 6.50
C ILE B 281 -13.19 3.18 5.39
N GLY B 282 -13.01 4.47 5.65
CA GLY B 282 -12.48 5.41 4.67
C GLY B 282 -11.07 5.08 4.27
N VAL B 283 -10.12 5.23 5.19
CA VAL B 283 -8.74 4.97 4.82
C VAL B 283 -8.48 3.48 4.79
N TYR B 284 -8.66 2.81 5.91
CA TYR B 284 -8.07 1.49 6.10
C TYR B 284 -8.79 0.41 5.31
N PHE B 285 -10.05 0.61 4.97
CA PHE B 285 -10.73 -0.42 4.21
C PHE B 285 -10.88 -0.06 2.74
N VAL B 286 -11.31 1.15 2.44
CA VAL B 286 -11.58 1.48 1.05
C VAL B 286 -10.28 1.77 0.31
N THR B 287 -9.42 2.61 0.88
CA THR B 287 -8.29 3.13 0.13
C THR B 287 -7.27 2.04 -0.16
N ASN B 288 -7.17 1.08 0.74
CA ASN B 288 -6.45 -0.13 0.42
C ASN B 288 -7.16 -0.92 -0.66
N LEU B 289 -8.48 -1.01 -0.58
CA LEU B 289 -9.19 -1.78 -1.61
C LEU B 289 -9.20 -1.06 -2.94
N ILE B 290 -9.06 0.25 -2.94
CA ILE B 290 -8.77 0.92 -4.20
C ILE B 290 -7.39 0.52 -4.68
N LEU B 291 -6.43 0.44 -3.77
CA LEU B 291 -5.08 0.02 -4.13
C LEU B 291 -5.05 -1.46 -4.47
N ALA B 292 -5.93 -2.24 -3.87
CA ALA B 292 -5.99 -3.66 -4.19
C ALA B 292 -6.44 -3.89 -5.62
N VAL B 293 -7.39 -3.07 -6.10
CA VAL B 293 -7.85 -3.22 -7.47
C VAL B 293 -6.78 -2.78 -8.44
N VAL B 294 -6.23 -1.59 -8.21
CA VAL B 294 -5.35 -0.94 -9.18
C VAL B 294 -4.03 -1.71 -9.28
N TYR B 295 -3.57 -2.27 -8.18
CA TYR B 295 -2.41 -3.16 -8.24
C TYR B 295 -2.76 -4.48 -8.90
N ASP B 296 -3.99 -4.95 -8.75
CA ASP B 296 -4.37 -6.20 -9.41
C ASP B 296 -4.64 -5.96 -10.88
N SER B 297 -5.20 -4.80 -11.21
CA SER B 297 -5.44 -4.48 -12.61
C SER B 297 -4.15 -4.10 -13.30
N PHE B 298 -3.14 -3.74 -12.50
CA PHE B 298 -1.81 -3.51 -13.05
C PHE B 298 -1.20 -4.79 -13.59
N LYS B 299 -1.41 -5.90 -12.88
CA LYS B 299 -0.78 -7.17 -13.24
C LYS B 299 -1.23 -7.65 -14.61
N GLU B 300 -2.52 -7.50 -14.91
CA GLU B 300 -3.02 -7.92 -16.20
C GLU B 300 -2.50 -7.02 -17.30
N GLN B 301 -2.45 -5.72 -17.06
CA GLN B 301 -1.95 -4.82 -18.08
C GLN B 301 -0.45 -4.97 -18.26
N LEU B 302 0.26 -5.27 -17.18
CA LEU B 302 1.70 -5.47 -17.31
C LEU B 302 1.98 -6.76 -18.05
N ALA B 303 1.14 -7.77 -17.85
CA ALA B 303 1.28 -9.02 -18.61
C ALA B 303 1.03 -8.79 -20.09
N LYS B 304 0.11 -7.89 -20.43
CA LYS B 304 -0.16 -7.61 -21.83
C LYS B 304 0.98 -6.85 -22.46
N GLN B 305 1.68 -6.03 -21.69
CA GLN B 305 2.84 -5.35 -22.25
C GLN B 305 4.01 -6.32 -22.39
N VAL B 306 4.16 -7.24 -21.44
CA VAL B 306 5.24 -8.22 -21.53
C VAL B 306 4.99 -9.19 -22.68
N SER B 307 3.76 -9.68 -22.81
CA SER B 307 3.45 -10.55 -23.94
C SER B 307 3.45 -9.77 -25.24
N GLY B 308 3.11 -8.48 -25.19
CA GLY B 308 3.28 -7.64 -26.36
C GLY B 308 4.75 -7.40 -26.67
N MET B 309 5.60 -7.49 -25.64
CA MET B 309 7.02 -7.39 -25.88
C MET B 309 7.58 -8.70 -26.43
N ASP B 310 7.02 -9.81 -26.01
CA ASP B 310 7.61 -11.09 -26.37
C ASP B 310 7.16 -11.54 -27.75
N GLN B 311 5.98 -11.09 -28.18
CA GLN B 311 5.59 -11.30 -29.57
C GLN B 311 6.49 -10.54 -30.51
N MET B 312 7.05 -9.41 -30.05
CA MET B 312 8.05 -8.72 -30.85
C MET B 312 9.30 -9.57 -30.97
N LYS B 313 9.62 -10.33 -29.93
CA LYS B 313 10.83 -11.14 -29.94
C LYS B 313 10.73 -12.29 -30.93
N ARG B 314 9.66 -13.07 -30.86
CA ARG B 314 9.51 -14.21 -31.76
C ARG B 314 9.31 -13.76 -33.19
N ARG B 315 8.60 -12.64 -33.40
CA ARG B 315 8.42 -12.14 -34.75
C ARG B 315 9.73 -11.59 -35.31
N MET B 316 10.63 -11.16 -34.44
CA MET B 316 11.97 -10.83 -34.91
C MET B 316 12.82 -12.08 -35.05
N LEU B 317 12.53 -13.12 -34.28
CA LEU B 317 13.27 -14.36 -34.47
C LEU B 317 12.79 -15.11 -35.69
N GLU B 318 11.55 -14.85 -36.11
CA GLU B 318 11.04 -15.46 -37.34
C GLU B 318 11.78 -14.94 -38.55
N LYS B 319 12.15 -13.66 -38.53
CA LYS B 319 13.01 -13.14 -39.57
C LYS B 319 14.40 -13.74 -39.47
N ALA B 320 14.82 -14.08 -38.25
CA ALA B 320 16.13 -14.70 -38.07
C ALA B 320 16.12 -16.16 -38.51
N PHE B 321 15.03 -16.88 -38.20
CA PHE B 321 14.94 -18.28 -38.60
C PHE B 321 14.76 -18.40 -40.11
N GLY B 322 14.11 -17.39 -40.72
CA GLY B 322 13.95 -17.40 -42.16
C GLY B 322 15.19 -16.96 -42.90
N LEU B 323 16.08 -16.24 -42.21
CA LEU B 323 17.31 -15.79 -42.85
C LEU B 323 18.26 -16.96 -43.05
N ILE B 324 18.16 -17.99 -42.22
CA ILE B 324 19.07 -19.12 -42.33
C ILE B 324 18.46 -20.23 -43.16
N ASP B 325 17.18 -20.56 -42.90
CA ASP B 325 16.52 -21.69 -43.53
C ASP B 325 16.16 -21.33 -44.97
N SER B 326 17.19 -21.28 -45.82
CA SER B 326 16.99 -20.87 -47.20
C SER B 326 16.39 -22.02 -48.02
N ASP B 327 16.50 -23.24 -47.52
CA ASP B 327 15.82 -24.36 -48.15
C ASP B 327 14.32 -24.34 -47.86
N LYS B 328 13.91 -23.50 -46.89
CA LYS B 328 12.50 -23.18 -46.60
C LYS B 328 11.73 -24.40 -46.09
N ASN B 329 12.45 -25.40 -45.59
CA ASN B 329 11.81 -26.61 -45.09
C ASN B 329 11.50 -26.54 -43.60
N GLY B 330 12.00 -25.54 -42.90
CA GLY B 330 11.78 -25.43 -41.48
C GLY B 330 12.77 -26.18 -40.61
N GLU B 331 13.76 -26.84 -41.21
CA GLU B 331 14.77 -27.55 -40.45
C GLU B 331 16.15 -27.13 -40.93
N ILE B 332 17.03 -26.82 -39.99
CA ILE B 332 18.34 -26.27 -40.29
C ILE B 332 19.39 -27.23 -39.78
N ASP B 333 20.43 -27.46 -40.58
CA ASP B 333 21.56 -28.27 -40.12
C ASP B 333 22.27 -27.57 -38.97
N LYS B 334 22.83 -28.37 -38.06
CA LYS B 334 23.41 -27.82 -36.84
C LYS B 334 24.69 -27.08 -37.12
N ASN B 335 25.50 -27.59 -38.05
CA ASN B 335 26.75 -26.92 -38.41
C ASN B 335 26.48 -25.59 -39.11
N GLN B 336 25.31 -25.45 -39.71
CA GLN B 336 24.90 -24.16 -40.26
C GLN B 336 24.64 -23.16 -39.15
N CYS B 337 24.21 -23.62 -37.97
CA CYS B 337 23.90 -22.68 -36.90
C CYS B 337 25.04 -22.59 -35.89
N ILE B 338 25.85 -23.65 -35.78
CA ILE B 338 27.04 -23.59 -34.94
C ILE B 338 28.03 -22.55 -35.48
N LYS B 339 28.18 -22.50 -36.81
CA LYS B 339 29.26 -21.75 -37.43
C LYS B 339 29.10 -20.25 -37.24
N LEU B 340 27.88 -19.79 -36.95
CA LEU B 340 27.65 -18.36 -36.87
C LEU B 340 27.92 -17.84 -35.48
N PHE B 341 28.22 -18.76 -34.55
CA PHE B 341 28.42 -18.36 -33.16
C PHE B 341 29.77 -17.70 -32.99
N GLU B 342 30.73 -18.03 -33.85
CA GLU B 342 31.98 -17.28 -33.87
C GLU B 342 31.78 -15.92 -34.49
N GLN B 343 30.92 -15.83 -35.50
CA GLN B 343 30.52 -14.54 -36.03
C GLN B 343 29.68 -13.79 -35.02
N LEU B 344 28.97 -14.52 -34.15
CA LEU B 344 28.28 -13.91 -33.03
C LEU B 344 29.26 -13.31 -32.04
N THR B 345 30.50 -13.81 -32.01
CA THR B 345 31.58 -13.40 -31.11
C THR B 345 31.16 -13.53 -29.65
N ASN B 346 30.39 -14.58 -29.35
CA ASN B 346 29.92 -14.77 -27.98
C ASN B 346 30.97 -15.45 -27.12
N TYR B 347 31.34 -16.67 -27.48
CA TYR B 347 32.28 -17.46 -26.69
C TYR B 347 33.50 -17.73 -27.57
N ARG B 348 34.59 -18.18 -26.94
CA ARG B 348 35.86 -18.28 -27.64
C ARG B 348 36.05 -19.65 -28.29
N THR B 349 36.06 -20.73 -27.51
CA THR B 349 36.23 -22.07 -28.06
C THR B 349 34.89 -22.78 -28.13
N LEU B 350 34.55 -23.35 -29.29
CA LEU B 350 33.23 -23.93 -29.41
C LEU B 350 33.20 -25.42 -29.81
N PRO B 351 33.86 -26.36 -29.08
CA PRO B 351 33.89 -27.73 -29.61
C PRO B 351 32.64 -28.57 -29.33
N LYS B 352 32.06 -28.44 -28.13
CA LYS B 352 30.91 -29.26 -27.74
C LYS B 352 29.91 -28.50 -26.87
N ILE B 353 29.86 -27.18 -26.98
CA ILE B 353 28.92 -26.40 -26.17
C ILE B 353 27.50 -26.65 -26.62
N SER B 354 27.26 -26.65 -27.94
CA SER B 354 25.91 -26.80 -28.48
C SER B 354 25.36 -28.19 -28.21
N LYS B 355 26.22 -29.18 -27.98
CA LYS B 355 25.76 -30.48 -27.54
C LYS B 355 25.27 -30.40 -26.10
N GLU B 356 25.88 -29.52 -25.28
CA GLU B 356 25.38 -29.30 -23.93
C GLU B 356 24.12 -28.45 -23.95
N GLU B 357 23.95 -27.63 -24.99
CA GLU B 357 22.84 -26.70 -25.04
C GLU B 357 21.51 -27.41 -25.30
N PHE B 358 21.57 -28.68 -25.72
CA PHE B 358 20.35 -29.47 -25.88
C PHE B 358 19.62 -29.67 -24.57
N GLY B 359 20.35 -30.10 -23.53
CA GLY B 359 19.70 -30.46 -22.29
C GLY B 359 19.35 -29.26 -21.43
N LEU B 360 19.84 -28.08 -21.81
CA LEU B 360 19.57 -26.88 -21.02
C LEU B 360 18.12 -26.42 -21.20
N ILE B 361 17.57 -26.60 -22.39
CA ILE B 361 16.15 -26.42 -22.66
C ILE B 361 15.51 -27.76 -22.29
N PHE B 362 14.17 -27.78 -22.16
CA PHE B 362 13.33 -28.86 -21.59
C PHE B 362 13.67 -30.20 -22.24
N ASP B 363 13.48 -30.37 -23.55
CA ASP B 363 13.62 -31.68 -24.15
C ASP B 363 14.41 -31.60 -25.45
N GLU B 364 15.11 -32.68 -25.74
CA GLU B 364 15.73 -32.86 -27.03
C GLU B 364 14.76 -33.57 -27.97
N LEU B 365 14.75 -33.15 -29.23
CA LEU B 365 13.89 -33.82 -30.20
C LEU B 365 14.45 -35.19 -30.55
N ASP B 366 15.75 -35.26 -30.83
CA ASP B 366 16.55 -36.45 -31.15
C ASP B 366 15.98 -37.35 -32.23
N ASP B 367 15.13 -36.84 -33.13
CA ASP B 367 14.79 -37.60 -34.33
C ASP B 367 16.00 -37.71 -35.23
N THR B 368 16.68 -36.59 -35.45
CA THR B 368 18.09 -36.59 -35.81
C THR B 368 18.80 -35.91 -34.65
N ARG B 369 20.02 -36.36 -34.34
CA ARG B 369 20.71 -35.83 -33.17
C ARG B 369 21.13 -34.38 -33.39
N ASP B 370 21.39 -34.01 -34.64
CA ASP B 370 21.88 -32.68 -34.98
C ASP B 370 21.15 -32.03 -36.15
N PHE B 371 20.58 -32.81 -37.07
CA PHE B 371 20.26 -32.29 -38.39
C PHE B 371 18.97 -31.45 -38.38
N LYS B 372 18.09 -31.69 -37.42
CA LYS B 372 16.77 -31.09 -37.46
C LYS B 372 16.64 -30.00 -36.39
N ILE B 373 16.46 -28.76 -36.85
CA ILE B 373 16.26 -27.62 -35.97
C ILE B 373 14.92 -26.97 -36.31
N ASN B 374 13.98 -27.03 -35.39
CA ASN B 374 12.62 -26.59 -35.65
C ASN B 374 12.53 -25.09 -35.42
N LYS B 375 11.40 -24.52 -35.81
CA LYS B 375 11.16 -23.09 -35.74
C LYS B 375 11.15 -22.59 -34.31
N ASP B 376 10.46 -23.29 -33.42
CA ASP B 376 10.35 -22.82 -32.04
C ASP B 376 11.59 -23.19 -31.25
N GLU B 377 12.38 -24.14 -31.76
CA GLU B 377 13.57 -24.60 -31.04
C GLU B 377 14.65 -23.53 -31.03
N PHE B 378 14.95 -22.95 -32.20
CA PHE B 378 15.94 -21.90 -32.27
C PHE B 378 15.45 -20.63 -31.58
N ALA B 379 14.13 -20.43 -31.57
CA ALA B 379 13.55 -19.32 -30.83
C ALA B 379 13.79 -19.45 -29.33
N ASP B 380 13.94 -20.68 -28.86
CA ASP B 380 14.33 -20.90 -27.47
C ASP B 380 15.84 -20.77 -27.30
N LEU B 381 16.59 -20.94 -28.39
CA LEU B 381 18.05 -20.98 -28.28
C LEU B 381 18.64 -19.62 -27.97
N CYS B 382 18.44 -18.65 -28.87
CA CYS B 382 19.04 -17.32 -28.72
C CYS B 382 18.48 -16.59 -27.50
N GLN B 383 17.26 -16.96 -27.11
CA GLN B 383 16.69 -16.43 -25.87
C GLN B 383 17.42 -16.98 -24.65
N ALA B 384 18.00 -18.18 -24.76
CA ALA B 384 18.61 -18.81 -23.60
C ALA B 384 20.04 -18.32 -23.37
N ILE B 385 20.74 -17.97 -24.44
CA ILE B 385 22.21 -17.89 -24.40
C ILE B 385 22.68 -16.68 -23.61
N ALA B 386 22.05 -15.52 -23.83
CA ALA B 386 22.56 -14.28 -23.25
C ALA B 386 22.38 -14.23 -21.74
N LEU B 387 21.45 -15.03 -21.21
CA LEU B 387 21.29 -15.13 -19.77
C LEU B 387 22.52 -15.77 -19.13
N ARG B 388 22.96 -16.89 -19.69
CA ARG B 388 24.06 -17.62 -19.09
C ARG B 388 25.40 -16.94 -19.32
N PHE B 389 25.63 -16.44 -20.54
CA PHE B 389 26.96 -15.89 -20.83
C PHE B 389 27.09 -14.45 -20.35
N GLN B 390 26.35 -13.53 -20.96
CA GLN B 390 26.69 -12.11 -21.00
C GLN B 390 28.17 -11.94 -21.34
N LYS B 391 28.53 -12.33 -22.56
CA LYS B 391 29.93 -12.35 -22.99
C LYS B 391 30.11 -11.60 -24.31
N GLU B 392 29.11 -10.82 -24.75
CA GLU B 392 29.25 -10.09 -25.99
C GLU B 392 30.15 -8.87 -25.83
N GLU B 393 29.87 -8.05 -24.80
CA GLU B 393 30.84 -7.13 -24.20
C GLU B 393 31.28 -6.03 -25.16
N VAL B 394 30.36 -5.62 -26.03
CA VAL B 394 30.66 -4.79 -27.20
C VAL B 394 30.94 -3.35 -26.80
N PRO B 395 32.13 -2.82 -27.08
CA PRO B 395 32.39 -1.41 -26.79
C PRO B 395 31.96 -0.53 -27.94
N SER B 396 32.04 0.78 -27.71
CA SER B 396 31.79 1.74 -28.76
C SER B 396 32.95 1.75 -29.76
N LEU B 397 32.63 2.03 -31.02
CA LEU B 397 33.64 2.07 -32.07
C LEU B 397 34.60 3.23 -31.86
N PHE B 398 35.89 2.92 -31.89
CA PHE B 398 36.93 3.90 -31.64
C PHE B 398 37.77 4.08 -32.89
N GLU B 399 38.43 5.24 -32.96
CA GLU B 399 39.45 5.41 -33.96
C GLU B 399 40.78 4.89 -33.43
N HIS B 400 41.41 3.99 -34.20
CA HIS B 400 42.69 3.43 -33.80
C HIS B 400 43.85 4.34 -34.17
N PHE B 401 43.58 5.40 -34.93
CA PHE B 401 44.62 6.36 -35.26
C PHE B 401 45.15 7.12 -34.04
N PRO B 402 44.33 7.53 -33.05
CA PRO B 402 44.94 7.90 -31.77
C PRO B 402 45.45 6.69 -30.98
N GLN B 403 44.63 5.63 -30.91
CA GLN B 403 44.86 4.45 -30.06
C GLN B 403 45.09 4.85 -28.60
N ILE B 404 44.05 5.41 -27.98
CA ILE B 404 44.18 5.95 -26.63
C ILE B 404 44.01 4.86 -25.57
N TYR B 405 43.71 3.64 -26.00
CA TYR B 405 43.57 2.54 -25.07
C TYR B 405 44.93 2.12 -24.52
N HIS B 406 45.11 2.31 -23.21
CA HIS B 406 46.37 2.03 -22.55
C HIS B 406 46.43 0.55 -22.21
N SER B 407 47.38 -0.15 -22.81
CA SER B 407 47.55 -1.58 -22.59
C SER B 407 48.71 -1.84 -21.65
N PRO B 420 36.91 -10.44 -1.41
CA PRO B 420 37.05 -9.00 -1.60
C PRO B 420 38.19 -8.41 -0.78
N ASN B 421 39.42 -8.90 -1.00
CA ASN B 421 40.58 -8.35 -0.32
C ASN B 421 40.81 -6.90 -0.72
N PHE B 422 40.72 -6.62 -2.02
CA PHE B 422 40.68 -5.24 -2.47
C PHE B 422 39.35 -4.59 -2.08
N GLY B 423 38.28 -5.39 -2.03
CA GLY B 423 36.99 -4.86 -1.63
C GLY B 423 36.93 -4.49 -0.16
N TYR B 424 37.60 -5.28 0.69
CA TYR B 424 37.77 -4.85 2.08
C TYR B 424 38.81 -3.74 2.19
N ALA B 425 39.71 -3.65 1.22
CA ALA B 425 40.65 -2.54 1.21
C ALA B 425 39.95 -1.24 0.85
N ILE B 426 38.99 -1.30 -0.08
CA ILE B 426 38.24 -0.10 -0.41
C ILE B 426 36.97 -0.03 0.43
N SER B 427 36.80 -0.95 1.38
CA SER B 427 35.81 -0.76 2.43
C SER B 427 36.27 0.30 3.40
N PHE B 428 37.60 0.46 3.53
CA PHE B 428 38.15 1.35 4.56
C PHE B 428 38.24 2.79 4.05
N ILE B 429 38.32 2.97 2.73
CA ILE B 429 38.64 4.27 2.15
C ILE B 429 37.48 5.24 2.33
N LEU B 430 36.29 4.80 1.99
CA LEU B 430 35.11 5.65 2.10
C LEU B 430 34.56 5.70 3.51
N ILE B 431 35.11 4.90 4.44
CA ILE B 431 34.88 5.17 5.86
C ILE B 431 35.60 6.44 6.28
N ILE B 432 36.91 6.48 6.04
CA ILE B 432 37.71 7.57 6.57
C ILE B 432 37.52 8.83 5.73
N ASN B 433 37.09 8.67 4.48
CA ASN B 433 36.72 9.84 3.70
C ASN B 433 35.39 10.41 4.19
N PHE B 434 34.53 9.56 4.77
CA PHE B 434 33.27 10.05 5.29
C PHE B 434 33.46 10.81 6.59
N ILE B 435 34.30 10.29 7.49
CA ILE B 435 34.46 10.94 8.79
C ILE B 435 35.32 12.19 8.65
N ALA B 436 35.99 12.35 7.51
CA ALA B 436 36.69 13.60 7.22
C ALA B 436 35.71 14.77 7.14
N VAL B 437 34.50 14.51 6.68
CA VAL B 437 33.52 15.58 6.54
C VAL B 437 32.93 15.94 7.90
N VAL B 438 32.63 14.91 8.73
CA VAL B 438 31.99 15.20 10.01
C VAL B 438 32.99 15.85 10.96
N VAL B 439 34.28 15.62 10.76
CA VAL B 439 35.30 16.40 11.47
C VAL B 439 35.31 17.82 10.95
N GLU B 440 35.20 17.97 9.63
CA GLU B 440 35.18 19.30 9.02
C GLU B 440 33.95 20.10 9.44
N THR B 441 32.84 19.42 9.71
CA THR B 441 31.62 20.12 10.08
C THR B 441 31.50 20.29 11.59
N THR B 442 32.24 19.49 12.36
CA THR B 442 32.36 19.83 13.78
C THR B 442 33.48 20.83 13.99
N LEU B 443 34.24 21.13 12.94
CA LEU B 443 35.05 22.35 12.93
C LEU B 443 34.20 23.56 12.62
N ASN B 444 33.11 23.36 11.88
CA ASN B 444 32.30 24.49 11.44
C ASN B 444 31.37 24.96 12.54
N ILE B 445 31.03 24.08 13.49
CA ILE B 445 30.36 24.55 14.70
C ILE B 445 31.37 25.26 15.60
N GLU B 446 32.66 24.94 15.44
CA GLU B 446 33.70 25.73 16.07
C GLU B 446 34.02 26.97 15.25
N GLU B 447 33.69 26.92 13.94
CA GLU B 447 33.91 28.01 12.97
C GLU B 447 35.39 28.40 12.88
N SER B 448 36.21 27.49 12.34
CA SER B 448 37.61 27.79 12.13
C SER B 448 37.80 28.78 11.00
N SER B 449 38.42 29.92 11.32
CA SER B 449 38.84 30.85 10.28
C SER B 449 40.22 30.48 9.75
N ALA B 450 40.94 29.62 10.47
CA ALA B 450 42.22 29.10 10.03
C ALA B 450 42.02 27.71 9.46
N GLN B 451 41.65 27.64 8.18
CA GLN B 451 41.51 26.37 7.49
C GLN B 451 42.78 25.95 6.78
N LYS B 452 43.89 26.68 7.00
CA LYS B 452 45.15 26.40 6.32
C LYS B 452 45.74 25.01 6.61
N PRO B 453 45.78 24.49 7.85
CA PRO B 453 46.16 23.07 7.97
C PRO B 453 45.04 22.15 7.55
N TRP B 454 43.79 22.63 7.58
CA TRP B 454 42.66 21.79 7.22
C TRP B 454 42.44 21.78 5.72
N GLN B 455 42.99 22.77 5.00
CA GLN B 455 42.87 22.75 3.56
C GLN B 455 43.90 21.83 2.93
N VAL B 456 44.90 21.43 3.74
CA VAL B 456 45.79 20.35 3.33
C VAL B 456 45.00 19.05 3.17
N ALA B 457 44.04 18.82 4.07
CA ALA B 457 43.24 17.61 4.00
C ALA B 457 42.11 17.73 2.99
N GLU B 458 41.79 18.95 2.55
CA GLU B 458 40.68 19.14 1.63
C GLU B 458 40.98 18.58 0.25
N PHE B 459 42.02 19.08 -0.40
CA PHE B 459 42.22 18.85 -1.82
C PHE B 459 42.77 17.45 -2.08
N VAL B 460 43.33 16.81 -1.06
CA VAL B 460 44.02 15.54 -1.25
C VAL B 460 43.01 14.41 -1.47
N PHE B 461 41.83 14.53 -0.86
CA PHE B 461 40.91 13.39 -0.82
C PHE B 461 40.20 13.20 -2.15
N GLY B 462 40.01 14.27 -2.90
CA GLY B 462 39.41 14.14 -4.22
C GLY B 462 40.37 13.51 -5.22
N TRP B 463 41.67 13.67 -4.98
CA TRP B 463 42.67 13.10 -5.87
C TRP B 463 42.76 11.58 -5.68
N ILE B 464 42.25 11.07 -4.57
CA ILE B 464 42.42 9.67 -4.23
C ILE B 464 41.51 8.79 -5.06
N TYR B 465 40.25 9.19 -5.22
CA TYR B 465 39.19 8.24 -5.54
C TYR B 465 39.24 7.76 -6.98
N VAL B 466 39.97 8.47 -7.85
CA VAL B 466 40.05 8.13 -9.26
C VAL B 466 40.96 6.92 -9.47
N LEU B 467 41.66 6.52 -8.41
CA LEU B 467 42.57 5.38 -8.46
C LEU B 467 41.91 4.05 -8.15
N GLU B 468 40.79 4.05 -7.44
CA GLU B 468 40.16 2.78 -7.06
C GLU B 468 39.31 2.23 -8.17
N MET B 469 38.92 3.07 -9.13
CA MET B 469 38.29 2.60 -10.34
C MET B 469 39.31 2.18 -11.40
N ALA B 470 40.60 2.36 -11.13
CA ALA B 470 41.60 2.23 -12.18
C ALA B 470 41.98 0.78 -12.43
N LEU B 471 41.80 -0.09 -11.43
CA LEU B 471 42.20 -1.48 -11.61
C LEU B 471 41.22 -2.21 -12.53
N LYS B 472 40.00 -1.69 -12.65
CA LYS B 472 38.95 -2.33 -13.43
C LYS B 472 39.30 -2.36 -14.92
N ILE B 473 39.96 -1.31 -15.40
CA ILE B 473 40.41 -1.30 -16.78
C ILE B 473 41.75 -2.03 -16.90
N TYR B 474 42.41 -2.24 -15.77
CA TYR B 474 43.59 -3.10 -15.74
C TYR B 474 43.21 -4.56 -15.59
N THR B 475 42.24 -4.86 -14.73
CA THR B 475 41.80 -6.24 -14.54
C THR B 475 40.83 -6.70 -15.62
N TYR B 476 39.70 -6.01 -15.81
CA TYR B 476 38.68 -6.63 -16.66
C TYR B 476 38.39 -5.92 -17.97
N GLY B 477 37.95 -4.66 -17.93
CA GLY B 477 37.39 -4.01 -19.10
C GLY B 477 37.42 -2.49 -19.00
N PHE B 478 37.44 -1.84 -20.16
CA PHE B 478 37.63 -0.40 -20.19
C PHE B 478 36.29 0.34 -20.07
N GLU B 479 35.39 0.10 -21.00
CA GLU B 479 34.13 0.84 -21.08
C GLU B 479 33.06 0.17 -20.20
N ASN B 480 33.29 0.27 -18.89
CA ASN B 480 32.30 -0.14 -17.90
C ASN B 480 31.71 1.06 -17.18
N TYR B 481 31.77 2.23 -17.82
CA TYR B 481 31.07 3.40 -17.32
C TYR B 481 29.56 3.21 -17.43
N TRP B 482 29.12 2.43 -18.41
CA TRP B 482 27.72 2.17 -18.66
C TRP B 482 27.29 0.81 -18.10
N ARG B 483 28.19 0.11 -17.41
CA ARG B 483 27.95 -1.28 -17.02
C ARG B 483 27.51 -1.38 -15.57
N GLU B 484 28.32 -0.92 -14.63
CA GLU B 484 27.92 -0.97 -13.22
C GLU B 484 26.90 0.11 -12.93
N GLY B 485 25.87 -0.25 -12.15
CA GLY B 485 24.79 0.68 -11.86
C GLY B 485 25.25 1.88 -11.06
N ALA B 486 26.33 1.71 -10.29
CA ALA B 486 27.00 2.82 -9.65
C ALA B 486 27.66 3.75 -10.66
N ASN B 487 28.37 3.20 -11.65
CA ASN B 487 28.92 4.00 -12.73
C ASN B 487 27.84 4.61 -13.62
N ARG B 488 26.62 4.08 -13.57
CA ARG B 488 25.50 4.75 -14.22
C ARG B 488 25.10 6.02 -13.47
N PHE B 489 25.31 6.06 -12.16
CA PHE B 489 24.74 7.12 -11.35
C PHE B 489 25.81 8.02 -10.74
N ASP B 490 27.05 7.52 -10.60
CA ASP B 490 28.06 8.29 -9.88
C ASP B 490 29.06 8.94 -10.83
N PHE B 491 28.90 8.70 -12.13
CA PHE B 491 29.97 9.03 -13.09
C PHE B 491 30.17 10.53 -13.23
N LEU B 492 29.09 11.30 -13.11
CA LEU B 492 29.25 12.74 -12.96
C LEU B 492 29.93 13.05 -11.63
N VAL B 493 29.47 12.41 -10.56
CA VAL B 493 29.89 12.74 -9.21
C VAL B 493 31.32 12.31 -8.97
N THR B 494 31.74 11.23 -9.62
CA THR B 494 33.12 10.76 -9.52
C THR B 494 34.08 11.79 -10.09
N TRP B 495 33.75 12.37 -11.23
CA TRP B 495 34.66 13.27 -11.92
C TRP B 495 34.46 14.74 -11.57
N VAL B 496 33.37 15.09 -10.87
CA VAL B 496 33.08 16.50 -10.58
C VAL B 496 33.96 17.05 -9.46
N ILE B 497 34.75 16.20 -8.82
CA ILE B 497 35.38 16.57 -7.55
C ILE B 497 36.58 17.48 -7.77
N VAL B 498 37.60 16.96 -8.45
CA VAL B 498 38.85 17.72 -8.58
C VAL B 498 38.72 18.90 -9.53
N ILE B 499 37.69 18.91 -10.39
CA ILE B 499 37.45 20.09 -11.20
C ILE B 499 36.78 21.17 -10.37
N GLY B 500 36.10 20.80 -9.28
CA GLY B 500 35.65 21.80 -8.33
C GLY B 500 36.78 22.28 -7.44
N GLU B 501 37.72 21.39 -7.12
CA GLU B 501 38.86 21.75 -6.31
C GLU B 501 39.88 22.59 -7.07
N THR B 502 39.79 22.60 -8.40
CA THR B 502 40.77 23.27 -9.25
C THR B 502 40.62 24.79 -9.19
N ALA B 503 39.38 25.27 -9.33
CA ALA B 503 39.11 26.71 -9.31
C ALA B 503 38.85 27.23 -7.91
N THR B 504 39.38 26.56 -6.88
CA THR B 504 39.18 27.02 -5.52
C THR B 504 40.08 28.21 -5.21
N PHE B 505 41.40 28.05 -5.42
CA PHE B 505 42.36 29.08 -5.08
C PHE B 505 42.94 29.78 -6.30
N ILE B 506 42.55 29.36 -7.51
CA ILE B 506 43.01 30.03 -8.72
C ILE B 506 41.94 30.98 -9.25
N THR B 507 40.71 30.90 -8.73
CA THR B 507 39.73 31.96 -8.95
C THR B 507 40.20 33.24 -8.24
N PRO B 508 40.79 33.19 -7.02
CA PRO B 508 41.52 34.42 -6.68
C PRO B 508 42.81 34.59 -7.47
N PHE B 514 32.67 32.81 -3.55
CA PHE B 514 32.56 32.29 -2.18
C PHE B 514 31.35 31.40 -1.99
N SER B 515 30.23 31.79 -2.61
CA SER B 515 28.99 31.03 -2.47
C SER B 515 29.10 29.67 -3.14
N ASN B 516 29.90 29.58 -4.19
CA ASN B 516 30.12 28.30 -4.86
C ASN B 516 31.15 27.47 -4.13
N GLY B 517 31.81 28.04 -3.12
CA GLY B 517 32.80 27.29 -2.37
C GLY B 517 32.19 26.26 -1.45
N GLN B 518 31.10 26.62 -0.77
CA GLN B 518 30.39 25.65 0.06
C GLN B 518 29.47 24.78 -0.79
N TRP B 519 29.32 25.13 -2.07
CA TRP B 519 28.54 24.29 -2.98
C TRP B 519 29.17 22.92 -3.17
N ILE B 520 30.50 22.86 -3.09
CA ILE B 520 31.18 21.57 -3.11
C ILE B 520 31.08 20.93 -1.73
N ARG B 521 30.99 21.75 -0.68
CA ARG B 521 31.20 21.26 0.69
C ARG B 521 30.01 20.43 1.18
N TYR B 522 28.92 20.41 0.42
CA TYR B 522 27.94 19.35 0.64
C TYR B 522 27.97 18.35 -0.51
N LEU B 523 28.58 18.72 -1.63
CA LEU B 523 28.58 17.83 -2.78
C LEU B 523 29.55 16.67 -2.55
N LEU B 524 30.44 16.80 -1.57
CA LEU B 524 31.43 15.77 -1.27
C LEU B 524 30.84 14.72 -0.33
N LEU B 525 29.62 14.27 -0.65
CA LEU B 525 28.85 13.45 0.29
C LEU B 525 28.16 12.28 -0.40
N ALA B 526 28.19 12.24 -1.73
CA ALA B 526 27.72 11.04 -2.42
C ALA B 526 28.78 9.95 -2.42
N ARG B 527 29.92 10.21 -1.79
CA ARG B 527 30.85 9.20 -1.33
C ARG B 527 30.16 8.17 -0.45
N MET B 528 29.22 8.62 0.41
CA MET B 528 28.49 7.65 1.21
C MET B 528 27.53 6.88 0.31
N LEU B 529 27.04 7.51 -0.74
CA LEU B 529 26.14 6.83 -1.67
C LEU B 529 26.88 5.73 -2.43
N ARG B 530 28.18 5.90 -2.64
CA ARG B 530 28.97 4.77 -3.12
C ARG B 530 29.30 3.83 -1.97
N LEU B 531 29.52 4.37 -0.78
CA LEU B 531 29.65 3.55 0.43
C LEU B 531 28.35 2.81 0.72
N ILE B 532 27.21 3.34 0.28
CA ILE B 532 25.95 2.59 0.37
C ILE B 532 26.06 1.26 -0.35
N ARG B 533 26.41 1.29 -1.64
CA ARG B 533 26.40 0.06 -2.45
C ARG B 533 27.46 -0.92 -1.98
N LEU B 534 28.59 -0.43 -1.48
CA LEU B 534 29.60 -1.34 -0.97
C LEU B 534 29.24 -1.82 0.43
N LEU B 535 28.44 -1.04 1.16
CA LEU B 535 27.76 -1.62 2.32
C LEU B 535 26.59 -2.46 1.88
N MET B 536 26.10 -2.26 0.65
CA MET B 536 24.99 -3.09 0.21
C MET B 536 25.42 -4.45 -0.33
N ASN B 537 26.55 -4.99 0.13
CA ASN B 537 26.80 -6.42 -0.05
C ASN B 537 26.35 -7.22 1.16
N VAL B 538 25.69 -6.57 2.12
CA VAL B 538 25.23 -7.26 3.32
C VAL B 538 24.04 -8.14 2.98
N GLN B 539 24.11 -9.40 3.40
CA GLN B 539 23.04 -10.34 3.08
C GLN B 539 21.82 -10.10 3.96
N ARG B 540 22.00 -9.44 5.09
CA ARG B 540 20.86 -9.13 5.96
C ARG B 540 19.91 -8.14 5.31
N TYR B 541 20.42 -7.26 4.46
CA TYR B 541 19.61 -6.24 3.82
C TYR B 541 19.30 -6.59 2.38
N ARG B 542 19.64 -7.81 1.95
CA ARG B 542 19.99 -8.09 0.56
C ARG B 542 18.83 -7.91 -0.42
N ALA B 543 17.63 -8.31 -0.02
CA ALA B 543 16.48 -8.09 -0.89
C ALA B 543 16.13 -6.61 -0.97
N PHE B 544 16.29 -5.89 0.13
CA PHE B 544 15.94 -4.48 0.18
C PHE B 544 16.97 -3.67 -0.57
N ILE B 545 18.14 -4.26 -0.77
CA ILE B 545 19.23 -3.63 -1.51
C ILE B 545 18.88 -3.50 -2.98
N ALA B 546 18.51 -4.61 -3.62
CA ALA B 546 18.50 -4.64 -5.07
C ALA B 546 17.23 -4.03 -5.62
N THR B 547 16.21 -3.86 -4.77
CA THR B 547 15.03 -3.17 -5.21
C THR B 547 15.31 -1.70 -5.39
N PHE B 548 15.87 -1.06 -4.36
CA PHE B 548 16.07 0.38 -4.37
C PHE B 548 17.12 0.77 -5.39
N ILE B 549 18.00 -0.17 -5.74
CA ILE B 549 18.84 -0.02 -6.92
C ILE B 549 17.98 0.08 -8.16
N THR B 550 17.11 -0.90 -8.36
CA THR B 550 16.35 -0.99 -9.60
C THR B 550 15.18 -0.03 -9.58
N LEU B 551 14.92 0.56 -8.41
CA LEU B 551 13.76 1.42 -8.26
C LEU B 551 13.97 2.75 -8.97
N ILE B 552 15.21 3.18 -9.13
CA ILE B 552 15.46 4.40 -9.88
C ILE B 552 15.29 4.21 -11.39
N PRO B 553 15.84 3.16 -12.04
CA PRO B 553 15.56 3.06 -13.48
C PRO B 553 14.15 2.60 -13.81
N SER B 554 13.57 1.69 -13.03
CA SER B 554 12.27 1.16 -13.39
C SER B 554 11.18 2.21 -13.22
N LEU B 555 11.23 2.97 -12.14
CA LEU B 555 10.22 4.00 -11.96
C LEU B 555 10.62 5.34 -12.53
N MET B 556 11.49 5.36 -13.53
CA MET B 556 11.71 6.63 -14.22
C MET B 556 10.61 6.99 -15.22
N PRO B 557 10.07 6.07 -16.06
CA PRO B 557 8.88 6.49 -16.82
C PRO B 557 7.65 6.69 -15.96
N TYR B 558 7.45 5.84 -14.96
CA TYR B 558 6.18 5.83 -14.24
C TYR B 558 6.09 7.02 -13.30
N LEU B 559 7.24 7.57 -12.92
CA LEU B 559 7.24 8.89 -12.30
C LEU B 559 7.38 9.97 -13.33
N GLY B 560 7.92 9.64 -14.51
CA GLY B 560 8.02 10.63 -15.56
C GLY B 560 6.67 11.05 -16.08
N THR B 561 5.73 10.11 -16.16
CA THR B 561 4.38 10.42 -16.62
C THR B 561 3.67 11.33 -15.65
N ILE B 562 3.87 11.11 -14.35
CA ILE B 562 3.23 11.93 -13.35
C ILE B 562 3.82 13.32 -13.36
N PHE B 563 5.11 13.43 -13.69
CA PHE B 563 5.68 14.74 -13.91
C PHE B 563 5.08 15.42 -15.13
N CYS B 564 4.64 14.65 -16.11
CA CYS B 564 3.93 15.24 -17.25
C CYS B 564 2.51 15.62 -16.86
N VAL B 565 1.89 14.84 -15.99
CA VAL B 565 0.54 15.14 -15.50
C VAL B 565 0.52 16.46 -14.76
N LEU B 566 1.58 16.77 -14.02
CA LEU B 566 1.65 18.07 -13.35
C LEU B 566 1.82 19.18 -14.36
N CYS B 567 2.50 18.90 -15.46
CA CYS B 567 2.68 19.90 -16.50
C CYS B 567 1.39 20.17 -17.22
N ILE B 568 0.44 19.24 -17.17
CA ILE B 568 -0.90 19.54 -17.62
C ILE B 568 -1.62 20.40 -16.61
N TYR B 569 -1.64 19.97 -15.35
CA TYR B 569 -2.46 20.63 -14.35
C TYR B 569 -1.92 22.00 -14.00
N CYS B 570 -0.62 22.21 -14.16
CA CYS B 570 -0.11 23.55 -13.92
C CYS B 570 -0.55 24.48 -15.01
N SER B 571 -0.42 24.06 -16.27
CA SER B 571 -0.73 24.93 -17.40
C SER B 571 -2.22 25.17 -17.51
N ILE B 572 -3.04 24.32 -16.90
CA ILE B 572 -4.42 24.71 -16.67
C ILE B 572 -4.46 25.81 -15.63
N GLY B 573 -3.86 25.57 -14.47
CA GLY B 573 -4.07 26.44 -13.33
C GLY B 573 -3.41 27.79 -13.48
N VAL B 574 -2.32 27.86 -14.25
CA VAL B 574 -1.74 29.15 -14.60
C VAL B 574 -2.73 29.98 -15.40
N GLN B 575 -3.46 29.33 -16.30
CA GLN B 575 -4.40 30.06 -17.14
C GLN B 575 -5.69 30.35 -16.37
N VAL B 576 -6.07 29.47 -15.45
CA VAL B 576 -7.28 29.70 -14.67
C VAL B 576 -7.01 30.72 -13.57
N PHE B 577 -5.88 30.60 -12.89
CA PHE B 577 -5.61 31.33 -11.66
C PHE B 577 -4.42 32.28 -11.79
N GLY B 578 -4.36 33.08 -12.87
CA GLY B 578 -3.10 33.72 -13.21
C GLY B 578 -2.68 34.85 -12.27
N GLY B 579 -3.40 35.96 -12.33
CA GLY B 579 -3.04 37.08 -11.50
C GLY B 579 -3.94 37.17 -10.30
N LEU B 580 -4.32 36.02 -9.75
CA LEU B 580 -5.40 35.99 -8.77
C LEU B 580 -4.93 36.43 -7.39
N VAL B 581 -3.80 35.89 -6.92
CA VAL B 581 -3.32 36.33 -5.63
C VAL B 581 -2.51 37.58 -5.85
N ASN B 582 -3.16 38.73 -5.72
CA ASN B 582 -2.47 39.97 -5.98
C ASN B 582 -1.63 40.38 -4.78
N ALA B 583 -1.10 41.59 -4.86
CA ALA B 583 -0.49 42.18 -3.68
C ALA B 583 -1.55 42.49 -2.63
N GLY B 584 -2.58 43.23 -3.02
CA GLY B 584 -3.53 43.73 -2.03
C GLY B 584 -4.92 43.16 -2.18
N ASN B 585 -5.03 41.87 -2.47
CA ASN B 585 -6.34 41.24 -2.56
C ASN B 585 -6.94 41.10 -1.17
N LYS B 586 -8.17 41.59 -1.01
CA LYS B 586 -8.76 41.64 0.32
C LYS B 586 -9.40 40.32 0.70
N LYS B 587 -9.83 39.54 -0.29
CA LYS B 587 -10.34 38.20 0.00
C LYS B 587 -9.21 37.28 0.43
N LEU B 588 -7.98 37.64 0.08
CA LEU B 588 -6.81 36.82 0.39
C LEU B 588 -6.54 36.73 1.88
N PHE B 589 -6.50 37.87 2.56
CA PHE B 589 -5.97 37.91 3.92
C PHE B 589 -6.90 37.27 4.92
N GLU B 590 -8.16 37.06 4.54
CA GLU B 590 -9.07 36.31 5.39
C GLU B 590 -8.74 34.83 5.38
N THR B 591 -8.19 34.34 4.28
CA THR B 591 -8.17 32.91 4.02
C THR B 591 -6.96 32.23 4.63
N GLU B 592 -6.84 30.94 4.35
CA GLU B 592 -5.87 30.10 5.05
C GLU B 592 -4.48 30.27 4.51
N LEU B 593 -4.34 30.70 3.26
CA LEU B 593 -3.02 30.96 2.72
C LEU B 593 -2.35 32.10 3.46
N ALA B 594 -3.12 33.05 3.96
CA ALA B 594 -2.52 34.10 4.76
C ALA B 594 -2.36 33.70 6.21
N GLU B 595 -3.23 32.84 6.74
CA GLU B 595 -3.12 32.38 8.10
C GLU B 595 -1.84 31.58 8.34
N ASP B 596 -1.68 30.48 7.60
CA ASP B 596 -0.47 29.68 7.70
C ASP B 596 0.67 30.22 6.87
N ASP B 597 0.46 31.37 6.21
CA ASP B 597 1.48 32.09 5.44
C ASP B 597 2.06 31.22 4.34
N TYR B 598 1.18 30.57 3.57
CA TYR B 598 1.62 29.95 2.32
C TYR B 598 1.33 30.94 1.21
N LEU B 599 1.75 32.19 1.43
CA LEU B 599 1.43 33.25 0.48
C LEU B 599 2.41 33.23 -0.69
N LEU B 600 3.35 32.31 -0.64
CA LEU B 600 4.00 31.69 -1.78
C LEU B 600 3.02 30.72 -2.42
N PHE B 601 3.50 29.58 -2.84
CA PHE B 601 3.37 28.87 -4.12
C PHE B 601 2.35 29.48 -5.09
N ASN B 602 1.11 29.74 -4.71
CA ASN B 602 0.25 30.73 -5.36
C ASN B 602 -0.27 30.55 -6.78
N PHE B 603 0.22 29.59 -7.57
CA PHE B 603 -0.14 29.42 -8.99
C PHE B 603 0.10 30.66 -9.86
N ASN B 604 0.82 31.70 -9.43
CA ASN B 604 0.74 32.94 -10.18
C ASN B 604 1.67 32.93 -11.40
N ASP B 605 2.43 31.87 -11.60
CA ASP B 605 2.93 31.49 -12.91
C ASP B 605 3.31 30.03 -12.90
N TYR B 606 4.06 29.61 -13.92
CA TYR B 606 4.29 28.18 -14.10
C TYR B 606 5.19 27.52 -13.04
N PRO B 607 6.41 27.99 -12.73
CA PRO B 607 7.20 27.21 -11.77
C PRO B 607 6.74 27.38 -10.36
N ASN B 608 6.08 28.49 -10.04
CA ASN B 608 5.30 28.57 -8.83
C ASN B 608 4.20 27.53 -8.78
N GLY B 609 3.62 27.18 -9.92
CA GLY B 609 2.57 26.18 -9.91
C GLY B 609 3.10 24.79 -9.69
N MET B 610 4.29 24.49 -10.24
CA MET B 610 4.81 23.13 -10.20
C MET B 610 5.18 22.71 -8.79
N VAL B 611 5.65 23.65 -7.98
CA VAL B 611 5.80 23.37 -6.57
C VAL B 611 4.44 23.17 -5.93
N THR B 612 3.45 23.94 -6.36
CA THR B 612 2.19 23.97 -5.64
C THR B 612 1.40 22.70 -5.88
N LEU B 613 1.56 22.11 -7.07
CA LEU B 613 0.90 20.85 -7.33
C LEU B 613 1.63 19.72 -6.64
N PHE B 614 2.90 19.94 -6.31
CA PHE B 614 3.63 18.91 -5.62
C PHE B 614 3.12 18.72 -4.20
N ASN B 615 2.75 19.82 -3.55
CA ASN B 615 2.20 19.68 -2.21
C ASN B 615 0.84 19.00 -2.27
N LEU B 616 0.09 19.27 -3.33
CA LEU B 616 -1.18 18.58 -3.54
C LEU B 616 -0.95 17.13 -3.93
N LEU B 617 0.24 16.83 -4.44
CA LEU B 617 0.60 15.44 -4.71
C LEU B 617 0.93 14.70 -3.42
N VAL B 618 1.68 15.34 -2.53
CA VAL B 618 2.18 14.67 -1.34
C VAL B 618 1.05 14.48 -0.33
N MET B 619 0.01 15.32 -0.44
CA MET B 619 -1.12 15.49 0.48
C MET B 619 -0.70 16.10 1.80
N GLY B 620 0.28 16.99 1.79
CA GLY B 620 0.57 17.74 2.98
C GLY B 620 -0.27 19.00 3.00
N ASN B 621 -1.34 19.00 3.78
CA ASN B 621 -2.24 20.14 3.99
C ASN B 621 -2.83 20.64 2.69
N TRP B 622 -3.29 19.72 1.84
CA TRP B 622 -3.72 20.09 0.51
C TRP B 622 -5.07 20.79 0.53
N GLN B 623 -5.75 20.80 1.68
CA GLN B 623 -7.06 21.43 1.71
C GLN B 623 -6.96 22.92 1.92
N VAL B 624 -5.76 23.45 2.08
CA VAL B 624 -5.60 24.88 2.21
C VAL B 624 -5.95 25.56 0.89
N TRP B 625 -5.39 25.02 -0.19
CA TRP B 625 -5.59 25.62 -1.50
C TRP B 625 -7.02 25.47 -1.99
N MET B 626 -7.62 24.31 -1.75
CA MET B 626 -9.03 24.10 -2.03
C MET B 626 -9.90 25.05 -1.23
N GLU B 627 -9.52 25.33 0.01
CA GLU B 627 -10.27 26.31 0.78
C GLU B 627 -9.95 27.72 0.32
N SER B 628 -8.77 27.93 -0.26
CA SER B 628 -8.39 29.28 -0.65
C SER B 628 -8.96 29.66 -1.99
N TYR B 629 -8.79 28.80 -3.00
CA TYR B 629 -9.25 29.16 -4.33
C TYR B 629 -10.76 29.01 -4.48
N LYS B 630 -11.43 28.43 -3.50
CA LYS B 630 -12.88 28.55 -3.47
C LYS B 630 -13.27 29.97 -3.07
N ASP B 631 -12.36 30.68 -2.41
CA ASP B 631 -12.67 32.05 -2.03
C ASP B 631 -12.06 33.06 -2.98
N LEU B 632 -10.90 32.75 -3.54
CA LEU B 632 -10.25 33.75 -4.39
C LEU B 632 -10.86 33.77 -5.78
N THR B 633 -11.44 32.67 -6.23
CA THR B 633 -12.32 32.74 -7.37
C THR B 633 -13.74 33.07 -6.96
N GLY B 634 -14.08 32.91 -5.70
CA GLY B 634 -15.44 33.16 -5.24
C GLY B 634 -16.46 32.16 -5.74
N THR B 635 -16.02 31.01 -6.24
CA THR B 635 -16.96 30.08 -6.86
C THR B 635 -16.67 28.67 -6.39
N TRP B 636 -17.64 27.80 -6.62
CA TRP B 636 -17.47 26.41 -6.23
C TRP B 636 -16.98 25.56 -7.38
N TRP B 637 -16.71 26.15 -8.53
CA TRP B 637 -16.19 25.36 -9.62
C TRP B 637 -14.67 25.31 -9.57
N SER B 638 -14.07 25.97 -8.60
CA SER B 638 -12.65 25.79 -8.32
C SER B 638 -12.36 24.46 -7.66
N ILE B 639 -13.36 23.88 -6.99
CA ILE B 639 -13.18 22.61 -6.28
C ILE B 639 -12.97 21.49 -7.28
N THR B 640 -13.41 21.70 -8.52
CA THR B 640 -13.23 20.74 -9.60
C THR B 640 -11.76 20.45 -9.85
N TYR B 641 -10.93 21.48 -9.75
CA TYR B 641 -9.55 21.36 -10.17
C TYR B 641 -8.74 20.48 -9.23
N PHE B 642 -9.07 20.51 -7.94
CA PHE B 642 -8.29 19.77 -6.96
C PHE B 642 -8.78 18.35 -6.80
N VAL B 643 -10.07 18.12 -6.98
CA VAL B 643 -10.59 16.76 -6.95
C VAL B 643 -10.17 16.00 -8.19
N SER B 644 -10.19 16.67 -9.34
CA SER B 644 -9.75 16.03 -10.56
C SER B 644 -8.27 15.74 -10.52
N PHE B 645 -7.51 16.53 -9.76
CA PHE B 645 -6.14 16.16 -9.48
C PHE B 645 -6.10 14.89 -8.67
N TYR B 646 -6.90 14.86 -7.60
CA TYR B 646 -6.80 13.82 -6.58
C TYR B 646 -7.14 12.44 -7.14
N VAL B 647 -8.19 12.37 -7.94
CA VAL B 647 -8.63 11.11 -8.50
C VAL B 647 -7.57 10.56 -9.46
N ILE B 648 -7.03 11.44 -10.30
CA ILE B 648 -5.98 10.99 -11.20
C ILE B 648 -4.67 10.79 -10.45
N THR B 649 -4.47 11.52 -9.36
CA THR B 649 -3.28 11.32 -8.55
C THR B 649 -3.34 10.01 -7.79
N ILE B 650 -4.44 9.75 -7.11
CA ILE B 650 -4.53 8.54 -6.29
C ILE B 650 -5.12 7.40 -7.10
N LEU B 651 -5.24 7.61 -8.41
CA LEU B 651 -4.88 6.53 -9.32
C LEU B 651 -3.37 6.38 -9.37
N LEU B 652 -2.68 7.42 -9.87
CA LEU B 652 -1.31 7.28 -10.35
C LEU B 652 -0.31 7.03 -9.22
N LEU B 653 -0.59 7.52 -8.02
CA LEU B 653 0.26 7.15 -6.91
C LEU B 653 0.05 5.72 -6.50
N LEU B 654 -1.20 5.30 -6.40
CA LEU B 654 -1.48 3.89 -6.17
C LEU B 654 -1.18 3.05 -7.40
N ASN B 655 -1.17 3.66 -8.59
CA ASN B 655 -0.96 2.88 -9.81
C ASN B 655 0.48 2.49 -9.97
N LEU B 656 1.37 3.46 -9.98
CA LEU B 656 2.69 3.20 -10.52
C LEU B 656 3.78 3.39 -9.49
N VAL B 657 3.52 4.18 -8.46
CA VAL B 657 4.43 4.18 -7.35
C VAL B 657 4.23 2.90 -6.53
N VAL B 658 3.05 2.75 -5.95
CA VAL B 658 2.91 1.79 -4.86
C VAL B 658 2.74 0.39 -5.41
N ALA B 659 2.22 0.27 -6.62
CA ALA B 659 2.03 -1.07 -7.15
C ALA B 659 3.32 -1.63 -7.75
N PHE B 660 4.22 -0.74 -8.19
CA PHE B 660 5.50 -1.25 -8.67
C PHE B 660 6.39 -1.78 -7.58
N VAL B 661 6.52 -1.06 -6.48
CA VAL B 661 7.40 -1.45 -5.39
C VAL B 661 7.03 -2.83 -4.86
N LEU B 662 5.73 -3.13 -4.82
CA LEU B 662 5.32 -4.46 -4.41
C LEU B 662 5.62 -5.47 -5.51
N GLU B 663 5.56 -5.05 -6.77
CA GLU B 663 6.02 -5.95 -7.83
C GLU B 663 7.53 -6.00 -7.88
N ALA B 664 8.19 -4.88 -7.61
CA ALA B 664 9.64 -4.84 -7.78
C ALA B 664 10.33 -5.60 -6.66
N PHE B 665 9.77 -5.56 -5.46
CA PHE B 665 10.39 -6.29 -4.36
C PHE B 665 10.28 -7.78 -4.57
N PHE B 666 9.14 -8.24 -5.08
CA PHE B 666 8.94 -9.67 -5.22
C PHE B 666 9.74 -10.21 -6.38
N THR B 667 10.14 -9.33 -7.29
CA THR B 667 11.18 -9.68 -8.24
C THR B 667 12.51 -9.87 -7.54
N GLU B 668 12.91 -8.92 -6.69
CA GLU B 668 14.24 -9.01 -6.11
C GLU B 668 14.29 -10.01 -4.98
N LEU B 669 13.14 -10.30 -4.36
CA LEU B 669 13.13 -11.23 -3.24
C LEU B 669 13.32 -12.66 -3.72
N ASP B 670 12.52 -13.09 -4.69
CA ASP B 670 12.51 -14.52 -5.01
C ASP B 670 13.73 -14.92 -5.82
N LEU B 671 14.38 -13.97 -6.48
CA LEU B 671 15.66 -14.25 -7.12
C LEU B 671 16.70 -14.64 -6.09
N GLU B 672 16.76 -13.91 -4.97
CA GLU B 672 17.63 -14.30 -3.86
C GLU B 672 17.19 -15.61 -3.24
N GLU B 673 15.88 -15.86 -3.24
CA GLU B 673 15.38 -17.11 -2.67
C GLU B 673 15.67 -18.28 -3.60
N GLU B 674 15.84 -18.00 -4.89
CA GLU B 674 16.07 -19.10 -5.83
C GLU B 674 17.53 -19.21 -6.23
N GLU B 675 18.33 -18.16 -6.04
CA GLU B 675 19.73 -18.22 -6.44
C GLU B 675 20.51 -19.19 -5.57
N LYS B 676 20.12 -19.31 -4.30
CA LYS B 676 20.72 -20.35 -3.47
C LYS B 676 20.16 -21.72 -3.83
N CYS B 677 18.86 -21.80 -4.11
CA CYS B 677 18.23 -23.09 -4.37
C CYS B 677 18.58 -23.61 -5.76
N GLN B 678 18.59 -22.74 -6.77
CA GLN B 678 18.98 -23.18 -8.11
C GLN B 678 20.49 -23.16 -8.28
N GLY B 679 21.19 -22.48 -7.37
CA GLY B 679 22.64 -22.63 -7.32
C GLY B 679 23.06 -23.98 -6.78
N GLN B 680 22.16 -24.64 -6.05
CA GLN B 680 22.35 -26.05 -5.73
C GLN B 680 22.15 -26.92 -6.96
N ASP B 681 21.41 -26.41 -7.95
CA ASP B 681 21.20 -27.16 -9.19
C ASP B 681 22.25 -26.79 -10.23
N SER B 682 22.36 -25.49 -10.57
CA SER B 682 23.21 -25.08 -11.68
C SER B 682 24.68 -25.13 -11.32
N GLN B 683 25.00 -24.86 -10.05
CA GLN B 683 26.36 -24.88 -9.48
C GLN B 683 27.34 -23.98 -10.21
CA CA C . -12.27 -49.18 -6.53
CA CA D . -8.70 -52.05 9.54
C1 PLM E . 23.18 18.90 19.65
O1 PLM E . 22.47 18.52 20.62
O2 PLM E . 23.68 20.06 19.64
C2 PLM E . 23.44 17.96 18.47
C3 PLM E . 23.23 16.49 18.80
C4 PLM E . 21.78 16.05 18.62
C5 PLM E . 21.65 14.58 18.27
C6 PLM E . 20.66 13.84 19.16
C7 PLM E . 19.83 12.83 18.39
C8 PLM E . 19.84 11.44 19.00
C9 PLM E . 20.53 10.42 18.11
CA PLM E . 19.78 9.11 18.11
CB PLM E . 18.27 9.36 18.18
CC PLM E . 17.51 8.30 18.98
CD PLM E . 18.12 6.90 18.85
CE PLM E . 17.05 5.83 18.68
CF PLM E . 17.45 4.51 19.32
CG PLM E . 16.36 3.93 20.23
C1 PLM F . 18.45 19.92 22.76
O1 PLM F . 18.51 19.28 23.84
O2 PLM F . 18.06 21.11 22.75
C2 PLM F . 18.85 19.24 21.46
C3 PLM F . 18.18 17.87 21.30
C4 PLM F . 17.58 17.68 19.92
C5 PLM F . 16.06 17.60 19.91
C6 PLM F . 15.59 16.16 19.71
C7 PLM F . 16.33 15.43 18.61
C8 PLM F . 15.39 14.92 17.52
C9 PLM F . 15.48 13.40 17.32
CA PLM F . 14.19 12.67 17.70
CB PLM F . 13.62 11.87 16.54
CC PLM F . 12.96 10.57 17.00
CD PLM F . 13.39 9.40 16.13
CE PLM F . 14.38 9.82 15.07
CF PLM F . 14.87 8.62 14.26
CG PLM F . 14.13 7.35 14.63
C1 PLM G . 6.96 8.65 34.96
O1 PLM G . 6.33 7.68 35.47
O2 PLM G . 6.77 9.81 35.40
C2 PLM G . 7.93 8.42 33.80
C3 PLM G . 8.03 6.96 33.37
C4 PLM G . 6.76 6.46 32.69
C5 PLM G . 6.90 5.05 32.15
C6 PLM G . 5.88 4.09 32.74
C7 PLM G . 5.97 2.74 32.08
C8 PLM G . 7.03 2.73 30.98
C9 PLM G . 7.14 1.35 30.35
CA PLM G . 6.19 0.38 31.04
CB PLM G . 5.36 -0.41 30.05
CC PLM G . 6.16 -0.86 28.83
CD PLM G . 5.41 -1.90 28.02
CE PLM G . 4.24 -2.45 28.82
CF PLM G . 3.98 -3.92 28.52
CG PLM G . 2.49 -4.21 28.37
C1 PLM H . 8.67 11.53 31.01
O1 PLM H . 8.65 10.83 32.06
O2 PLM H . 8.38 12.75 31.07
C2 PLM H . 9.05 10.89 29.69
C3 PLM H . 8.03 9.87 29.19
C4 PLM H . 8.43 9.26 27.84
C5 PLM H . 8.27 7.74 27.82
C6 PLM H . 6.82 7.30 27.73
C7 PLM H . 6.75 5.93 27.09
C8 PLM H . 7.90 5.76 26.10
C9 PLM H . 7.94 4.40 25.43
CA PLM H . 6.86 3.45 25.93
CB PLM H . 6.01 2.91 24.78
CC PLM H . 6.40 1.51 24.33
CD PLM H . 5.44 0.42 24.84
CE PLM H . 4.47 -0.08 23.77
CF PLM H . 4.22 -1.59 23.80
CG PLM H . 2.78 -1.99 23.51
C1 PLM I . 16.56 17.15 27.34
O1 PLM I . 16.79 18.13 26.60
O2 PLM I . 16.00 17.32 28.46
C2 PLM I . 16.95 15.74 26.91
C3 PLM I . 18.11 15.75 25.91
C4 PLM I . 18.08 14.56 24.97
C5 PLM I . 18.00 15.00 23.51
C6 PLM I . 17.25 14.01 22.62
C7 PLM I . 15.76 14.27 22.54
C8 PLM I . 14.96 13.00 22.75
C9 PLM I . 15.47 11.90 21.84
CA PLM I . 14.76 10.57 22.05
CB PLM I . 14.52 9.82 20.75
CC PLM I . 13.49 8.71 20.95
CD PLM I . 13.75 7.47 20.11
CE PLM I . 12.47 6.69 19.84
CF PLM I . 12.63 5.19 20.07
CG PLM I . 12.48 4.40 18.77
C1 PLM J . -32.22 22.18 -1.19
O1 PLM J . -32.40 22.87 -2.23
O2 PLM J . -32.87 22.44 -0.15
C2 PLM J . -31.20 21.03 -1.21
C3 PLM J . -30.75 20.55 0.17
C4 PLM J . -30.85 19.03 0.32
C5 PLM J . -30.12 18.25 -0.78
C6 PLM J . -30.77 16.89 -1.04
C7 PLM J . -29.80 15.76 -1.37
C8 PLM J . -29.26 15.76 -2.80
C9 PLM J . -28.94 14.37 -3.34
CA PLM J . -28.96 13.27 -2.27
CB PLM J . -28.82 11.87 -2.85
CC PLM J . -27.95 10.94 -2.01
CD PLM J . -28.59 10.52 -0.70
CE PLM J . -28.28 9.07 -0.32
CF PLM J . -27.64 8.30 -1.48
CG PLM J . -26.81 7.09 -1.06
C1 PLM K . -19.62 9.98 27.69
O1 PLM K . -20.75 9.45 27.57
O2 PLM K . -19.50 11.14 28.15
C2 PLM K . -18.39 9.21 27.26
C3 PLM K . -17.92 9.58 25.85
C4 PLM K . -16.70 8.78 25.42
C5 PLM K . -16.38 9.04 23.96
C6 PLM K . -15.66 7.88 23.32
C7 PLM K . -16.54 7.08 22.39
C8 PLM K . -15.79 6.11 21.49
C9 PLM K . -16.35 4.69 21.55
CA PLM K . -15.36 3.63 21.08
CB PLM K . -14.05 4.18 20.53
CC PLM K . -13.82 3.74 19.09
CD PLM K . -14.36 2.34 18.81
CE PLM K . -14.55 2.04 17.32
CF PLM K . -14.84 0.56 17.05
CG PLM K . -13.70 -0.38 17.44
C1 PLM L . 15.52 26.89 -10.35
O1 PLM L . 15.36 27.16 -11.56
O2 PLM L . 16.65 27.08 -9.85
C2 PLM L . 14.37 26.36 -9.51
C3 PLM L . 13.33 25.63 -10.33
C4 PLM L . 13.86 24.24 -10.73
C5 PLM L . 13.18 23.57 -11.92
C6 PLM L . 13.88 22.30 -12.38
C7 PLM L . 12.94 21.13 -12.72
C8 PLM L . 13.68 19.85 -13.12
C9 PLM L . 12.87 18.94 -14.04
CA PLM L . 13.22 17.48 -13.84
CB PLM L . 12.42 16.86 -12.70
CC PLM L . 12.74 15.39 -12.44
CD PLM L . 11.71 14.43 -13.03
CE PLM L . 11.13 13.45 -12.01
CF PLM L . 9.91 14.02 -11.31
CG PLM L . 9.15 12.94 -10.54
CA CA M . -3.26 27.74 12.17
C1 PLM N . 27.35 19.61 19.99
O1 PLM N . 27.08 19.48 21.21
O2 PLM N . 28.27 20.40 19.65
C2 PLM N . 26.58 18.81 18.93
C3 PLM N . 26.17 19.61 17.69
C4 PLM N . 26.37 18.83 16.38
C5 PLM N . 25.92 17.37 16.44
C6 PLM N . 26.89 16.43 15.71
C7 PLM N . 26.22 15.25 15.00
C8 PLM N . 25.75 14.12 15.91
C9 PLM N . 25.76 12.75 15.23
CA PLM N . 25.93 12.81 13.71
CB PLM N . 26.11 11.44 13.06
CC PLM N . 25.36 11.28 11.75
CD PLM N . 26.00 12.04 10.59
CE PLM N . 25.89 11.29 9.27
CF PLM N . 25.51 9.82 9.45
CG PLM N . 25.00 9.13 8.19
C1 PLM O . 14.51 30.24 -9.71
O1 PLM O . 15.72 29.96 -9.98
O2 PLM O . 14.25 31.30 -9.07
C2 PLM O . 13.38 29.32 -10.19
C3 PLM O . 12.80 28.33 -9.17
C4 PLM O . 13.06 26.86 -9.53
C5 PLM O . 11.83 25.95 -9.51
C6 PLM O . 11.65 25.17 -8.21
C7 PLM O . 11.77 23.65 -8.35
C8 PLM O . 11.02 23.08 -9.53
C9 PLM O . 10.68 21.62 -9.34
CA PLM O . 9.18 21.38 -9.21
CB PLM O . 8.77 20.07 -9.86
CC PLM O . 9.43 18.85 -9.21
CD PLM O . 8.47 18.02 -8.39
CE PLM O . 7.35 17.39 -9.22
CF PLM O . 7.72 16.01 -9.74
CG PLM O . 6.83 14.93 -9.16
C1 PLM P . -19.38 6.65 25.56
O1 PLM P . -19.69 6.37 26.74
O2 PLM P . -20.06 7.49 24.91
C2 PLM P . -18.19 5.97 24.87
C3 PLM P . -17.95 4.50 25.20
C4 PLM P . -16.60 3.99 24.71
C5 PLM P . -15.45 5.01 24.74
C6 PLM P . -14.21 4.61 23.93
C7 PLM P . -13.31 5.78 23.52
C8 PLM P . -12.71 5.76 22.10
C9 PLM P . -12.91 4.43 21.40
CA PLM P . -12.76 4.57 19.90
CB PLM P . -11.29 4.68 19.47
CC PLM P . -10.60 3.34 19.28
CD PLM P . -9.78 3.25 18.01
CE PLM P . -9.77 1.83 17.50
CF PLM P . -8.75 1.62 16.38
CG PLM P . -9.27 0.70 15.29
CA CA Q . 22.18 -34.65 -30.34
CA CA R . 17.86 -25.62 -43.65
C1 PLM S . -28.01 22.20 -1.68
O1 PLM S . -27.40 22.77 -2.63
O2 PLM S . -28.64 22.89 -0.84
C2 PLM S . -27.97 20.68 -1.53
C3 PLM S . -27.52 19.96 -2.79
C4 PLM S . -26.00 19.85 -2.90
C5 PLM S . -25.54 18.64 -3.71
C6 PLM S . -24.51 18.98 -4.77
C7 PLM S . -23.44 17.91 -4.92
C8 PLM S . -23.24 17.45 -6.35
C9 PLM S . -23.61 15.99 -6.54
CA PLM S . -22.60 15.30 -7.44
CB PLM S . -21.20 15.82 -7.18
CC PLM S . -20.30 15.83 -8.41
CD PLM S . -20.66 14.75 -9.43
CE PLM S . -19.43 14.03 -9.95
CF PLM S . -19.58 13.59 -11.41
CG PLM S . -18.47 14.13 -12.32
C1 PLM T . -24.02 26.10 -2.42
O1 PLM T . -23.49 26.45 -3.50
O2 PLM T . -24.68 26.91 -1.74
C2 PLM T . -23.86 24.66 -1.93
C3 PLM T . -23.04 23.81 -2.91
C4 PLM T . -22.31 22.68 -2.20
C5 PLM T . -20.81 22.90 -2.11
C6 PLM T . -20.05 21.93 -3.00
C7 PLM T . -20.55 20.49 -2.86
C8 PLM T . -19.45 19.54 -2.42
C9 PLM T . -19.21 18.41 -3.41
CA PLM T . -17.83 18.46 -4.06
CB PLM T . -17.00 17.21 -3.80
CC PLM T . -16.16 16.81 -5.00
CD PLM T . -16.29 15.33 -5.29
CE PLM T . -17.25 14.64 -4.35
CF PLM T . -17.42 13.17 -4.70
CG PLM T . -16.58 12.77 -5.91
C1 PLM U . -11.46 29.77 -18.11
O1 PLM U . -10.71 29.64 -19.10
O2 PLM U . -11.56 30.89 -17.55
C2 PLM U . -12.27 28.59 -17.58
C3 PLM U . -12.04 27.29 -18.35
C4 PLM U . -10.65 26.72 -18.15
C5 PLM U . -10.47 25.37 -18.83
C6 PLM U . -9.33 25.38 -19.83
C7 PLM U . -9.11 23.97 -20.38
C8 PLM U . -10.05 22.97 -19.72
C9 PLM U . -9.83 21.58 -20.31
CA PLM U . -8.78 21.63 -21.39
CB PLM U . -7.72 20.55 -21.24
CC PLM U . -8.32 19.22 -20.79
CD PLM U . -7.30 18.09 -20.93
CE PLM U . -6.12 18.54 -21.79
CF PLM U . -5.55 17.41 -22.63
CG PLM U . -4.03 17.40 -22.59
C1 PLM V . -13.36 28.44 -13.48
O1 PLM V . -13.30 28.74 -14.70
O2 PLM V . -13.32 29.35 -12.62
C2 PLM V . -13.50 26.99 -13.07
C3 PLM V . -12.26 26.15 -13.39
C4 PLM V . -12.41 24.69 -12.97
C5 PLM V . -11.95 23.71 -14.03
C6 PLM V . -10.44 23.63 -14.16
C7 PLM V . -10.06 22.28 -14.72
C8 PLM V . -11.06 21.23 -14.28
C9 PLM V . -10.78 19.84 -14.81
CA PLM V . -9.58 19.77 -15.75
CB PLM V . -8.55 18.76 -15.30
CC PLM V . -8.61 17.44 -16.05
CD PLM V . -7.50 17.28 -17.10
CE PLM V . -6.35 16.39 -16.65
CF PLM V . -5.83 15.44 -17.74
CG PLM V . -4.30 15.25 -17.72
C1 PLM W . -21.87 27.93 -7.57
O1 PLM W . -22.23 27.97 -6.37
O2 PLM W . -21.45 28.96 -8.14
C2 PLM W . -21.93 26.61 -8.34
C3 PLM W . -22.97 25.66 -7.77
C4 PLM W . -22.61 24.19 -7.97
C5 PLM W . -22.47 23.45 -6.64
C6 PLM W . -21.48 22.29 -6.71
C7 PLM W . -20.06 22.70 -6.35
C8 PLM W . -19.06 22.15 -7.37
C9 PLM W . -19.29 20.67 -7.59
CA PLM W . -18.36 20.08 -8.64
CB PLM W . -17.85 18.68 -8.27
CC PLM W . -16.64 18.31 -9.11
CD PLM W . -16.58 16.84 -9.49
CE PLM W . -15.15 16.38 -9.74
CF PLM W . -15.00 15.53 -10.99
CG PLM W . -14.65 14.09 -10.67
#